data_5TVM
#
_entry.id   5TVM
#
_cell.length_a   81.297
_cell.length_b   96.708
_cell.length_c   99.584
_cell.angle_alpha   90.00
_cell.angle_beta   102.64
_cell.angle_gamma   90.00
#
_symmetry.space_group_name_H-M   'P 1 21 1'
#
loop_
_entity.id
_entity.type
_entity.pdbx_description
1 polymer 'S-adenosylmethionine decarboxylase beta chain'
2 polymer 'S-adenosylmethionine decarboxylase alpha chain'
3 polymer 'S-adenosylmethionine decarboxylase proenzyme-like, putative'
4 non-polymer 2-[3-(2-HYDROXY-1,1-DIHYDROXYMETHYL-ETHYLAMINO)-PROPYLAMINO]-2-HYDROXYMETHYL-PROPANE-1,3-DIOL
5 non-polymer 1,4-DIAMINOBUTANE
6 water water
#
loop_
_entity_poly.entity_id
_entity_poly.type
_entity_poly.pdbx_seq_one_letter_code
_entity_poly.pdbx_strand_id
1 'polypeptide(L)'
;MSSCKDSLSLMAMWGSIARFDPKHERSFEGPEKRLEVIMRVVDGTHVSGLLAHDDDVWQKVIDAICAHIVSREFNEYIRS
YVLSE
;
A,C
2 'polypeptide(L)'
;(PYR)SLFVMKDRVILITCGTITLLNCVPLICEAVSTVCGEVEWVSFMHKNYSFPWEQKGPHLSMAEEFKTLRSHFPSGQ
PFIFGPIDSDHYFLYFHSDVVQPSCSDDAQLSMTMYGLDRNQTKHWYSDKMLPTGPETAVIREATGLSEVVDDSWILHDL
QYEPCGYSINAIRGSEYQTIHITPEEHCSFASYETNTCALNYSKCICGVLRVFDPERFSVIVFIDPDSAVGKSYHSGGTI
GVEPEYYPNYEAHHRTVNEYTPGHWVLKVNYVKRAVGTVGTSAASGAKE
;
B,D
3 'polypeptide(L)'
;MSVTRINQQTECPSSVHDLVSCWGGCTQSKTSTDSGLEKRFELNFAQPVDIGTVTVKQLASVMERAGESLRQNSAELGIH
TLKFDRSLLVFTAKQIVVRSSVSVMLHEAVHPMLELMRSHNIIVDWASFMRVNYGSPWDMTSETSDIMAHEYAELKSAFP
TGHPYLAGPVDRDHCFYFVYDGIDRDPSSCRRENDVQINVYMYNVQADDEYDLDGNTKEQQLLVSHCAGEYETLRVSTYG
STHPFASFETNAVSAASDITKIVNGLLKKFYPERVLLVLLQDRDAQGTTACGVMDRLEGFTVVHRGANHFGGGYVFHQAT
YARSA
;
E,F
#
# COMPACT_ATOMS: atom_id res chain seq x y z
N LYS A 5 11.60 0.23 -5.75
CA LYS A 5 12.42 -0.69 -4.97
C LYS A 5 13.50 -1.33 -5.83
N ASP A 6 14.37 -2.10 -5.21
CA ASP A 6 15.50 -2.71 -5.92
C ASP A 6 15.07 -4.03 -6.56
N SER A 7 15.85 -4.44 -7.57
CA SER A 7 15.48 -5.64 -8.33
C SER A 7 15.51 -6.89 -7.45
N LEU A 8 16.48 -7.00 -6.56
CA LEU A 8 16.59 -8.20 -5.73
C LEU A 8 15.40 -8.32 -4.79
N SER A 9 15.03 -7.23 -4.12
CA SER A 9 13.85 -7.27 -3.25
C SER A 9 12.58 -7.46 -4.07
N LEU A 10 12.58 -7.01 -5.33
CA LEU A 10 11.44 -7.26 -6.21
C LEU A 10 11.29 -8.75 -6.48
N MET A 11 12.40 -9.45 -6.74
CA MET A 11 12.36 -10.90 -6.91
C MET A 11 11.88 -11.58 -5.64
N ALA A 12 12.39 -11.14 -4.48
CA ALA A 12 11.97 -11.74 -3.22
C ALA A 12 10.48 -11.60 -3.01
N MET A 13 9.91 -10.44 -3.38
CA MET A 13 8.49 -10.23 -3.19
C MET A 13 7.66 -11.15 -4.07
N TRP A 14 8.06 -11.31 -5.33
CA TRP A 14 7.32 -12.19 -6.23
C TRP A 14 7.29 -13.63 -5.72
N GLY A 15 8.36 -14.06 -5.05
CA GLY A 15 8.37 -15.38 -4.45
C GLY A 15 7.44 -15.49 -3.26
N SER A 16 7.26 -14.40 -2.52
CA SER A 16 6.36 -14.40 -1.39
C SER A 16 4.90 -14.28 -1.83
N ILE A 17 4.65 -13.59 -2.94
CA ILE A 17 3.29 -13.46 -3.45
C ILE A 17 2.78 -14.80 -3.94
N ALA A 18 3.60 -15.51 -4.72
CA ALA A 18 3.19 -16.79 -5.27
C ALA A 18 2.80 -17.80 -4.19
N ARG A 19 3.32 -17.64 -2.97
CA ARG A 19 3.00 -18.51 -1.85
C ARG A 19 2.04 -17.87 -0.87
N PHE A 20 1.31 -16.84 -1.30
CA PHE A 20 0.47 -16.03 -0.41
C PHE A 20 -0.99 -16.27 -0.76
N ASP A 21 -1.81 -16.48 0.28
CA ASP A 21 -3.25 -16.66 0.11
C ASP A 21 -3.98 -15.94 1.24
N PRO A 22 -4.70 -14.85 0.97
CA PRO A 22 -5.47 -14.20 2.03
C PRO A 22 -6.53 -15.12 2.62
N LYS A 23 -6.27 -15.64 3.82
CA LYS A 23 -7.22 -16.52 4.49
C LYS A 23 -6.80 -16.78 5.93
N SER A 27 -2.32 -12.84 8.64
CA SER A 27 -0.98 -13.30 8.27
C SER A 27 0.08 -12.63 9.15
N PHE A 28 0.86 -13.45 9.84
CA PHE A 28 1.89 -13.00 10.76
C PHE A 28 3.27 -13.43 10.25
N GLU A 29 4.26 -12.59 10.51
CA GLU A 29 5.62 -12.80 10.01
C GLU A 29 6.37 -13.73 10.95
N GLY A 30 6.56 -14.97 10.53
CA GLY A 30 7.28 -15.94 11.31
C GLY A 30 8.78 -15.78 11.23
N PRO A 31 9.31 -15.75 10.01
CA PRO A 31 10.75 -15.53 9.84
C PRO A 31 11.25 -14.35 10.68
N GLU A 32 12.41 -14.54 11.29
CA GLU A 32 12.91 -13.64 12.31
C GLU A 32 14.11 -12.84 11.80
N LYS A 33 14.38 -11.74 12.51
CA LYS A 33 15.58 -10.96 12.34
C LYS A 33 16.55 -11.28 13.47
N ARG A 34 17.84 -11.38 13.14
CA ARG A 34 18.85 -11.76 14.10
C ARG A 34 19.97 -10.73 14.08
N LEU A 35 20.27 -10.16 15.24
CA LEU A 35 21.36 -9.21 15.41
C LEU A 35 22.33 -9.77 16.44
N GLU A 36 23.61 -9.81 16.08
CA GLU A 36 24.64 -10.32 16.97
C GLU A 36 25.81 -9.35 17.00
N VAL A 37 26.27 -9.02 18.21
CA VAL A 37 27.40 -8.11 18.41
C VAL A 37 28.36 -8.77 19.38
N ILE A 38 29.60 -8.96 18.94
CA ILE A 38 30.66 -9.51 19.78
C ILE A 38 31.69 -8.41 20.01
N MET A 39 32.17 -8.29 21.25
CA MET A 39 33.09 -7.23 21.63
C MET A 39 34.46 -7.80 21.96
N ARG A 40 35.47 -6.95 21.79
CA ARG A 40 36.83 -7.28 22.19
C ARG A 40 37.01 -7.00 23.69
N VAL A 41 38.07 -7.58 24.25
CA VAL A 41 38.39 -7.43 25.67
C VAL A 41 39.76 -6.76 25.76
N VAL A 42 39.78 -5.50 26.20
CA VAL A 42 41.02 -4.79 26.45
C VAL A 42 41.39 -5.00 27.91
N ASP A 43 42.62 -4.62 28.28
CA ASP A 43 43.06 -4.75 29.67
C ASP A 43 42.05 -4.18 30.64
N GLY A 44 41.53 -2.98 30.34
CA GLY A 44 40.60 -2.31 31.21
C GLY A 44 39.17 -2.77 31.14
N THR A 45 38.86 -3.79 30.35
CA THR A 45 37.49 -4.27 30.24
C THR A 45 37.05 -4.90 31.56
N HIS A 46 35.77 -4.70 31.89
CA HIS A 46 35.20 -5.32 33.08
C HIS A 46 35.38 -6.83 33.02
N VAL A 47 35.80 -7.41 34.15
CA VAL A 47 36.05 -8.85 34.18
C VAL A 47 34.80 -9.65 33.90
N SER A 48 33.63 -9.07 34.13
CA SER A 48 32.36 -9.73 33.84
C SER A 48 31.85 -9.44 32.43
N GLY A 49 32.51 -8.54 31.70
CA GLY A 49 32.06 -8.24 30.35
C GLY A 49 30.70 -7.58 30.34
N LEU A 50 29.87 -7.95 29.37
CA LEU A 50 28.53 -7.38 29.27
C LEU A 50 27.61 -7.87 30.37
N LEU A 51 27.95 -8.97 31.04
CA LEU A 51 27.15 -9.46 32.16
C LEU A 51 27.21 -8.54 33.37
N ALA A 52 28.13 -7.59 33.39
CA ALA A 52 28.19 -6.63 34.50
C ALA A 52 26.95 -5.75 34.53
N HIS A 53 26.30 -5.54 33.38
CA HIS A 53 25.10 -4.72 33.33
C HIS A 53 23.95 -5.41 34.06
N ASP A 54 23.13 -4.62 34.73
CA ASP A 54 21.91 -5.13 35.33
C ASP A 54 20.79 -5.15 34.29
N ASP A 55 19.66 -5.76 34.68
CA ASP A 55 18.54 -5.87 33.75
C ASP A 55 18.00 -4.51 33.33
N ASP A 56 18.28 -3.46 34.10
CA ASP A 56 17.87 -2.12 33.69
C ASP A 56 18.49 -1.74 32.34
N VAL A 57 19.74 -2.15 32.12
CA VAL A 57 20.43 -1.78 30.88
C VAL A 57 19.75 -2.43 29.69
N TRP A 58 19.45 -3.72 29.79
CA TRP A 58 18.87 -4.45 28.66
C TRP A 58 17.40 -4.12 28.46
N GLN A 59 16.69 -3.69 29.51
CA GLN A 59 15.30 -3.27 29.33
C GLN A 59 15.21 -2.03 28.46
N LYS A 60 16.13 -1.07 28.65
CA LYS A 60 16.14 0.12 27.81
C LYS A 60 16.42 -0.22 26.36
N VAL A 61 17.23 -1.26 26.12
CA VAL A 61 17.48 -1.70 24.75
C VAL A 61 16.20 -2.19 24.10
N ILE A 62 15.43 -3.01 24.83
CA ILE A 62 14.20 -3.56 24.28
C ILE A 62 13.17 -2.45 24.03
N ASP A 63 13.18 -1.40 24.84
CA ASP A 63 12.25 -0.29 24.62
C ASP A 63 12.53 0.42 23.30
N ALA A 64 13.79 0.44 22.87
CA ALA A 64 14.13 1.08 21.61
C ALA A 64 13.42 0.44 20.42
N ILE A 65 13.00 -0.81 20.54
CA ILE A 65 12.31 -1.53 19.47
C ILE A 65 10.84 -1.72 19.78
N CYS A 66 10.32 -1.05 20.81
CA CYS A 66 8.92 -1.16 21.20
C CYS A 66 8.54 -2.61 21.49
N ALA A 67 9.26 -3.19 22.45
CA ALA A 67 8.97 -4.53 22.96
C ALA A 67 9.17 -4.50 24.46
N HIS A 68 9.07 -5.67 25.10
CA HIS A 68 9.25 -5.73 26.54
C HIS A 68 9.61 -7.15 26.96
N ILE A 69 10.30 -7.26 28.09
CA ILE A 69 10.63 -8.55 28.66
C ILE A 69 9.37 -9.15 29.28
N VAL A 70 9.29 -10.49 29.25
CA VAL A 70 8.20 -11.21 29.89
C VAL A 70 8.70 -12.10 31.02
N SER A 71 9.88 -12.69 30.86
CA SER A 71 10.46 -13.53 31.89
C SER A 71 11.97 -13.53 31.72
N ARG A 72 12.69 -13.75 32.83
CA ARG A 72 14.14 -13.70 32.86
C ARG A 72 14.70 -14.95 33.51
N GLU A 73 15.76 -15.48 32.92
CA GLU A 73 16.54 -16.55 33.52
C GLU A 73 18.01 -16.23 33.32
N PHE A 74 18.80 -16.33 34.38
CA PHE A 74 20.22 -16.00 34.34
C PHE A 74 21.05 -17.27 34.52
N ASN A 75 22.36 -17.08 34.57
CA ASN A 75 23.30 -18.19 34.60
C ASN A 75 24.68 -17.60 34.87
N GLU A 76 25.61 -18.48 35.24
CA GLU A 76 27.00 -18.05 35.37
C GLU A 76 27.63 -17.68 34.04
N TYR A 77 26.94 -17.93 32.92
CA TYR A 77 27.49 -17.68 31.60
C TYR A 77 26.58 -16.82 30.74
N ILE A 78 25.26 -16.96 30.92
CA ILE A 78 24.28 -16.36 30.01
C ILE A 78 23.17 -15.68 30.81
N ARG A 79 22.66 -14.59 30.25
CA ARG A 79 21.37 -14.03 30.64
C ARG A 79 20.39 -14.24 29.49
N SER A 80 19.23 -14.82 29.79
CA SER A 80 18.23 -15.14 28.80
C SER A 80 16.96 -14.35 29.08
N TYR A 81 16.44 -13.69 28.04
CA TYR A 81 15.21 -12.92 28.15
C TYR A 81 14.26 -13.34 27.04
N VAL A 82 13.00 -13.57 27.40
CA VAL A 82 11.94 -13.79 26.42
C VAL A 82 11.23 -12.47 26.20
N LEU A 83 10.89 -12.19 24.95
CA LEU A 83 10.34 -10.90 24.55
C LEU A 83 9.02 -11.10 23.82
N SER A 84 8.22 -10.03 23.79
CA SER A 84 6.96 -10.04 23.06
C SER A 84 6.69 -8.63 22.57
N GLU A 85 6.01 -8.55 21.43
CA GLU A 85 5.67 -7.26 20.83
C GLU A 85 4.87 -6.40 21.80
N SER B 2 13.73 -13.12 21.37
CA SER B 2 14.72 -13.60 22.32
C SER B 2 15.89 -12.64 22.44
N LEU B 3 16.45 -12.56 23.65
CA LEU B 3 17.67 -11.81 23.90
C LEU B 3 18.59 -12.67 24.74
N PHE B 4 19.83 -12.85 24.28
CA PHE B 4 20.84 -13.60 25.00
C PHE B 4 22.04 -12.71 25.23
N VAL B 5 22.33 -12.41 26.50
CA VAL B 5 23.49 -11.61 26.88
C VAL B 5 24.52 -12.55 27.46
N MET B 6 25.72 -12.54 26.88
CA MET B 6 26.84 -13.32 27.35
C MET B 6 27.97 -12.38 27.76
N LYS B 7 29.04 -12.96 28.32
CA LYS B 7 30.16 -12.15 28.76
C LYS B 7 30.71 -11.29 27.63
N ASP B 8 30.61 -11.76 26.38
CA ASP B 8 31.31 -11.13 25.27
C ASP B 8 30.42 -10.74 24.09
N ARG B 9 29.11 -10.98 24.15
CA ARG B 9 28.29 -10.75 22.98
C ARG B 9 26.85 -10.51 23.40
N VAL B 10 26.06 -10.06 22.41
CA VAL B 10 24.61 -9.95 22.52
C VAL B 10 24.02 -10.63 21.31
N ILE B 11 22.89 -11.32 21.51
CA ILE B 11 22.17 -11.98 20.43
C ILE B 11 20.71 -11.60 20.59
N LEU B 12 20.19 -10.83 19.64
CA LEU B 12 18.81 -10.33 19.69
C LEU B 12 18.06 -10.91 18.51
N ILE B 13 17.01 -11.68 18.80
CA ILE B 13 16.16 -12.29 17.79
C ILE B 13 14.76 -11.71 17.94
N THR B 14 14.20 -11.24 16.83
CA THR B 14 12.88 -10.64 16.83
C THR B 14 12.10 -11.12 15.61
N CYS B 15 10.78 -11.12 15.74
CA CYS B 15 9.88 -11.52 14.66
C CYS B 15 8.90 -10.38 14.39
N GLY B 16 7.89 -10.67 13.58
CA GLY B 16 6.89 -9.66 13.26
C GLY B 16 7.50 -8.50 12.51
N THR B 17 7.03 -7.29 12.84
CA THR B 17 7.50 -6.06 12.21
C THR B 17 8.41 -5.25 13.13
N ILE B 18 9.00 -5.90 14.14
CA ILE B 18 9.92 -5.20 15.04
C ILE B 18 11.07 -4.64 14.23
N THR B 19 11.25 -3.32 14.29
CA THR B 19 12.39 -2.65 13.64
C THR B 19 13.63 -2.92 14.49
N LEU B 20 14.28 -4.04 14.20
CA LEU B 20 15.35 -4.53 15.06
C LEU B 20 16.54 -3.58 15.11
N LEU B 21 16.83 -2.88 14.02
CA LEU B 21 18.07 -2.11 13.91
C LEU B 21 18.09 -0.86 14.79
N ASN B 22 16.96 -0.46 15.37
CA ASN B 22 16.93 0.75 16.17
C ASN B 22 17.70 0.63 17.48
N CYS B 23 18.07 -0.58 17.90
CA CYS B 23 18.74 -0.79 19.17
C CYS B 23 20.26 -0.81 19.03
N VAL B 24 20.79 -0.60 17.83
CA VAL B 24 22.24 -0.67 17.65
C VAL B 24 22.98 0.39 18.47
N PRO B 25 22.58 1.66 18.44
CA PRO B 25 23.29 2.65 19.27
C PRO B 25 23.38 2.27 20.74
N LEU B 26 22.31 1.71 21.31
CA LEU B 26 22.34 1.32 22.72
C LEU B 26 23.22 0.11 22.97
N ILE B 27 23.35 -0.79 21.98
CA ILE B 27 24.24 -1.93 22.15
C ILE B 27 25.69 -1.47 22.09
N CYS B 28 26.02 -0.57 21.17
CA CYS B 28 27.37 0.01 21.14
C CYS B 28 27.69 0.71 22.46
N GLU B 29 26.69 1.37 23.05
CA GLU B 29 26.89 2.04 24.33
C GLU B 29 27.10 1.03 25.45
N ALA B 30 26.36 -0.09 25.42
CA ALA B 30 26.52 -1.12 26.43
C ALA B 30 27.93 -1.71 26.42
N VAL B 31 28.57 -1.73 25.25
CA VAL B 31 29.93 -2.24 25.14
C VAL B 31 30.94 -1.20 25.61
N SER B 32 30.64 0.09 25.43
CA SER B 32 31.58 1.13 25.82
C SER B 32 31.65 1.27 27.34
N THR B 33 30.51 1.17 28.02
CA THR B 33 30.49 1.32 29.48
C THR B 33 31.45 0.34 30.14
N VAL B 34 31.38 -0.93 29.76
CA VAL B 34 32.22 -1.96 30.36
C VAL B 34 33.62 -1.92 29.76
N CYS B 35 33.89 -0.91 28.92
CA CYS B 35 35.21 -0.72 28.33
C CYS B 35 35.55 -1.86 27.37
N GLY B 36 34.58 -2.27 26.56
CA GLY B 36 34.81 -3.21 25.48
C GLY B 36 34.96 -2.50 24.15
N GLU B 37 35.16 -3.30 23.10
CA GLU B 37 35.33 -2.78 21.75
C GLU B 37 34.63 -3.71 20.78
N VAL B 38 33.65 -3.17 20.05
CA VAL B 38 32.97 -3.96 19.03
C VAL B 38 33.99 -4.43 18.00
N GLU B 39 33.91 -5.72 17.66
CA GLU B 39 34.77 -6.27 16.62
C GLU B 39 34.05 -7.17 15.62
N TRP B 40 32.78 -7.49 15.85
CA TRP B 40 32.07 -8.43 14.99
C TRP B 40 30.58 -8.17 15.12
N VAL B 41 29.93 -7.83 14.00
CA VAL B 41 28.50 -7.58 13.97
C VAL B 41 27.92 -8.31 12.77
N SER B 42 26.84 -9.06 13.01
CA SER B 42 26.10 -9.72 11.93
C SER B 42 24.63 -9.39 12.06
N PHE B 43 23.99 -9.15 10.92
CA PHE B 43 22.54 -9.02 10.83
C PHE B 43 22.05 -10.01 9.80
N MET B 44 21.04 -10.80 10.17
CA MET B 44 20.60 -11.91 9.35
C MET B 44 19.10 -12.08 9.46
N HIS B 45 18.48 -12.52 8.38
CA HIS B 45 17.07 -12.89 8.41
C HIS B 45 16.74 -13.77 7.22
N LYS B 46 15.98 -14.83 7.47
CA LYS B 46 15.34 -15.57 6.41
C LYS B 46 14.42 -14.64 5.62
N ASN B 47 14.31 -14.88 4.32
CA ASN B 47 13.45 -14.05 3.49
C ASN B 47 12.07 -13.93 4.11
N TYR B 48 11.54 -12.71 4.12
CA TYR B 48 10.25 -12.45 4.75
C TYR B 48 9.13 -13.07 3.94
N SER B 49 8.16 -13.67 4.63
CA SER B 49 6.99 -14.21 3.96
C SER B 49 6.06 -13.12 3.45
N PHE B 50 6.15 -11.91 4.02
CA PHE B 50 5.30 -10.79 3.62
C PHE B 50 6.13 -9.51 3.67
N PRO B 51 7.10 -9.38 2.76
CA PRO B 51 8.01 -8.22 2.81
C PRO B 51 7.30 -6.89 2.64
N TRP B 52 6.15 -6.87 1.98
CA TRP B 52 5.43 -5.61 1.77
C TRP B 52 4.86 -5.03 3.06
N GLU B 53 4.82 -5.81 4.15
CA GLU B 53 4.32 -5.32 5.42
C GLU B 53 5.42 -4.90 6.39
N GLN B 54 6.67 -5.20 6.07
CA GLN B 54 7.77 -4.75 6.93
C GLN B 54 7.89 -3.24 6.88
N LYS B 55 8.42 -2.67 7.95
CA LYS B 55 8.50 -1.23 8.12
C LYS B 55 9.95 -0.80 8.34
N GLY B 56 10.14 0.52 8.36
CA GLY B 56 11.46 1.08 8.57
C GLY B 56 12.41 0.65 7.47
N PRO B 57 13.68 0.40 7.81
CA PRO B 57 14.63 -0.05 6.79
C PRO B 57 14.40 -1.48 6.32
N HIS B 58 13.50 -2.23 6.95
CA HIS B 58 13.30 -3.64 6.63
C HIS B 58 12.34 -3.86 5.47
N LEU B 59 11.77 -2.79 4.90
CA LEU B 59 10.90 -2.96 3.74
C LEU B 59 11.66 -3.34 2.48
N SER B 60 12.98 -3.21 2.47
CA SER B 60 13.79 -3.58 1.32
C SER B 60 15.19 -3.97 1.80
N MET B 61 15.77 -4.97 1.14
CA MET B 61 17.14 -5.35 1.45
C MET B 61 18.11 -4.20 1.19
N ALA B 62 17.80 -3.34 0.21
CA ALA B 62 18.63 -2.17 -0.05
C ALA B 62 18.62 -1.21 1.13
N GLU B 63 17.46 -1.08 1.80
CA GLU B 63 17.36 -0.17 2.93
C GLU B 63 18.01 -0.76 4.18
N GLU B 64 17.84 -2.06 4.41
CA GLU B 64 18.61 -2.73 5.46
C GLU B 64 20.10 -2.55 5.21
N PHE B 65 20.52 -2.66 3.95
CA PHE B 65 21.92 -2.43 3.60
C PHE B 65 22.32 -0.98 3.84
N LYS B 66 21.50 -0.04 3.38
CA LYS B 66 21.78 1.37 3.59
C LYS B 66 21.91 1.68 5.08
N THR B 67 20.98 1.17 5.89
CA THR B 67 20.99 1.45 7.32
C THR B 67 22.25 0.90 7.98
N LEU B 68 22.54 -0.38 7.74
CA LEU B 68 23.71 -0.98 8.37
C LEU B 68 25.00 -0.33 7.89
N ARG B 69 25.02 0.12 6.64
CA ARG B 69 26.22 0.79 6.13
C ARG B 69 26.46 2.13 6.83
N SER B 70 25.41 2.82 7.26
CA SER B 70 25.60 4.11 7.93
C SER B 70 26.34 3.94 9.24
N HIS B 71 26.19 2.79 9.91
CA HIS B 71 26.85 2.52 11.18
C HIS B 71 28.11 1.71 11.03
N PHE B 72 28.16 0.79 10.06
CA PHE B 72 29.33 -0.07 9.82
C PHE B 72 29.67 0.02 8.35
N PRO B 73 30.37 1.07 7.93
CA PRO B 73 30.59 1.28 6.48
C PRO B 73 31.39 0.19 5.81
N SER B 74 32.13 -0.63 6.54
CA SER B 74 32.95 -1.66 5.91
C SER B 74 32.21 -2.98 5.74
N GLY B 75 31.08 -3.17 6.42
CA GLY B 75 30.33 -4.40 6.33
C GLY B 75 30.00 -4.82 4.91
N GLN B 76 29.60 -6.07 4.72
CA GLN B 76 29.33 -6.62 3.40
C GLN B 76 28.02 -7.42 3.44
N PRO B 77 27.12 -7.23 2.47
CA PRO B 77 25.91 -8.05 2.40
C PRO B 77 26.08 -9.28 1.52
N PHE B 78 25.26 -10.29 1.82
CA PHE B 78 25.23 -11.53 1.06
C PHE B 78 23.78 -12.00 0.95
N ILE B 79 23.53 -12.86 -0.05
CA ILE B 79 22.25 -13.52 -0.19
C ILE B 79 22.51 -14.98 -0.56
N PHE B 80 22.06 -15.90 0.29
CA PHE B 80 22.30 -17.33 0.11
C PHE B 80 21.00 -18.00 -0.33
N GLY B 81 21.00 -18.55 -1.53
CA GLY B 81 19.88 -19.34 -2.01
C GLY B 81 19.04 -18.59 -3.04
N PRO B 82 17.99 -19.25 -3.53
CA PRO B 82 17.15 -18.63 -4.56
C PRO B 82 16.47 -17.38 -4.04
N ILE B 83 16.63 -16.28 -4.78
CA ILE B 83 16.18 -14.97 -4.31
C ILE B 83 14.66 -14.91 -4.31
N ASP B 84 14.01 -15.54 -5.28
CA ASP B 84 12.54 -15.61 -5.31
C ASP B 84 12.00 -16.85 -4.61
N SER B 85 12.77 -17.45 -3.72
CA SER B 85 12.31 -18.55 -2.88
C SER B 85 13.06 -18.48 -1.56
N ASP B 86 13.16 -19.61 -0.87
CA ASP B 86 13.79 -19.64 0.44
C ASP B 86 15.25 -19.22 0.35
N HIS B 87 15.60 -18.11 1.01
CA HIS B 87 16.97 -17.64 1.04
C HIS B 87 17.21 -16.88 2.33
N TYR B 88 18.49 -16.59 2.61
CA TYR B 88 18.90 -15.82 3.75
C TYR B 88 19.62 -14.55 3.29
N PHE B 89 19.31 -13.44 3.94
CA PHE B 89 20.04 -12.19 3.77
C PHE B 89 20.99 -12.03 4.94
N LEU B 90 22.25 -11.72 4.65
CA LEU B 90 23.28 -11.57 5.67
C LEU B 90 24.06 -10.29 5.42
N TYR B 91 24.31 -9.54 6.50
CA TYR B 91 25.21 -8.40 6.49
C TYR B 91 26.25 -8.64 7.58
N PHE B 92 27.52 -8.66 7.19
CA PHE B 92 28.61 -9.03 8.09
C PHE B 92 29.62 -7.89 8.18
N HIS B 93 29.98 -7.51 9.40
CA HIS B 93 31.01 -6.52 9.65
C HIS B 93 31.96 -7.03 10.72
N SER B 94 33.26 -6.78 10.52
CA SER B 94 34.26 -7.19 11.49
C SER B 94 35.46 -6.25 11.42
N ASP B 95 36.00 -5.93 12.60
CA ASP B 95 37.24 -5.17 12.71
C ASP B 95 38.17 -5.95 13.64
N VAL B 96 38.62 -7.11 13.15
CA VAL B 96 39.44 -8.03 13.94
C VAL B 96 40.90 -7.58 13.76
N VAL B 97 41.39 -6.81 14.72
CA VAL B 97 42.78 -6.38 14.70
C VAL B 97 43.70 -7.41 15.35
N GLN B 98 43.18 -8.20 16.29
CA GLN B 98 43.96 -9.22 16.97
C GLN B 98 43.52 -10.60 16.50
N PRO B 99 44.29 -11.28 15.63
CA PRO B 99 43.93 -12.65 15.23
C PRO B 99 43.66 -13.53 16.45
N SER B 100 42.43 -14.01 16.56
CA SER B 100 41.97 -14.75 17.73
C SER B 100 41.71 -16.21 17.38
N CYS B 101 41.04 -16.92 18.28
CA CYS B 101 40.66 -18.30 18.09
C CYS B 101 39.14 -18.39 18.10
N SER B 102 38.57 -18.82 16.98
CA SER B 102 37.11 -18.89 16.80
C SER B 102 36.69 -20.35 16.86
N ASP B 103 35.99 -20.71 17.94
CA ASP B 103 35.51 -22.08 18.12
C ASP B 103 34.01 -22.09 18.46
N ASP B 104 33.28 -21.06 18.03
CA ASP B 104 31.84 -21.00 18.27
C ASP B 104 31.10 -21.89 17.27
N ALA B 105 29.78 -21.95 17.43
CA ALA B 105 28.92 -22.70 16.53
C ALA B 105 27.54 -22.06 16.53
N GLN B 106 26.89 -22.11 15.37
CA GLN B 106 25.55 -21.54 15.22
C GLN B 106 24.76 -22.41 14.27
N LEU B 107 23.60 -22.86 14.72
CA LEU B 107 22.69 -23.68 13.93
C LEU B 107 21.32 -23.04 13.98
N SER B 108 20.74 -22.78 12.81
CA SER B 108 19.41 -22.17 12.72
C SER B 108 18.56 -22.98 11.76
N MET B 109 17.25 -23.04 12.07
CA MET B 109 16.28 -23.76 11.26
C MET B 109 15.04 -22.91 11.06
N THR B 110 14.52 -22.92 9.83
CA THR B 110 13.26 -22.27 9.50
C THR B 110 12.34 -23.31 8.88
N MET B 111 11.18 -23.52 9.50
CA MET B 111 10.28 -24.60 9.13
C MET B 111 8.89 -24.03 8.81
N TYR B 112 8.32 -24.47 7.70
CA TYR B 112 7.00 -24.04 7.26
C TYR B 112 6.08 -25.24 7.09
N GLY B 113 4.79 -24.98 7.12
CA GLY B 113 3.80 -26.05 6.97
C GLY B 113 3.90 -27.09 8.06
N LEU B 114 3.59 -26.70 9.29
CA LEU B 114 3.79 -27.55 10.45
C LEU B 114 2.68 -28.60 10.55
N ASP B 115 2.99 -29.65 11.31
CA ASP B 115 2.04 -30.74 11.52
C ASP B 115 0.74 -30.20 12.12
N ARG B 116 -0.39 -30.57 11.51
CA ARG B 116 -1.68 -30.05 11.95
C ARG B 116 -2.07 -30.60 13.31
N ASN B 117 -1.77 -31.88 13.57
CA ASN B 117 -2.06 -32.45 14.88
C ASN B 117 -1.23 -31.80 15.98
N GLN B 118 -0.12 -31.15 15.63
CA GLN B 118 0.70 -30.46 16.61
C GLN B 118 0.21 -29.05 16.87
N THR B 119 -0.28 -28.35 15.83
CA THR B 119 -0.75 -26.99 16.00
C THR B 119 -1.89 -26.89 17.00
N LYS B 120 -2.62 -27.98 17.22
CA LYS B 120 -3.70 -27.97 18.20
C LYS B 120 -3.19 -27.55 19.59
N HIS B 121 -1.97 -27.93 19.94
CA HIS B 121 -1.43 -27.64 21.26
C HIS B 121 -0.79 -26.26 21.36
N TRP B 122 -0.50 -25.60 20.25
CA TRP B 122 0.03 -24.25 20.27
C TRP B 122 -1.07 -23.20 20.31
N TYR B 123 -2.31 -23.59 20.60
CA TYR B 123 -3.42 -22.66 20.76
C TYR B 123 -3.82 -22.60 22.22
N SER B 124 -4.36 -21.45 22.63
CA SER B 124 -4.80 -21.25 24.00
C SER B 124 -5.56 -19.94 24.09
N ASP B 125 -6.68 -19.96 24.80
CA ASP B 125 -7.50 -18.78 25.01
C ASP B 125 -7.05 -17.94 26.19
N LYS B 126 -5.89 -18.26 26.78
CA LYS B 126 -5.38 -17.53 27.93
C LYS B 126 -3.86 -17.55 27.90
N MET B 127 -3.26 -16.47 28.41
CA MET B 127 -1.81 -16.38 28.48
C MET B 127 -1.27 -17.30 29.56
N LEU B 128 -0.13 -17.93 29.28
CA LEU B 128 0.44 -18.89 30.22
C LEU B 128 1.96 -18.81 30.22
N PRO B 129 2.58 -18.29 31.30
CA PRO B 129 4.05 -18.34 31.39
C PRO B 129 4.54 -19.74 31.72
N THR B 130 5.82 -19.87 32.06
CA THR B 130 6.38 -21.17 32.39
C THR B 130 5.76 -21.74 33.64
N GLY B 131 4.83 -22.67 33.46
CA GLY B 131 4.16 -23.31 34.56
C GLY B 131 3.72 -24.71 34.21
N PRO B 132 2.89 -25.31 35.07
CA PRO B 132 2.40 -26.67 34.78
C PRO B 132 1.64 -26.78 33.48
N GLU B 133 1.01 -25.71 33.01
CA GLU B 133 0.23 -25.78 31.78
C GLU B 133 1.13 -25.92 30.56
N THR B 134 2.25 -25.20 30.54
CA THR B 134 3.17 -25.31 29.40
C THR B 134 3.94 -26.63 29.45
N ALA B 135 4.17 -27.16 30.65
CA ALA B 135 4.78 -28.49 30.76
C ALA B 135 3.96 -29.54 30.03
N VAL B 136 2.63 -29.46 30.13
CA VAL B 136 1.76 -30.37 29.40
C VAL B 136 1.99 -30.22 27.90
N ILE B 137 2.15 -28.97 27.44
CA ILE B 137 2.33 -28.73 26.01
C ILE B 137 3.65 -29.33 25.54
N ARG B 138 4.71 -29.24 26.35
CA ARG B 138 5.99 -29.77 25.95
C ARG B 138 5.95 -31.29 25.83
N GLU B 139 5.28 -31.97 26.76
CA GLU B 139 5.16 -33.41 26.68
C GLU B 139 4.23 -33.83 25.56
N ALA B 140 3.14 -33.09 25.36
CA ALA B 140 2.15 -33.45 24.34
C ALA B 140 2.69 -33.26 22.93
N THR B 141 3.61 -32.31 22.73
CA THR B 141 4.13 -32.01 21.40
C THR B 141 5.50 -32.63 21.14
N GLY B 142 6.29 -32.90 22.17
CA GLY B 142 7.62 -33.45 22.01
C GLY B 142 8.74 -32.50 22.37
N LEU B 143 8.44 -31.26 22.77
CA LEU B 143 9.49 -30.34 23.17
C LEU B 143 10.27 -30.85 24.38
N SER B 144 9.64 -31.70 25.20
CA SER B 144 10.36 -32.29 26.33
C SER B 144 11.60 -33.03 25.87
N GLU B 145 11.57 -33.60 24.67
CA GLU B 145 12.74 -34.29 24.13
C GLU B 145 13.81 -33.31 23.70
N VAL B 146 13.42 -32.25 23.00
CA VAL B 146 14.39 -31.25 22.55
C VAL B 146 14.99 -30.52 23.75
N VAL B 147 14.18 -30.19 24.73
CA VAL B 147 14.60 -29.44 25.92
C VAL B 147 14.37 -30.36 27.10
N ASP B 148 15.36 -31.21 27.41
CA ASP B 148 15.23 -32.19 28.48
C ASP B 148 15.45 -31.51 29.84
N ASP B 149 15.56 -32.32 30.89
CA ASP B 149 15.66 -31.80 32.25
C ASP B 149 17.00 -31.14 32.53
N SER B 150 18.02 -31.42 31.73
CA SER B 150 19.33 -30.81 31.96
C SER B 150 19.38 -29.34 31.55
N TRP B 151 18.28 -28.79 31.03
CA TRP B 151 18.24 -27.41 30.57
C TRP B 151 17.39 -26.56 31.50
N ILE B 152 17.86 -25.35 31.77
CA ILE B 152 17.03 -24.31 32.38
C ILE B 152 16.19 -23.71 31.27
N LEU B 153 14.89 -23.59 31.51
CA LEU B 153 14.02 -23.09 30.45
C LEU B 153 12.91 -22.22 31.01
N HIS B 154 12.52 -21.26 30.19
CA HIS B 154 11.30 -20.48 30.42
C HIS B 154 10.60 -20.29 29.08
N ASP B 155 9.30 -20.55 29.06
CA ASP B 155 8.53 -20.54 27.82
C ASP B 155 7.22 -19.80 28.04
N LEU B 156 6.58 -19.44 26.92
CA LEU B 156 5.36 -18.64 26.96
C LEU B 156 4.38 -19.15 25.92
N GLN B 157 3.17 -19.49 26.35
CA GLN B 157 2.06 -19.81 25.46
C GLN B 157 1.21 -18.57 25.27
N TYR B 158 1.01 -18.19 24.00
CA TYR B 158 0.33 -16.94 23.69
C TYR B 158 -1.17 -17.16 23.48
N GLU B 159 -1.88 -16.03 23.36
CA GLU B 159 -3.31 -16.04 23.11
C GLU B 159 -3.60 -15.12 21.92
N PRO B 160 -4.40 -15.59 20.94
CA PRO B 160 -5.08 -16.88 20.84
C PRO B 160 -4.15 -18.05 20.53
N CYS B 161 -2.98 -17.77 19.95
CA CYS B 161 -2.04 -18.82 19.59
C CYS B 161 -0.63 -18.24 19.58
N GLY B 162 0.36 -19.13 19.53
CA GLY B 162 1.75 -18.74 19.57
C GLY B 162 2.48 -19.35 20.74
N TYR B 163 3.77 -19.65 20.57
CA TYR B 163 4.56 -20.28 21.62
C TYR B 163 6.03 -19.92 21.44
N SER B 164 6.68 -19.59 22.55
CA SER B 164 8.10 -19.28 22.57
C SER B 164 8.75 -19.98 23.76
N ILE B 165 10.00 -20.40 23.58
CA ILE B 165 10.75 -21.04 24.65
C ILE B 165 12.22 -20.67 24.51
N ASN B 166 12.85 -20.36 25.63
CA ASN B 166 14.29 -20.21 25.73
C ASN B 166 14.85 -21.31 26.63
N ALA B 167 16.08 -21.71 26.35
CA ALA B 167 16.74 -22.73 27.16
C ALA B 167 18.23 -22.43 27.21
N ILE B 168 18.81 -22.59 28.40
CA ILE B 168 20.23 -22.33 28.62
C ILE B 168 20.81 -23.46 29.46
N ARG B 169 22.01 -23.92 29.08
CA ARG B 169 22.74 -24.94 29.83
C ARG B 169 24.21 -24.60 29.73
N GLY B 170 24.82 -24.22 30.86
CA GLY B 170 26.18 -23.70 30.80
C GLY B 170 26.21 -22.48 29.91
N SER B 171 27.13 -22.49 28.93
CA SER B 171 27.23 -21.41 27.96
C SER B 171 26.42 -21.68 26.70
N GLU B 172 25.68 -22.78 26.65
CA GLU B 172 24.87 -23.11 25.48
C GLU B 172 23.46 -22.57 25.66
N TYR B 173 22.84 -22.21 24.54
CA TYR B 173 21.45 -21.74 24.54
C TYR B 173 20.68 -22.46 23.44
N GLN B 174 19.37 -22.30 23.47
CA GLN B 174 18.46 -23.01 22.58
C GLN B 174 17.11 -22.32 22.64
N THR B 175 16.56 -21.94 21.47
CA THR B 175 15.33 -21.18 21.43
C THR B 175 14.44 -21.66 20.30
N ILE B 176 13.14 -21.57 20.51
CA ILE B 176 12.14 -21.99 19.54
C ILE B 176 10.98 -21.00 19.57
N HIS B 177 10.47 -20.65 18.39
CA HIS B 177 9.31 -19.78 18.26
C HIS B 177 8.39 -20.37 17.20
N ILE B 178 7.09 -20.39 17.50
CA ILE B 178 6.11 -21.10 16.70
C ILE B 178 4.97 -20.16 16.32
N THR B 179 4.62 -20.14 15.04
CA THR B 179 3.44 -19.43 14.54
C THR B 179 2.45 -20.48 14.04
N PRO B 180 1.46 -20.89 14.84
CA PRO B 180 0.68 -22.09 14.48
C PRO B 180 -0.34 -21.89 13.36
N GLU B 181 -0.73 -20.66 13.04
CA GLU B 181 -1.72 -20.41 12.01
C GLU B 181 -1.45 -21.27 10.79
N GLU B 182 -2.49 -21.93 10.29
CA GLU B 182 -2.32 -22.90 9.21
C GLU B 182 -1.88 -22.21 7.92
N HIS B 183 -2.54 -21.11 7.55
CA HIS B 183 -2.23 -20.45 6.29
C HIS B 183 -0.86 -19.81 6.26
N CYS B 184 -0.24 -19.60 7.42
CA CYS B 184 1.11 -19.03 7.50
C CYS B 184 1.93 -19.77 8.54
N SER B 185 1.82 -21.09 8.55
CA SER B 185 2.48 -21.89 9.57
C SER B 185 4.00 -21.76 9.48
N PHE B 186 4.64 -21.50 10.61
CA PHE B 186 6.08 -21.34 10.65
C PHE B 186 6.60 -21.66 12.05
N ALA B 187 7.83 -22.16 12.11
CA ALA B 187 8.52 -22.41 13.37
C ALA B 187 10.01 -22.22 13.15
N SER B 188 10.69 -21.72 14.18
CA SER B 188 12.11 -21.45 14.13
C SER B 188 12.84 -22.17 15.26
N TYR B 189 14.11 -22.47 15.02
CA TYR B 189 14.95 -23.11 16.02
C TYR B 189 16.37 -22.61 15.84
N GLU B 190 17.03 -22.31 16.96
CA GLU B 190 18.42 -21.87 16.93
C GLU B 190 19.14 -22.37 18.18
N THR B 191 20.41 -22.72 18.01
CA THR B 191 21.24 -23.16 19.14
C THR B 191 22.69 -22.91 18.78
N ASN B 192 23.52 -22.82 19.82
CA ASN B 192 24.97 -22.69 19.65
C ASN B 192 25.72 -23.92 20.18
N THR B 193 25.02 -25.03 20.35
CA THR B 193 25.63 -26.22 20.94
C THR B 193 26.79 -26.72 20.07
N CYS B 194 27.87 -27.10 20.74
CA CYS B 194 28.98 -27.77 20.08
C CYS B 194 28.63 -29.23 19.83
N ALA B 195 28.77 -29.68 18.59
CA ALA B 195 28.45 -31.05 18.24
C ALA B 195 29.17 -31.42 16.95
N LEU B 196 29.80 -32.59 16.94
CA LEU B 196 30.45 -33.07 15.72
C LEU B 196 29.44 -33.34 14.61
N ASN B 197 28.18 -33.57 14.96
CA ASN B 197 27.17 -33.93 13.96
C ASN B 197 25.82 -33.43 14.47
N TYR B 198 25.14 -32.62 13.66
CA TYR B 198 23.88 -32.00 14.03
C TYR B 198 22.67 -32.84 13.64
N SER B 199 22.87 -34.06 13.14
CA SER B 199 21.76 -34.84 12.61
C SER B 199 20.70 -35.10 13.67
N LYS B 200 21.12 -35.58 14.85
CA LYS B 200 20.15 -35.90 15.89
C LYS B 200 19.45 -34.65 16.40
N CYS B 201 20.18 -33.54 16.52
CA CYS B 201 19.56 -32.30 16.94
C CYS B 201 18.48 -31.85 15.97
N ILE B 202 18.81 -31.84 14.67
CA ILE B 202 17.84 -31.43 13.65
C ILE B 202 16.66 -32.38 13.65
N CYS B 203 16.92 -33.68 13.59
CA CYS B 203 15.83 -34.65 13.54
C CYS B 203 14.91 -34.51 14.74
N GLY B 204 15.47 -34.28 15.92
CA GLY B 204 14.63 -34.07 17.10
C GLY B 204 13.65 -32.93 16.90
N VAL B 205 14.06 -31.88 16.19
CA VAL B 205 13.17 -30.77 15.90
C VAL B 205 12.19 -31.14 14.80
N LEU B 206 12.66 -31.84 13.77
CA LEU B 206 11.77 -32.25 12.68
C LEU B 206 10.67 -33.16 13.19
N ARG B 207 10.99 -34.05 14.13
CA ARG B 207 9.97 -34.94 14.67
C ARG B 207 8.88 -34.18 15.39
N VAL B 208 9.20 -33.03 15.98
CA VAL B 208 8.20 -32.21 16.64
C VAL B 208 7.28 -31.57 15.62
N PHE B 209 7.83 -31.04 14.53
CA PHE B 209 7.08 -30.23 13.59
C PHE B 209 6.79 -30.92 12.26
N ASP B 210 7.66 -31.82 11.81
CA ASP B 210 7.49 -32.56 10.56
C ASP B 210 6.99 -31.62 9.46
N PRO B 211 7.76 -30.59 9.11
CA PRO B 211 7.26 -29.56 8.20
C PRO B 211 7.29 -29.99 6.74
N GLU B 212 6.43 -29.34 5.96
CA GLU B 212 6.40 -29.58 4.52
C GLU B 212 7.68 -29.13 3.84
N ARG B 213 8.40 -28.18 4.42
CA ARG B 213 9.71 -27.76 3.92
C ARG B 213 10.43 -27.03 5.04
N PHE B 214 11.75 -27.05 4.97
CA PHE B 214 12.54 -26.35 5.97
C PHE B 214 13.92 -26.03 5.40
N SER B 215 14.52 -24.96 5.93
CA SER B 215 15.89 -24.59 5.61
C SER B 215 16.74 -24.71 6.87
N VAL B 216 18.00 -25.07 6.68
CA VAL B 216 18.97 -25.13 7.76
C VAL B 216 20.22 -24.42 7.31
N ILE B 217 20.72 -23.50 8.13
CA ILE B 217 21.97 -22.79 7.89
C ILE B 217 22.91 -23.12 9.03
N VAL B 218 24.20 -23.26 8.71
CA VAL B 218 25.20 -23.66 9.69
C VAL B 218 26.43 -22.78 9.52
N PHE B 219 26.78 -22.03 10.55
CA PHE B 219 27.99 -21.21 10.54
C PHE B 219 29.12 -22.01 11.18
N ILE B 220 30.20 -22.22 10.42
CA ILE B 220 31.30 -23.08 10.83
C ILE B 220 32.50 -22.18 11.11
N ASP B 221 32.99 -22.20 12.35
CA ASP B 221 34.22 -21.52 12.69
C ASP B 221 35.42 -22.45 12.47
N PRO B 222 36.60 -21.89 12.20
CA PRO B 222 37.74 -22.76 11.84
C PRO B 222 38.21 -23.65 12.97
N ASP B 223 38.10 -23.21 14.23
CA ASP B 223 38.69 -23.93 15.35
C ASP B 223 37.66 -24.67 16.20
N SER B 224 36.43 -24.83 15.70
CA SER B 224 35.39 -25.53 16.44
C SER B 224 35.43 -27.03 16.14
N ALA B 225 34.76 -27.79 17.00
CA ALA B 225 34.68 -29.24 16.79
C ALA B 225 34.09 -29.56 15.42
N VAL B 226 32.96 -28.94 15.08
CA VAL B 226 32.37 -29.15 13.77
C VAL B 226 33.29 -28.63 12.68
N GLY B 227 34.05 -27.57 12.97
CA GLY B 227 34.95 -27.02 11.96
C GLY B 227 36.06 -27.98 11.60
N LYS B 228 36.66 -28.62 12.61
CA LYS B 228 37.70 -29.62 12.33
C LYS B 228 37.13 -30.78 11.51
N SER B 229 35.91 -31.21 11.86
CA SER B 229 35.29 -32.32 11.14
C SER B 229 34.97 -31.93 9.70
N TYR B 230 34.36 -30.76 9.52
CA TYR B 230 33.99 -30.31 8.17
C TYR B 230 35.22 -30.14 7.28
N HIS B 231 36.26 -29.50 7.82
CA HIS B 231 37.47 -29.23 7.06
C HIS B 231 38.36 -30.46 6.88
N SER B 232 37.85 -31.66 7.16
CA SER B 232 38.58 -32.90 6.92
C SER B 232 37.69 -33.95 6.25
N GLY B 233 36.71 -33.51 5.48
CA GLY B 233 35.83 -34.42 4.77
C GLY B 233 34.78 -35.09 5.63
N GLY B 234 34.65 -34.71 6.90
CA GLY B 234 33.69 -35.34 7.77
C GLY B 234 32.28 -34.84 7.54
N THR B 235 31.31 -35.70 7.85
CA THR B 235 29.91 -35.32 7.77
C THR B 235 29.51 -34.58 9.03
N ILE B 236 28.65 -33.57 8.87
CA ILE B 236 28.30 -32.67 9.97
C ILE B 236 26.83 -32.74 10.36
N GLY B 237 25.98 -33.47 9.62
CA GLY B 237 24.61 -33.70 10.03
C GLY B 237 23.56 -33.04 9.17
N VAL B 238 23.94 -32.28 8.14
CA VAL B 238 22.97 -31.66 7.24
C VAL B 238 22.92 -32.35 5.88
N GLU B 239 23.69 -33.41 5.69
CA GLU B 239 23.75 -34.08 4.39
C GLU B 239 22.41 -34.74 4.08
N PRO B 240 22.11 -34.94 2.80
CA PRO B 240 20.78 -35.46 2.44
C PRO B 240 20.48 -36.83 3.01
N GLU B 241 21.49 -37.66 3.25
CA GLU B 241 21.26 -39.02 3.73
C GLU B 241 20.47 -39.03 5.04
N TYR B 242 20.64 -38.00 5.86
CA TYR B 242 19.99 -37.95 7.17
C TYR B 242 18.51 -37.60 7.10
N TYR B 243 17.97 -37.29 5.92
CA TYR B 243 16.59 -36.84 5.78
C TYR B 243 15.95 -37.54 4.58
N PRO B 244 15.65 -38.83 4.72
CA PRO B 244 15.14 -39.59 3.57
C PRO B 244 13.75 -39.17 3.13
N ASN B 245 12.92 -38.66 4.05
CA ASN B 245 11.60 -38.17 3.67
C ASN B 245 11.65 -36.81 2.98
N TYR B 246 12.82 -36.19 2.90
CA TYR B 246 12.97 -34.87 2.31
C TYR B 246 13.92 -34.93 1.12
N GLU B 247 13.75 -33.98 0.21
CA GLU B 247 14.59 -33.83 -0.97
C GLU B 247 15.30 -32.49 -0.90
N ALA B 248 16.61 -32.50 -1.10
CA ALA B 248 17.39 -31.26 -1.11
C ALA B 248 17.13 -30.52 -2.41
N HIS B 249 16.68 -29.27 -2.31
CA HIS B 249 16.35 -28.47 -3.47
C HIS B 249 17.44 -27.50 -3.87
N HIS B 250 18.17 -26.93 -2.91
CA HIS B 250 19.33 -26.11 -3.24
C HIS B 250 20.20 -25.96 -2.00
N ARG B 251 21.51 -25.90 -2.21
CA ARG B 251 22.48 -25.83 -1.13
C ARG B 251 23.57 -24.85 -1.52
N THR B 252 24.06 -24.09 -0.54
CA THR B 252 25.07 -23.07 -0.77
C THR B 252 26.21 -23.23 0.23
N VAL B 253 27.41 -22.90 -0.21
CA VAL B 253 28.60 -22.91 0.64
C VAL B 253 29.40 -21.64 0.36
N ASN B 254 29.77 -20.92 1.42
CA ASN B 254 30.40 -19.62 1.26
C ASN B 254 31.41 -19.39 2.38
N GLU B 255 32.61 -18.92 1.99
CA GLU B 255 33.59 -18.40 2.93
C GLU B 255 33.43 -16.88 2.94
N TYR B 256 32.47 -16.41 3.75
CA TYR B 256 32.14 -14.98 3.73
C TYR B 256 33.28 -14.13 4.27
N THR B 257 34.04 -14.64 5.24
CA THR B 257 35.24 -13.99 5.73
C THR B 257 36.32 -15.05 5.88
N PRO B 258 37.60 -14.68 5.73
CA PRO B 258 38.66 -15.68 5.76
C PRO B 258 38.53 -16.65 6.94
N GLY B 259 38.59 -17.95 6.62
CA GLY B 259 38.58 -18.98 7.63
C GLY B 259 37.22 -19.34 8.19
N HIS B 260 36.19 -18.55 7.92
CA HIS B 260 34.86 -18.79 8.44
C HIS B 260 33.91 -19.12 7.30
N TRP B 261 33.15 -20.19 7.45
CA TRP B 261 32.28 -20.70 6.40
C TRP B 261 30.84 -20.76 6.88
N VAL B 262 29.92 -20.75 5.93
CA VAL B 262 28.49 -20.87 6.21
C VAL B 262 27.90 -21.85 5.20
N LEU B 263 27.15 -22.83 5.70
CA LEU B 263 26.43 -23.78 4.87
C LEU B 263 24.94 -23.60 5.05
N LYS B 264 24.20 -23.67 3.94
CA LYS B 264 22.76 -23.53 3.96
C LYS B 264 22.16 -24.55 3.00
N VAL B 265 21.02 -25.12 3.39
CA VAL B 265 20.33 -26.14 2.60
C VAL B 265 18.84 -25.95 2.73
N ASN B 266 18.13 -26.03 1.60
CA ASN B 266 16.67 -26.04 1.58
C ASN B 266 16.21 -27.47 1.35
N TYR B 267 15.28 -27.93 2.18
CA TYR B 267 14.69 -29.26 2.06
C TYR B 267 13.19 -29.15 1.86
N VAL B 268 12.65 -29.98 0.97
CA VAL B 268 11.22 -30.05 0.72
C VAL B 268 10.76 -31.48 0.91
N LYS B 269 9.60 -31.65 1.54
CA LYS B 269 9.06 -32.99 1.78
C LYS B 269 8.66 -33.62 0.46
N ARG B 270 9.11 -34.86 0.24
CA ARG B 270 8.80 -35.53 -1.02
C ARG B 270 7.30 -35.72 -1.21
N ALA B 271 6.59 -36.05 -0.12
CA ALA B 271 5.14 -36.22 -0.16
C ALA B 271 4.74 -37.27 -1.21
N VAL B 272 4.98 -38.52 -0.83
CA VAL B 272 4.64 -39.64 -1.70
C VAL B 272 3.13 -39.70 -1.89
N ASP C 6 -11.06 6.35 -7.72
CA ASP C 6 -11.78 7.36 -8.50
C ASP C 6 -11.34 8.76 -8.10
N SER C 7 -11.68 9.76 -8.92
CA SER C 7 -11.22 11.11 -8.69
C SER C 7 -11.80 11.69 -7.40
N LEU C 8 -13.06 11.39 -7.11
CA LEU C 8 -13.69 11.94 -5.91
C LEU C 8 -13.06 11.37 -4.64
N SER C 9 -12.81 10.05 -4.62
CA SER C 9 -12.08 9.47 -3.50
C SER C 9 -10.64 9.98 -3.47
N LEU C 10 -10.09 10.36 -4.62
CA LEU C 10 -8.73 10.88 -4.65
C LEU C 10 -8.66 12.26 -4.02
N MET C 11 -9.68 13.10 -4.25
CA MET C 11 -9.73 14.39 -3.57
C MET C 11 -9.90 14.20 -2.07
N ALA C 12 -10.78 13.28 -1.67
CA ALA C 12 -11.01 13.04 -0.24
C ALA C 12 -9.73 12.57 0.45
N MET C 13 -8.97 11.70 -0.21
CA MET C 13 -7.73 11.22 0.39
C MET C 13 -6.72 12.34 0.55
N TRP C 14 -6.60 13.21 -0.46
CA TRP C 14 -5.68 14.34 -0.34
C TRP C 14 -6.04 15.23 0.84
N GLY C 15 -7.34 15.35 1.14
CA GLY C 15 -7.73 16.10 2.32
C GLY C 15 -7.32 15.40 3.60
N SER C 16 -7.41 14.07 3.62
CA SER C 16 -6.98 13.31 4.80
C SER C 16 -5.46 13.31 4.91
N ILE C 17 -4.75 13.29 3.79
CA ILE C 17 -3.29 13.34 3.82
C ILE C 17 -2.83 14.68 4.37
N ALA C 18 -3.46 15.78 3.92
CA ALA C 18 -3.05 17.10 4.39
C ALA C 18 -3.27 17.26 5.88
N ARG C 19 -4.26 16.56 6.45
CA ARG C 19 -4.49 16.56 7.88
C ARG C 19 -3.79 15.41 8.60
N PHE C 20 -3.17 14.50 7.86
CA PHE C 20 -2.58 13.32 8.48
C PHE C 20 -1.44 13.72 9.42
N ASP C 21 -1.43 13.10 10.60
CA ASP C 21 -0.41 13.34 11.61
C ASP C 21 0.58 12.19 11.59
N PRO C 22 1.71 12.30 10.89
CA PRO C 22 2.71 11.24 10.96
C PRO C 22 3.21 11.08 12.38
N LYS C 23 3.93 10.00 12.63
CA LYS C 23 4.31 9.64 14.00
C LYS C 23 3.05 9.35 14.81
N HIS C 24 3.21 8.88 16.05
CA HIS C 24 2.07 8.47 16.86
C HIS C 24 1.18 7.48 16.09
N GLU C 25 1.71 6.27 15.96
CA GLU C 25 1.15 5.29 15.04
C GLU C 25 -0.14 4.70 15.58
N ARG C 26 -0.78 3.89 14.74
CA ARG C 26 -1.99 3.15 15.10
C ARG C 26 -3.19 4.07 15.30
N SER C 27 -3.29 5.12 14.48
CA SER C 27 -4.42 6.03 14.55
C SER C 27 -5.72 5.28 14.26
N PHE C 28 -6.73 5.53 15.08
CA PHE C 28 -8.01 4.82 14.99
C PHE C 28 -9.03 5.67 14.23
N GLU C 29 -9.88 5.00 13.45
CA GLU C 29 -10.89 5.67 12.64
C GLU C 29 -12.09 5.98 13.52
N GLY C 30 -12.21 7.23 13.96
CA GLY C 30 -13.32 7.67 14.74
C GLY C 30 -14.61 7.75 13.93
N PRO C 31 -14.57 8.46 12.80
CA PRO C 31 -15.75 8.55 11.94
C PRO C 31 -16.39 7.19 11.72
N GLU C 32 -17.72 7.18 11.63
CA GLU C 32 -18.49 5.96 11.69
C GLU C 32 -19.27 5.75 10.40
N LYS C 33 -19.60 4.49 10.14
CA LYS C 33 -20.51 4.11 9.08
C LYS C 33 -21.88 3.83 9.69
N ARG C 34 -22.94 4.22 8.99
CA ARG C 34 -24.30 4.11 9.49
C ARG C 34 -25.17 3.42 8.45
N LEU C 35 -25.70 2.26 8.80
CA LEU C 35 -26.65 1.54 7.96
C LEU C 35 -28.01 1.55 8.63
N GLU C 36 -29.03 1.97 7.90
CA GLU C 36 -30.41 1.96 8.39
C GLU C 36 -31.32 1.33 7.36
N VAL C 37 -32.21 0.46 7.82
CA VAL C 37 -33.19 -0.22 6.97
C VAL C 37 -34.54 -0.15 7.66
N ILE C 38 -35.51 0.50 7.02
CA ILE C 38 -36.87 0.58 7.51
C ILE C 38 -37.72 -0.33 6.63
N MET C 39 -38.53 -1.17 7.26
CA MET C 39 -39.36 -2.12 6.54
C MET C 39 -40.81 -1.65 6.50
N ARG C 40 -41.48 -1.96 5.39
CA ARG C 40 -42.90 -1.69 5.25
C ARG C 40 -43.72 -2.72 6.02
N VAL C 41 -44.83 -2.27 6.58
CA VAL C 41 -45.72 -3.14 7.34
C VAL C 41 -46.81 -3.65 6.40
N VAL C 42 -46.83 -4.97 6.20
CA VAL C 42 -47.73 -5.59 5.23
C VAL C 42 -48.75 -6.44 5.99
N ASP C 43 -49.86 -6.72 5.32
CA ASP C 43 -50.84 -7.67 5.85
C ASP C 43 -50.16 -8.98 6.21
N GLY C 44 -50.26 -9.38 7.47
CA GLY C 44 -49.60 -10.57 7.95
C GLY C 44 -48.26 -10.35 8.60
N THR C 45 -47.82 -9.10 8.72
CA THR C 45 -46.58 -8.81 9.43
C THR C 45 -46.72 -9.23 10.89
N HIS C 46 -45.63 -9.76 11.45
CA HIS C 46 -45.63 -10.14 12.85
C HIS C 46 -46.09 -8.97 13.71
N VAL C 47 -46.93 -9.27 14.70
CA VAL C 47 -47.50 -8.23 15.54
C VAL C 47 -46.40 -7.36 16.13
N SER C 48 -45.36 -7.99 16.66
CA SER C 48 -44.23 -7.26 17.22
C SER C 48 -43.32 -6.66 16.14
N GLY C 49 -43.53 -7.01 14.88
CA GLY C 49 -42.68 -6.50 13.83
C GLY C 49 -41.29 -7.11 13.93
N LEU C 50 -40.27 -6.27 13.76
CA LEU C 50 -38.90 -6.74 13.76
C LEU C 50 -38.37 -7.03 15.16
N LEU C 51 -39.14 -6.73 16.20
CA LEU C 51 -38.77 -7.07 17.57
C LEU C 51 -39.05 -8.52 17.92
N ALA C 52 -39.79 -9.25 17.08
CA ALA C 52 -40.07 -10.66 17.35
C ALA C 52 -38.80 -11.49 17.42
N HIS C 53 -37.72 -11.04 16.77
CA HIS C 53 -36.48 -11.80 16.77
C HIS C 53 -35.83 -11.77 18.15
N ASP C 54 -35.39 -12.94 18.62
CA ASP C 54 -34.61 -13.00 19.84
C ASP C 54 -33.19 -12.50 19.58
N ASP C 55 -32.44 -12.29 20.67
CA ASP C 55 -31.07 -11.81 20.54
C ASP C 55 -30.20 -12.74 19.72
N ASP C 56 -30.62 -14.00 19.55
CA ASP C 56 -29.85 -14.93 18.72
C ASP C 56 -29.78 -14.46 17.28
N VAL C 57 -30.87 -13.87 16.77
CA VAL C 57 -30.90 -13.43 15.38
C VAL C 57 -29.90 -12.30 15.16
N TRP C 58 -29.88 -11.31 16.06
CA TRP C 58 -29.01 -10.16 15.89
C TRP C 58 -27.56 -10.49 16.18
N GLN C 59 -27.29 -11.57 16.92
CA GLN C 59 -25.92 -12.01 17.11
C GLN C 59 -25.32 -12.53 15.81
N LYS C 60 -26.14 -13.15 14.96
CA LYS C 60 -25.67 -13.59 13.65
C LYS C 60 -25.33 -12.40 12.76
N VAL C 61 -26.15 -11.35 12.82
CA VAL C 61 -25.86 -10.14 12.06
C VAL C 61 -24.50 -9.59 12.44
N ILE C 62 -24.25 -9.43 13.74
CA ILE C 62 -22.99 -8.87 14.21
C ILE C 62 -21.81 -9.77 13.87
N ASP C 63 -22.04 -11.06 13.66
CA ASP C 63 -20.94 -11.96 13.33
C ASP C 63 -20.45 -11.77 11.91
N ALA C 64 -21.35 -11.38 10.99
CA ALA C 64 -20.95 -11.17 9.61
C ALA C 64 -20.01 -9.98 9.43
N ILE C 65 -20.01 -9.04 10.38
CA ILE C 65 -19.17 -7.84 10.28
C ILE C 65 -17.91 -7.96 11.14
N CYS C 66 -17.66 -9.14 11.72
CA CYS C 66 -16.50 -9.34 12.59
C CYS C 66 -16.59 -8.45 13.83
N ALA C 67 -17.56 -8.78 14.67
CA ALA C 67 -17.81 -8.03 15.90
C ALA C 67 -18.59 -8.92 16.85
N HIS C 68 -18.96 -8.36 18.00
CA HIS C 68 -19.73 -9.09 19.00
C HIS C 68 -20.41 -8.09 19.93
N ILE C 69 -21.47 -8.56 20.58
CA ILE C 69 -22.21 -7.74 21.53
C ILE C 69 -21.50 -7.78 22.88
N VAL C 70 -21.56 -6.66 23.61
CA VAL C 70 -20.98 -6.56 24.93
C VAL C 70 -22.03 -6.40 26.01
N SER C 71 -23.09 -5.62 25.74
CA SER C 71 -24.16 -5.43 26.70
C SER C 71 -25.44 -5.14 25.92
N ARG C 72 -26.57 -5.31 26.62
CA ARG C 72 -27.89 -5.18 25.99
C ARG C 72 -28.82 -4.46 26.94
N GLU C 73 -29.76 -3.73 26.36
CA GLU C 73 -30.86 -3.12 27.11
C GLU C 73 -32.09 -3.14 26.21
N PHE C 74 -33.26 -3.32 26.82
CA PHE C 74 -34.48 -3.46 26.05
C PHE C 74 -35.56 -2.53 26.59
N ASN C 75 -36.55 -2.33 25.73
CA ASN C 75 -37.67 -1.42 25.95
C ASN C 75 -38.82 -1.96 25.12
N GLU C 76 -40.05 -1.56 25.46
CA GLU C 76 -41.16 -1.91 24.60
C GLU C 76 -40.90 -1.46 23.17
N TYR C 77 -40.33 -0.26 23.02
CA TYR C 77 -40.14 0.35 21.71
C TYR C 77 -38.85 -0.08 21.03
N ILE C 78 -37.76 -0.30 21.78
CA ILE C 78 -36.44 -0.48 21.17
C ILE C 78 -35.67 -1.59 21.83
N ARG C 79 -34.78 -2.22 21.05
CA ARG C 79 -33.67 -3.02 21.54
C ARG C 79 -32.38 -2.26 21.27
N SER C 80 -31.49 -2.26 22.27
CA SER C 80 -30.22 -1.54 22.16
C SER C 80 -29.06 -2.48 22.44
N TYR C 81 -28.02 -2.39 21.62
CA TYR C 81 -26.82 -3.20 21.78
C TYR C 81 -25.58 -2.34 21.62
N VAL C 82 -24.69 -2.38 22.61
CA VAL C 82 -23.36 -1.81 22.49
C VAL C 82 -22.45 -2.84 21.85
N LEU C 83 -21.62 -2.40 20.92
CA LEU C 83 -20.77 -3.29 20.13
C LEU C 83 -19.30 -2.93 20.33
N SER C 84 -18.45 -3.93 20.20
CA SER C 84 -17.00 -3.76 20.26
C SER C 84 -16.37 -4.50 19.10
N GLU C 85 -15.44 -3.85 18.41
CA GLU C 85 -14.78 -4.45 17.27
C GLU C 85 -14.01 -5.70 17.70
N SER D 2 -22.95 0.55 17.63
CA SER D 2 -24.30 0.47 18.17
C SER D 2 -25.24 -0.27 17.23
N LEU D 3 -26.18 -1.01 17.80
CA LEU D 3 -27.25 -1.66 17.04
C LEU D 3 -28.57 -1.36 17.74
N PHE D 4 -29.44 -0.63 17.05
CA PHE D 4 -30.78 -0.34 17.53
C PHE D 4 -31.79 -1.06 16.65
N VAL D 5 -32.59 -1.93 17.26
CA VAL D 5 -33.62 -2.69 16.56
C VAL D 5 -34.97 -2.20 17.07
N MET D 6 -35.76 -1.63 16.18
CA MET D 6 -37.09 -1.16 16.51
C MET D 6 -38.13 -2.10 15.90
N LYS D 7 -39.41 -1.79 16.17
CA LYS D 7 -40.49 -2.55 15.57
C LYS D 7 -40.40 -2.57 14.05
N ASP D 8 -39.88 -1.50 13.44
CA ASP D 8 -39.96 -1.32 12.01
C ASP D 8 -38.63 -1.03 11.33
N ARG D 9 -37.51 -1.03 12.04
CA ARG D 9 -36.25 -0.67 11.42
C ARG D 9 -35.08 -1.24 12.21
N VAL D 10 -33.92 -1.25 11.55
CA VAL D 10 -32.65 -1.58 12.17
C VAL D 10 -31.70 -0.41 11.92
N ILE D 11 -30.91 -0.06 12.92
CA ILE D 11 -29.93 1.01 12.82
C ILE D 11 -28.61 0.46 13.33
N LEU D 12 -27.63 0.33 12.44
CA LEU D 12 -26.33 -0.25 12.76
C LEU D 12 -25.26 0.80 12.55
N ILE D 13 -24.57 1.16 13.63
CA ILE D 13 -23.50 2.14 13.61
C ILE D 13 -22.19 1.43 13.94
N THR D 14 -21.20 1.58 13.08
CA THR D 14 -19.91 0.92 13.26
C THR D 14 -18.80 1.91 12.98
N CYS D 15 -17.67 1.69 13.64
CA CYS D 15 -16.49 2.53 13.50
C CYS D 15 -15.29 1.65 13.12
N GLY D 16 -14.13 2.28 13.06
CA GLY D 16 -12.91 1.54 12.72
C GLY D 16 -12.93 1.11 11.26
N THR D 17 -12.51 -0.12 11.01
CA THR D 17 -12.45 -0.68 9.67
C THR D 17 -13.48 -1.80 9.46
N ILE D 18 -14.54 -1.81 10.27
CA ILE D 18 -15.56 -2.84 10.14
C ILE D 18 -16.18 -2.77 8.75
N THR D 19 -16.26 -3.93 8.10
CA THR D 19 -16.94 -4.05 6.81
C THR D 19 -18.43 -4.09 7.09
N LEU D 20 -19.05 -2.92 7.20
CA LEU D 20 -20.44 -2.83 7.61
C LEU D 20 -21.37 -3.53 6.63
N LEU D 21 -21.12 -3.37 5.33
CA LEU D 21 -22.08 -3.81 4.32
C LEU D 21 -22.22 -5.32 4.22
N ASN D 22 -21.34 -6.10 4.86
CA ASN D 22 -21.45 -7.55 4.77
C ASN D 22 -22.72 -8.08 5.44
N CYS D 23 -23.36 -7.30 6.29
CA CYS D 23 -24.54 -7.77 7.02
C CYS D 23 -25.85 -7.46 6.31
N VAL D 24 -25.79 -6.93 5.09
CA VAL D 24 -27.03 -6.61 4.37
C VAL D 24 -27.88 -7.84 4.13
N PRO D 25 -27.34 -8.97 3.64
CA PRO D 25 -28.21 -10.13 3.41
C PRO D 25 -28.95 -10.59 4.66
N LEU D 26 -28.26 -10.69 5.79
CA LEU D 26 -28.91 -11.12 7.03
C LEU D 26 -30.00 -10.15 7.45
N ILE D 27 -29.77 -8.84 7.25
CA ILE D 27 -30.80 -7.85 7.59
C ILE D 27 -32.04 -8.08 6.72
N CYS D 28 -31.84 -8.23 5.41
CA CYS D 28 -32.96 -8.49 4.52
C CYS D 28 -33.69 -9.78 4.90
N GLU D 29 -32.92 -10.80 5.29
CA GLU D 29 -33.54 -12.06 5.72
C GLU D 29 -34.35 -11.86 6.99
N ALA D 30 -33.93 -10.97 7.87
CA ALA D 30 -34.66 -10.72 9.10
C ALA D 30 -36.00 -10.03 8.83
N VAL D 31 -36.08 -9.25 7.75
CA VAL D 31 -37.33 -8.60 7.39
C VAL D 31 -38.30 -9.59 6.78
N SER D 32 -37.79 -10.56 6.00
CA SER D 32 -38.67 -11.54 5.37
C SER D 32 -39.25 -12.51 6.40
N THR D 33 -38.46 -12.90 7.39
CA THR D 33 -38.92 -13.87 8.38
C THR D 33 -40.19 -13.39 9.06
N VAL D 34 -40.23 -12.12 9.46
CA VAL D 34 -41.39 -11.57 10.15
C VAL D 34 -42.43 -11.10 9.14
N CYS D 35 -42.22 -11.46 7.87
CA CYS D 35 -43.17 -11.11 6.80
C CYS D 35 -43.26 -9.60 6.63
N GLY D 36 -42.11 -8.95 6.52
CA GLY D 36 -42.02 -7.53 6.21
C GLY D 36 -41.48 -7.31 4.80
N GLU D 37 -41.30 -6.04 4.47
CA GLU D 37 -40.81 -5.66 3.16
C GLU D 37 -39.98 -4.39 3.27
N VAL D 38 -38.75 -4.44 2.75
CA VAL D 38 -37.88 -3.27 2.76
C VAL D 38 -38.52 -2.17 1.92
N GLU D 39 -38.45 -0.93 2.42
CA GLU D 39 -38.91 0.22 1.67
C GLU D 39 -37.99 1.43 1.77
N TRP D 40 -36.96 1.40 2.62
CA TRP D 40 -36.11 2.56 2.82
C TRP D 40 -34.77 2.07 3.35
N VAL D 41 -33.69 2.34 2.62
CA VAL D 41 -32.34 1.95 3.01
C VAL D 41 -31.42 3.13 2.78
N SER D 42 -30.63 3.47 3.81
CA SER D 42 -29.64 4.52 3.70
C SER D 42 -28.32 4.04 4.26
N PHE D 43 -27.22 4.30 3.55
CA PHE D 43 -25.88 4.08 4.04
C PHE D 43 -25.15 5.42 4.05
N MET D 44 -24.49 5.73 5.17
CA MET D 44 -23.95 7.06 5.37
C MET D 44 -22.68 6.96 6.20
N HIS D 45 -21.76 7.90 5.96
CA HIS D 45 -20.56 7.99 6.78
C HIS D 45 -19.88 9.33 6.53
N LYS D 46 -19.42 9.94 7.62
CA LYS D 46 -18.51 11.07 7.51
C LYS D 46 -17.25 10.63 6.80
N ASN D 47 -16.62 11.56 6.07
CA ASN D 47 -15.39 11.24 5.35
C ASN D 47 -14.36 10.64 6.31
N TYR D 48 -13.76 9.53 5.90
CA TYR D 48 -12.83 8.82 6.76
C TYR D 48 -11.58 9.66 6.99
N SER D 49 -11.07 9.63 8.23
CA SER D 49 -9.83 10.33 8.53
C SER D 49 -8.62 9.62 7.91
N PHE D 50 -8.73 8.31 7.67
CA PHE D 50 -7.65 7.52 7.09
C PHE D 50 -8.26 6.54 6.10
N PRO D 51 -8.67 7.04 4.91
CA PRO D 51 -9.38 6.17 3.98
C PRO D 51 -8.51 5.06 3.39
N TRP D 52 -7.19 5.28 3.29
CA TRP D 52 -6.32 4.27 2.71
C TRP D 52 -6.25 3.00 3.55
N GLU D 53 -6.71 3.02 4.79
CA GLU D 53 -6.72 1.85 5.66
C GLU D 53 -8.06 1.13 5.68
N GLN D 54 -9.07 1.66 5.01
CA GLN D 54 -10.36 0.99 4.96
C GLN D 54 -10.28 -0.23 4.04
N LYS D 55 -10.98 -1.29 4.43
CA LYS D 55 -10.91 -2.57 3.75
C LYS D 55 -12.23 -2.85 3.03
N GLY D 56 -12.27 -3.99 2.33
CA GLY D 56 -13.45 -4.41 1.63
C GLY D 56 -13.91 -3.37 0.63
N PRO D 57 -15.22 -3.21 0.46
CA PRO D 57 -15.73 -2.21 -0.48
C PRO D 57 -15.64 -0.77 0.00
N HIS D 58 -15.11 -0.53 1.21
CA HIS D 58 -15.08 0.81 1.79
C HIS D 58 -13.81 1.58 1.46
N LEU D 59 -12.87 0.98 0.72
CA LEU D 59 -11.62 1.67 0.41
C LEU D 59 -11.85 2.89 -0.48
N SER D 60 -13.00 2.97 -1.16
CA SER D 60 -13.31 4.10 -2.00
C SER D 60 -14.82 4.28 -2.07
N MET D 61 -15.26 5.52 -2.28
CA MET D 61 -16.68 5.78 -2.42
C MET D 61 -17.26 5.05 -3.63
N ALA D 62 -16.46 4.90 -4.70
CA ALA D 62 -16.93 4.17 -5.88
C ALA D 62 -17.26 2.73 -5.52
N GLU D 63 -16.40 2.08 -4.73
CA GLU D 63 -16.63 0.68 -4.37
C GLU D 63 -17.84 0.54 -3.45
N GLU D 64 -18.03 1.48 -2.53
CA GLU D 64 -19.26 1.48 -1.74
C GLU D 64 -20.47 1.66 -2.63
N PHE D 65 -20.38 2.55 -3.63
CA PHE D 65 -21.47 2.74 -4.57
C PHE D 65 -21.73 1.49 -5.40
N LYS D 66 -20.66 0.86 -5.89
CA LYS D 66 -20.81 -0.39 -6.63
C LYS D 66 -21.44 -1.47 -5.75
N THR D 67 -21.03 -1.55 -4.49
CA THR D 67 -21.53 -2.59 -3.61
C THR D 67 -23.01 -2.40 -3.32
N LEU D 68 -23.40 -1.20 -2.91
CA LEU D 68 -24.81 -0.96 -2.58
C LEU D 68 -25.69 -1.08 -3.82
N ARG D 69 -25.16 -0.75 -5.00
CA ARG D 69 -25.95 -0.86 -6.22
C ARG D 69 -26.25 -2.32 -6.57
N SER D 70 -25.35 -3.25 -6.22
CA SER D 70 -25.58 -4.65 -6.54
C SER D 70 -26.81 -5.20 -5.79
N HIS D 71 -27.14 -4.62 -4.65
CA HIS D 71 -28.29 -5.03 -3.87
C HIS D 71 -29.51 -4.13 -4.06
N PHE D 72 -29.29 -2.83 -4.24
CA PHE D 72 -30.37 -1.86 -4.44
C PHE D 72 -30.02 -1.03 -5.67
N PRO D 73 -30.32 -1.55 -6.87
CA PRO D 73 -29.89 -0.87 -8.11
C PRO D 73 -30.47 0.52 -8.28
N SER D 74 -31.59 0.85 -7.64
CA SER D 74 -32.24 2.13 -7.83
C SER D 74 -31.73 3.21 -6.88
N GLY D 75 -30.81 2.87 -5.98
CA GLY D 75 -30.31 3.85 -5.03
C GLY D 75 -29.52 4.96 -5.71
N GLN D 76 -29.33 6.05 -4.96
CA GLN D 76 -28.65 7.24 -5.47
C GLN D 76 -27.63 7.73 -4.45
N PRO D 77 -26.39 8.00 -4.87
CA PRO D 77 -25.39 8.54 -3.93
C PRO D 77 -25.35 10.06 -3.94
N PHE D 78 -24.86 10.61 -2.83
CA PHE D 78 -24.70 12.05 -2.67
C PHE D 78 -23.45 12.33 -1.86
N ILE D 79 -22.87 13.51 -2.07
CA ILE D 79 -21.72 13.99 -1.31
C ILE D 79 -22.02 15.43 -0.90
N PHE D 80 -22.20 15.65 0.40
CA PHE D 80 -22.51 16.97 0.93
C PHE D 80 -21.26 17.59 1.54
N GLY D 81 -20.85 18.74 1.03
CA GLY D 81 -19.76 19.49 1.59
C GLY D 81 -18.48 19.37 0.78
N PRO D 82 -17.42 20.04 1.24
CA PRO D 82 -16.14 19.99 0.52
C PRO D 82 -15.58 18.58 0.49
N ILE D 83 -15.28 18.09 -0.72
CA ILE D 83 -14.90 16.70 -0.90
C ILE D 83 -13.52 16.44 -0.31
N ASP D 84 -12.61 17.42 -0.40
CA ASP D 84 -11.30 17.29 0.22
C ASP D 84 -11.28 17.81 1.66
N SER D 85 -12.44 17.92 2.30
CA SER D 85 -12.52 18.33 3.69
C SER D 85 -13.73 17.63 4.31
N ASP D 86 -14.25 18.21 5.39
CA ASP D 86 -15.38 17.61 6.10
C ASP D 86 -16.59 17.50 5.18
N HIS D 87 -17.02 16.27 4.90
CA HIS D 87 -18.18 16.03 4.07
C HIS D 87 -18.81 14.70 4.45
N TYR D 88 -20.04 14.49 4.00
CA TYR D 88 -20.76 13.25 4.22
C TYR D 88 -21.02 12.57 2.89
N PHE D 89 -20.89 11.24 2.88
CA PHE D 89 -21.28 10.42 1.75
C PHE D 89 -22.58 9.71 2.09
N LEU D 90 -23.58 9.85 1.23
CA LEU D 90 -24.89 9.26 1.45
C LEU D 90 -25.28 8.42 0.24
N TYR D 91 -25.83 7.24 0.50
CA TYR D 91 -26.47 6.41 -0.51
C TYR D 91 -27.89 6.14 -0.03
N PHE D 92 -28.87 6.47 -0.86
CA PHE D 92 -30.28 6.45 -0.46
C PHE D 92 -31.08 5.60 -1.44
N HIS D 93 -31.74 4.57 -0.91
CA HIS D 93 -32.62 3.72 -1.70
C HIS D 93 -34.00 3.72 -1.06
N SER D 94 -35.03 3.87 -1.90
CA SER D 94 -36.41 3.85 -1.43
C SER D 94 -37.28 3.13 -2.44
N ASP D 95 -38.03 2.14 -1.96
CA ASP D 95 -39.00 1.45 -2.79
C ASP D 95 -40.41 1.71 -2.25
N VAL D 96 -40.79 2.99 -2.18
CA VAL D 96 -42.10 3.37 -1.66
C VAL D 96 -43.17 2.91 -2.62
N VAL D 97 -44.19 2.23 -2.09
CA VAL D 97 -45.36 1.83 -2.88
C VAL D 97 -46.51 2.77 -2.54
N GLN D 98 -46.98 2.69 -1.29
CA GLN D 98 -48.05 3.55 -0.82
C GLN D 98 -47.46 4.69 -0.01
N PRO D 99 -47.70 5.96 -0.35
CA PRO D 99 -47.17 7.05 0.48
C PRO D 99 -47.73 6.97 1.89
N SER D 100 -46.99 7.57 2.82
CA SER D 100 -47.35 7.54 4.23
C SER D 100 -46.85 8.81 4.88
N CYS D 101 -47.12 8.94 6.18
CA CYS D 101 -46.64 10.06 6.96
C CYS D 101 -45.24 9.75 7.50
N SER D 102 -44.39 10.77 7.54
CA SER D 102 -43.02 10.63 8.03
C SER D 102 -42.81 11.68 9.12
N ASP D 103 -42.84 11.25 10.38
CA ASP D 103 -42.67 12.13 11.53
C ASP D 103 -41.50 11.67 12.39
N ASP D 104 -40.39 11.32 11.73
CA ASP D 104 -39.16 10.94 12.43
C ASP D 104 -38.16 12.08 12.36
N ALA D 105 -37.03 11.89 13.04
CA ALA D 105 -35.97 12.88 13.07
C ALA D 105 -34.63 12.18 13.28
N GLN D 106 -33.57 12.77 12.73
CA GLN D 106 -32.24 12.19 12.85
C GLN D 106 -31.23 13.32 12.95
N LEU D 107 -30.60 13.43 14.12
CA LEU D 107 -29.53 14.39 14.35
C LEU D 107 -28.23 13.61 14.55
N SER D 108 -27.15 14.09 13.94
CA SER D 108 -25.84 13.47 14.08
C SER D 108 -24.77 14.55 14.17
N MET D 109 -23.79 14.32 15.04
CA MET D 109 -22.67 15.23 15.22
C MET D 109 -21.36 14.47 15.12
N THR D 110 -20.38 15.10 14.47
CA THR D 110 -19.02 14.58 14.41
C THR D 110 -18.09 15.67 14.90
N MET D 111 -17.33 15.38 15.95
CA MET D 111 -16.53 16.37 16.66
C MET D 111 -15.07 15.97 16.66
N TYR D 112 -14.19 16.91 16.34
CA TYR D 112 -12.76 16.71 16.34
C TYR D 112 -12.08 17.72 17.25
N GLY D 113 -10.91 17.35 17.75
CA GLY D 113 -10.17 18.22 18.66
C GLY D 113 -10.88 18.39 19.98
N LEU D 114 -10.97 17.31 20.75
CA LEU D 114 -11.74 17.31 21.99
C LEU D 114 -10.95 17.95 23.12
N ASP D 115 -11.68 18.51 24.08
CA ASP D 115 -11.09 19.17 25.23
C ASP D 115 -10.21 18.20 26.01
N ARG D 116 -8.94 18.56 26.21
CA ARG D 116 -8.00 17.67 26.88
C ARG D 116 -8.45 17.38 28.31
N ASN D 117 -8.95 18.40 29.02
CA ASN D 117 -9.39 18.20 30.39
C ASN D 117 -10.48 17.15 30.51
N GLN D 118 -11.19 16.85 29.41
CA GLN D 118 -12.25 15.85 29.42
C GLN D 118 -11.75 14.48 28.98
N THR D 119 -10.83 14.44 28.01
CA THR D 119 -10.31 13.16 27.54
C THR D 119 -9.60 12.39 28.64
N LYS D 120 -9.10 13.08 29.68
CA LYS D 120 -8.48 12.39 30.80
C LYS D 120 -9.44 11.38 31.40
N HIS D 121 -10.70 11.77 31.61
CA HIS D 121 -11.66 10.92 32.29
C HIS D 121 -12.07 9.71 31.46
N TRP D 122 -11.71 9.66 30.17
CA TRP D 122 -11.99 8.51 29.33
C TRP D 122 -10.72 7.68 29.08
N TYR D 123 -9.82 7.65 30.06
CA TYR D 123 -8.71 6.72 30.10
C TYR D 123 -8.88 5.80 31.30
N SER D 124 -8.66 4.51 31.10
CA SER D 124 -8.88 3.54 32.16
C SER D 124 -7.89 2.38 31.98
N ASP D 125 -7.43 1.85 33.11
CA ASP D 125 -6.55 0.69 33.11
C ASP D 125 -7.30 -0.63 33.04
N LYS D 126 -8.63 -0.62 33.13
CA LYS D 126 -9.42 -1.84 33.14
C LYS D 126 -10.68 -1.64 32.32
N MET D 127 -11.09 -2.70 31.62
CA MET D 127 -12.36 -2.69 30.89
C MET D 127 -13.50 -2.67 31.89
N LEU D 128 -14.32 -1.63 31.83
CA LEU D 128 -15.39 -1.42 32.82
C LEU D 128 -16.73 -1.24 32.13
N PRO D 129 -17.68 -2.18 32.28
CA PRO D 129 -19.03 -1.93 31.75
C PRO D 129 -19.82 -0.99 32.64
N THR D 130 -21.12 -0.86 32.40
CA THR D 130 -21.96 0.02 33.18
C THR D 130 -21.88 -0.35 34.65
N GLY D 131 -21.34 0.57 35.46
CA GLY D 131 -21.20 0.33 36.88
C GLY D 131 -20.90 1.61 37.63
N PRO D 132 -20.51 1.48 38.91
CA PRO D 132 -20.20 2.69 39.69
C PRO D 132 -19.07 3.51 39.09
N GLU D 133 -18.09 2.88 38.45
CA GLU D 133 -16.96 3.62 37.89
C GLU D 133 -17.41 4.52 36.75
N THR D 134 -18.18 3.96 35.80
CA THR D 134 -18.64 4.75 34.67
C THR D 134 -19.63 5.83 35.12
N ALA D 135 -20.39 5.57 36.18
CA ALA D 135 -21.28 6.59 36.72
C ALA D 135 -20.50 7.85 37.11
N VAL D 136 -19.30 7.67 37.66
CA VAL D 136 -18.46 8.82 38.00
C VAL D 136 -18.01 9.53 36.74
N ILE D 137 -17.59 8.78 35.72
CA ILE D 137 -17.13 9.40 34.47
C ILE D 137 -18.23 10.26 33.87
N ARG D 138 -19.45 9.74 33.83
CA ARG D 138 -20.55 10.52 33.25
C ARG D 138 -20.80 11.80 34.03
N GLU D 139 -20.68 11.75 35.36
CA GLU D 139 -20.82 12.96 36.16
C GLU D 139 -19.61 13.87 36.01
N ALA D 140 -18.41 13.28 36.01
CA ALA D 140 -17.20 14.09 35.94
C ALA D 140 -17.09 14.84 34.62
N THR D 141 -17.61 14.26 33.54
CA THR D 141 -17.48 14.85 32.21
C THR D 141 -18.74 15.59 31.75
N GLY D 142 -19.83 15.50 32.51
CA GLY D 142 -21.07 16.13 32.13
C GLY D 142 -21.99 15.29 31.27
N LEU D 143 -21.60 14.05 30.95
CA LEU D 143 -22.47 13.19 30.16
C LEU D 143 -23.80 12.92 30.88
N SER D 144 -23.80 12.99 32.21
CA SER D 144 -25.04 12.82 32.96
C SER D 144 -26.05 13.91 32.64
N GLU D 145 -25.60 15.07 32.18
CA GLU D 145 -26.52 16.11 31.73
C GLU D 145 -27.11 15.76 30.37
N VAL D 146 -26.30 15.17 29.48
CA VAL D 146 -26.82 14.75 28.19
C VAL D 146 -27.71 13.52 28.34
N VAL D 147 -27.33 12.60 29.22
CA VAL D 147 -28.10 11.38 29.45
C VAL D 147 -28.77 11.48 30.81
N ASP D 148 -29.99 12.00 30.83
CA ASP D 148 -30.73 12.19 32.07
C ASP D 148 -30.96 10.85 32.77
N ASP D 149 -31.42 10.94 34.02
CA ASP D 149 -31.80 9.73 34.75
C ASP D 149 -33.02 9.05 34.15
N SER D 150 -33.82 9.77 33.37
CA SER D 150 -34.98 9.19 32.71
C SER D 150 -34.60 8.29 31.54
N TRP D 151 -33.31 8.12 31.27
CA TRP D 151 -32.84 7.29 30.18
C TRP D 151 -32.32 5.96 30.73
N ILE D 152 -32.79 4.86 30.13
CA ILE D 152 -32.18 3.56 30.37
C ILE D 152 -30.89 3.51 29.57
N LEU D 153 -29.76 3.64 30.25
CA LEU D 153 -28.46 3.77 29.61
C LEU D 153 -27.56 2.62 29.99
N HIS D 154 -26.63 2.31 29.10
CA HIS D 154 -25.57 1.35 29.37
C HIS D 154 -24.37 1.73 28.53
N ASP D 155 -23.20 1.80 29.16
CA ASP D 155 -21.98 2.29 28.52
C ASP D 155 -20.85 1.31 28.74
N LEU D 156 -19.67 1.69 28.26
CA LEU D 156 -18.49 0.83 28.37
C LEU D 156 -17.25 1.71 28.29
N GLN D 157 -16.47 1.75 29.36
CA GLN D 157 -15.18 2.42 29.36
C GLN D 157 -14.12 1.43 28.88
N TYR D 158 -13.43 1.78 27.81
CA TYR D 158 -12.44 0.90 27.21
C TYR D 158 -11.08 1.08 27.88
N GLU D 159 -10.20 0.12 27.65
CA GLU D 159 -8.83 0.18 28.12
C GLU D 159 -7.89 0.01 26.92
N PRO D 160 -6.86 0.87 26.81
CA PRO D 160 -6.44 1.95 27.72
C PRO D 160 -7.25 3.25 27.59
N CYS D 161 -8.15 3.32 26.62
CA CYS D 161 -9.01 4.50 26.47
C CYS D 161 -10.11 4.17 25.47
N GLY D 162 -11.07 5.07 25.39
CA GLY D 162 -12.26 4.88 24.57
C GLY D 162 -13.50 4.76 25.43
N TYR D 163 -14.64 5.17 24.87
CA TYR D 163 -15.89 5.16 25.62
C TYR D 163 -17.07 5.11 24.66
N SER D 164 -18.03 4.24 24.96
CA SER D 164 -19.28 4.15 24.22
C SER D 164 -20.45 4.15 25.20
N ILE D 165 -21.56 4.73 24.78
CA ILE D 165 -22.77 4.74 25.61
C ILE D 165 -23.99 4.67 24.70
N ASN D 166 -24.98 3.90 25.14
CA ASN D 166 -26.30 3.85 24.52
C ASN D 166 -27.34 4.25 25.54
N ALA D 167 -28.32 5.03 25.10
CA ALA D 167 -29.40 5.48 25.97
C ALA D 167 -30.71 5.43 25.21
N ILE D 168 -31.72 4.83 25.82
CA ILE D 168 -33.04 4.69 25.21
C ILE D 168 -34.09 5.21 26.18
N ARG D 169 -35.13 5.83 25.64
CA ARG D 169 -36.24 6.34 26.44
C ARG D 169 -37.47 6.33 25.56
N GLY D 170 -38.42 5.46 25.87
CA GLY D 170 -39.56 5.29 24.98
C GLY D 170 -39.08 4.80 23.63
N SER D 171 -39.49 5.50 22.58
CA SER D 171 -39.06 5.18 21.22
C SER D 171 -37.85 5.99 20.78
N GLU D 172 -37.28 6.81 21.64
CA GLU D 172 -36.13 7.63 21.30
C GLU D 172 -34.85 6.97 21.79
N TYR D 173 -33.76 7.19 21.06
CA TYR D 173 -32.47 6.65 21.41
C TYR D 173 -31.42 7.76 21.39
N GLN D 174 -30.24 7.43 21.91
CA GLN D 174 -29.16 8.39 22.05
C GLN D 174 -27.87 7.60 22.22
N THR D 175 -26.83 7.98 21.49
CA THR D 175 -25.58 7.23 21.52
C THR D 175 -24.40 8.18 21.34
N ILE D 176 -23.30 7.87 22.02
CA ILE D 176 -22.06 8.63 21.92
C ILE D 176 -20.90 7.64 21.89
N HIS D 177 -19.93 7.91 21.03
CA HIS D 177 -18.70 7.12 20.94
C HIS D 177 -17.52 8.08 20.89
N ILE D 178 -16.52 7.83 21.73
CA ILE D 178 -15.44 8.77 21.98
C ILE D 178 -14.11 8.09 21.69
N THR D 179 -13.24 8.79 20.97
CA THR D 179 -11.85 8.41 20.76
C THR D 179 -11.00 9.51 21.37
N PRO D 180 -10.58 9.37 22.64
CA PRO D 180 -9.93 10.50 23.32
C PRO D 180 -8.48 10.74 22.95
N GLU D 181 -7.86 9.87 22.16
CA GLU D 181 -6.47 10.09 21.75
C GLU D 181 -6.30 11.51 21.22
N GLU D 182 -5.18 12.14 21.58
CA GLU D 182 -4.96 13.53 21.21
C GLU D 182 -4.77 13.68 19.70
N HIS D 183 -3.86 12.89 19.12
CA HIS D 183 -3.51 13.06 17.71
C HIS D 183 -4.66 12.76 16.77
N CYS D 184 -5.70 12.06 17.22
CA CYS D 184 -6.85 11.76 16.39
C CYS D 184 -8.13 11.83 17.23
N SER D 185 -8.26 12.88 18.03
CA SER D 185 -9.40 13.01 18.92
C SER D 185 -10.68 13.16 18.12
N PHE D 186 -11.66 12.30 18.42
CA PHE D 186 -12.94 12.32 17.73
C PHE D 186 -14.03 11.86 18.68
N ALA D 187 -15.24 12.40 18.47
CA ALA D 187 -16.42 11.99 19.23
C ALA D 187 -17.63 12.11 18.32
N SER D 188 -18.59 11.21 18.53
CA SER D 188 -19.79 11.15 17.71
C SER D 188 -21.02 11.21 18.61
N TYR D 189 -22.11 11.72 18.04
CA TYR D 189 -23.39 11.78 18.75
C TYR D 189 -24.51 11.63 17.75
N GLU D 190 -25.57 10.92 18.16
CA GLU D 190 -26.74 10.75 17.30
C GLU D 190 -27.96 10.48 18.16
N THR D 191 -29.10 11.01 17.73
CA THR D 191 -30.37 10.81 18.42
C THR D 191 -31.50 10.92 17.40
N ASN D 192 -32.67 10.40 17.80
CA ASN D 192 -33.88 10.49 16.99
C ASN D 192 -34.97 11.30 17.69
N THR D 193 -34.60 12.15 18.65
CA THR D 193 -35.58 12.94 19.37
C THR D 193 -36.31 13.89 18.43
N CYS D 194 -37.60 14.05 18.65
CA CYS D 194 -38.42 14.99 17.89
C CYS D 194 -38.52 16.29 18.69
N ALA D 195 -37.43 17.06 18.66
CA ALA D 195 -37.36 18.34 19.35
C ALA D 195 -37.60 19.46 18.35
N LEU D 196 -38.51 20.37 18.70
CA LEU D 196 -38.79 21.51 17.82
C LEU D 196 -37.52 22.29 17.50
N ASN D 197 -36.60 22.35 18.45
CA ASN D 197 -35.32 23.04 18.26
C ASN D 197 -34.23 22.21 18.90
N TYR D 198 -33.16 21.93 18.15
CA TYR D 198 -32.07 21.09 18.60
C TYR D 198 -30.96 21.88 19.29
N SER D 199 -31.07 23.20 19.36
CA SER D 199 -29.98 24.02 19.92
C SER D 199 -29.61 23.55 21.32
N LYS D 200 -30.61 23.38 22.19
CA LYS D 200 -30.34 22.94 23.54
C LYS D 200 -29.60 21.60 23.55
N CYS D 201 -30.07 20.65 22.74
CA CYS D 201 -29.42 19.34 22.67
C CYS D 201 -27.98 19.47 22.19
N ILE D 202 -27.76 20.14 21.06
CA ILE D 202 -26.42 20.27 20.51
C ILE D 202 -25.50 20.94 21.51
N CYS D 203 -25.91 22.09 22.04
CA CYS D 203 -25.08 22.81 23.01
C CYS D 203 -24.72 21.92 24.19
N GLY D 204 -25.66 21.08 24.64
CA GLY D 204 -25.37 20.15 25.71
C GLY D 204 -24.22 19.21 25.37
N VAL D 205 -24.18 18.74 24.12
CA VAL D 205 -23.09 17.88 23.68
C VAL D 205 -21.80 18.69 23.53
N LEU D 206 -21.90 19.90 22.99
CA LEU D 206 -20.71 20.71 22.78
C LEU D 206 -20.01 21.02 24.10
N ARG D 207 -20.78 21.33 25.15
CA ARG D 207 -20.15 21.62 26.44
C ARG D 207 -19.30 20.45 26.91
N VAL D 208 -19.77 19.22 26.69
CA VAL D 208 -19.02 18.05 27.14
C VAL D 208 -17.68 17.95 26.42
N PHE D 209 -17.68 18.18 25.11
CA PHE D 209 -16.49 17.95 24.30
C PHE D 209 -15.77 19.23 23.87
N ASP D 210 -16.49 20.33 23.67
CA ASP D 210 -15.91 21.61 23.30
C ASP D 210 -14.89 21.43 22.16
N PRO D 211 -15.31 20.91 21.02
CA PRO D 211 -14.35 20.53 19.98
C PRO D 211 -13.82 21.72 19.21
N GLU D 212 -12.58 21.57 18.72
CA GLU D 212 -12.01 22.56 17.81
C GLU D 212 -12.92 22.78 16.61
N ARG D 213 -13.51 21.70 16.09
CA ARG D 213 -14.44 21.80 14.97
C ARG D 213 -15.42 20.64 15.05
N PHE D 214 -16.60 20.84 14.47
CA PHE D 214 -17.59 19.78 14.43
C PHE D 214 -18.50 19.99 13.23
N SER D 215 -19.12 18.89 12.79
CA SER D 215 -20.15 18.94 11.78
C SER D 215 -21.46 18.45 12.40
N VAL D 216 -22.57 18.95 11.86
CA VAL D 216 -23.90 18.55 12.31
C VAL D 216 -24.76 18.35 11.08
N ILE D 217 -25.37 17.17 10.96
CA ILE D 217 -26.24 16.84 9.84
C ILE D 217 -27.61 16.49 10.39
N VAL D 218 -28.66 17.05 9.77
CA VAL D 218 -30.03 16.90 10.23
C VAL D 218 -30.87 16.40 9.07
N PHE D 219 -31.64 15.34 9.30
CA PHE D 219 -32.61 14.85 8.34
C PHE D 219 -34.00 15.29 8.79
N ILE D 220 -34.64 16.11 7.95
CA ILE D 220 -35.95 16.67 8.26
C ILE D 220 -37.00 15.92 7.47
N ASP D 221 -37.93 15.29 8.17
CA ASP D 221 -39.09 14.71 7.51
C ASP D 221 -40.20 15.76 7.39
N PRO D 222 -41.10 15.63 6.42
CA PRO D 222 -42.09 16.69 6.20
C PRO D 222 -43.14 16.78 7.29
N ASP D 223 -43.54 15.67 7.89
CA ASP D 223 -44.68 15.64 8.80
C ASP D 223 -44.29 15.72 10.27
N SER D 224 -43.00 15.88 10.58
CA SER D 224 -42.60 16.05 11.96
C SER D 224 -42.76 17.50 12.39
N ALA D 225 -42.81 17.71 13.71
CA ALA D 225 -42.94 19.06 14.24
C ALA D 225 -41.82 19.96 13.73
N VAL D 226 -40.58 19.48 13.81
CA VAL D 226 -39.46 20.23 13.27
C VAL D 226 -39.62 20.45 11.76
N GLY D 227 -40.22 19.48 11.07
CA GLY D 227 -40.42 19.64 9.64
C GLY D 227 -41.39 20.75 9.31
N LYS D 228 -42.56 20.73 9.94
CA LYS D 228 -43.52 21.83 9.77
C LYS D 228 -42.89 23.16 10.16
N SER D 229 -42.00 23.15 11.16
CA SER D 229 -41.35 24.38 11.59
C SER D 229 -40.31 24.84 10.59
N TYR D 230 -39.52 23.92 10.04
CA TYR D 230 -38.46 24.28 9.11
C TYR D 230 -39.02 24.95 7.86
N HIS D 231 -40.02 24.33 7.24
CA HIS D 231 -40.57 24.84 5.99
C HIS D 231 -41.38 26.12 6.17
N SER D 232 -41.73 26.48 7.41
CA SER D 232 -42.42 27.72 7.70
C SER D 232 -41.46 28.82 8.12
N GLY D 233 -40.24 28.82 7.59
CA GLY D 233 -39.24 29.81 7.92
C GLY D 233 -38.70 29.73 9.34
N GLY D 234 -39.12 28.73 10.13
CA GLY D 234 -38.66 28.64 11.49
C GLY D 234 -37.25 28.11 11.61
N THR D 235 -36.66 28.35 12.77
CA THR D 235 -35.33 27.82 13.09
C THR D 235 -35.46 26.44 13.73
N ILE D 236 -34.36 25.69 13.68
CA ILE D 236 -34.38 24.30 14.14
C ILE D 236 -33.21 24.03 15.09
N GLY D 237 -32.32 25.01 15.25
CA GLY D 237 -31.27 24.92 16.24
C GLY D 237 -29.88 24.71 15.70
N VAL D 238 -29.67 24.79 14.38
CA VAL D 238 -28.35 24.61 13.78
C VAL D 238 -27.80 25.90 13.21
N GLU D 239 -28.48 27.02 13.41
CA GLU D 239 -28.09 28.27 12.79
C GLU D 239 -26.89 28.88 13.53
N PRO D 240 -26.06 29.66 12.84
CA PRO D 240 -24.84 30.19 13.49
C PRO D 240 -25.12 30.96 14.77
N GLU D 241 -26.32 31.53 14.92
CA GLU D 241 -26.63 32.31 16.11
C GLU D 241 -26.42 31.51 17.38
N TYR D 242 -26.77 30.23 17.38
CA TYR D 242 -26.66 29.40 18.58
C TYR D 242 -25.23 29.02 18.92
N TYR D 243 -24.23 29.44 18.13
CA TYR D 243 -22.84 29.02 18.32
C TYR D 243 -21.93 30.21 18.09
N PRO D 244 -22.01 31.22 18.97
CA PRO D 244 -21.16 32.41 18.78
C PRO D 244 -19.68 32.12 18.90
N ASN D 245 -19.29 31.02 19.55
CA ASN D 245 -17.89 30.65 19.64
C ASN D 245 -17.39 29.95 18.38
N TYR D 246 -18.28 29.52 17.50
CA TYR D 246 -17.91 28.81 16.28
C TYR D 246 -18.26 29.63 15.04
N GLU D 247 -17.49 29.40 13.98
CA GLU D 247 -17.72 30.03 12.69
C GLU D 247 -18.16 28.95 11.71
N ALA D 248 -19.21 29.24 10.94
CA ALA D 248 -19.78 28.26 10.02
C ALA D 248 -19.02 28.32 8.70
N HIS D 249 -18.23 27.29 8.41
CA HIS D 249 -17.41 27.30 7.20
C HIS D 249 -18.21 26.92 5.96
N HIS D 250 -19.16 25.99 6.07
CA HIS D 250 -19.95 25.61 4.90
C HIS D 250 -21.25 24.96 5.34
N ARG D 251 -22.31 25.19 4.55
CA ARG D 251 -23.61 24.58 4.77
C ARG D 251 -24.12 24.00 3.46
N THR D 252 -24.86 22.90 3.57
CA THR D 252 -25.50 22.27 2.43
C THR D 252 -26.95 21.96 2.77
N VAL D 253 -27.84 22.20 1.81
CA VAL D 253 -29.25 21.89 1.94
C VAL D 253 -29.67 21.14 0.68
N ASN D 254 -30.19 19.94 0.86
CA ASN D 254 -30.58 19.10 -0.28
C ASN D 254 -31.92 18.45 -0.01
N GLU D 255 -32.72 18.32 -1.07
CA GLU D 255 -33.91 17.47 -1.06
C GLU D 255 -33.51 16.18 -1.77
N TYR D 256 -32.93 15.25 -1.02
CA TYR D 256 -32.44 14.01 -1.61
C TYR D 256 -33.56 13.15 -2.15
N THR D 257 -34.79 13.33 -1.65
CA THR D 257 -35.97 12.66 -2.19
C THR D 257 -37.15 13.59 -1.98
N PRO D 258 -38.14 13.57 -2.87
CA PRO D 258 -39.25 14.52 -2.74
C PRO D 258 -39.84 14.54 -1.34
N GLY D 259 -40.01 15.74 -0.80
CA GLY D 259 -40.57 15.94 0.51
C GLY D 259 -39.58 15.91 1.65
N HIS D 260 -38.49 15.15 1.52
CA HIS D 260 -37.52 15.01 2.59
C HIS D 260 -36.27 15.83 2.30
N TRP D 261 -35.74 16.46 3.34
CA TRP D 261 -34.59 17.35 3.22
C TRP D 261 -33.52 16.94 4.22
N VAL D 262 -32.29 17.39 3.96
CA VAL D 262 -31.17 17.16 4.86
C VAL D 262 -30.33 18.43 4.89
N LEU D 263 -29.90 18.81 6.10
CA LEU D 263 -29.07 19.99 6.32
C LEU D 263 -27.79 19.58 7.01
N LYS D 264 -26.66 20.09 6.51
CA LYS D 264 -25.36 19.83 7.12
C LYS D 264 -24.61 21.15 7.27
N VAL D 265 -23.84 21.27 8.35
CA VAL D 265 -23.07 22.47 8.63
C VAL D 265 -21.71 22.06 9.18
N ASN D 266 -20.65 22.62 8.63
CA ASN D 266 -19.30 22.49 9.17
C ASN D 266 -18.99 23.73 10.00
N TYR D 267 -18.71 23.54 11.29
CA TYR D 267 -18.36 24.62 12.19
C TYR D 267 -16.90 24.51 12.60
N VAL D 268 -16.28 25.66 12.84
CA VAL D 268 -14.90 25.73 13.30
C VAL D 268 -14.81 26.79 14.38
N LYS D 269 -14.01 26.53 15.40
CA LYS D 269 -13.88 27.45 16.52
C LYS D 269 -13.05 28.66 16.13
N ARG D 270 -13.47 29.82 16.59
CA ARG D 270 -12.80 31.08 16.26
C ARG D 270 -11.50 31.17 17.05
N ALA D 271 -10.82 32.32 16.93
CA ALA D 271 -9.59 32.57 17.66
C ALA D 271 -9.85 33.51 18.84
N ARG E 5 -5.96 -8.18 -2.07
CA ARG E 5 -5.30 -6.95 -1.63
C ARG E 5 -4.21 -7.24 -0.61
N ILE E 6 -3.11 -6.49 -0.70
CA ILE E 6 -2.01 -6.59 0.26
C ILE E 6 -1.66 -5.19 0.74
N ASN E 7 -1.15 -5.12 1.98
CA ASN E 7 -0.81 -3.85 2.61
C ASN E 7 0.62 -3.48 2.22
N GLN E 8 0.75 -2.61 1.23
CA GLN E 8 2.06 -2.18 0.72
C GLN E 8 2.36 -0.80 1.29
N GLN E 9 3.33 -0.74 2.20
CA GLN E 9 3.81 0.55 2.70
C GLN E 9 4.25 1.42 1.52
N THR E 10 3.87 2.69 1.57
CA THR E 10 4.20 3.62 0.51
C THR E 10 4.22 5.04 1.05
N GLU E 11 5.03 5.89 0.43
CA GLU E 11 5.18 7.27 0.88
C GLU E 11 3.96 8.09 0.47
N CYS E 12 3.53 8.96 1.38
CA CYS E 12 2.42 9.85 1.05
C CYS E 12 2.83 10.78 -0.09
N PRO E 13 1.96 11.03 -1.05
CA PRO E 13 2.30 11.99 -2.12
C PRO E 13 2.71 13.34 -1.54
N SER E 14 3.82 13.86 -2.04
CA SER E 14 4.28 15.18 -1.61
C SER E 14 3.33 16.28 -2.10
N SER E 15 3.15 16.36 -3.41
CA SER E 15 2.24 17.31 -4.02
C SER E 15 0.93 16.62 -4.39
N VAL E 16 -0.07 17.42 -4.71
CA VAL E 16 -1.33 16.87 -5.20
C VAL E 16 -1.14 16.20 -6.54
N HIS E 17 -0.14 16.65 -7.33
CA HIS E 17 0.14 16.00 -8.59
C HIS E 17 0.67 14.58 -8.39
N ASP E 18 1.46 14.37 -7.34
CA ASP E 18 1.96 13.03 -7.03
C ASP E 18 0.80 12.07 -6.78
N LEU E 19 -0.21 12.51 -6.03
CA LEU E 19 -1.35 11.65 -5.75
C LEU E 19 -2.08 11.26 -7.03
N VAL E 20 -2.11 12.15 -8.03
CA VAL E 20 -2.79 11.83 -9.28
C VAL E 20 -1.96 10.87 -10.12
N SER E 21 -0.65 11.08 -10.17
CA SER E 21 0.21 10.20 -10.96
C SER E 21 0.34 8.83 -10.32
N CYS E 22 0.68 8.79 -9.03
CA CYS E 22 0.96 7.53 -8.35
C CYS E 22 -0.33 6.78 -8.02
N TRP E 23 -1.01 7.19 -6.94
CA TRP E 23 -2.21 6.48 -6.50
C TRP E 23 -3.27 6.43 -7.59
N GLY E 24 -3.36 7.47 -8.41
CA GLY E 24 -4.32 7.52 -9.49
C GLY E 24 -3.75 7.08 -10.82
N THR E 31 -11.30 4.55 -21.08
CA THR E 31 -11.29 4.11 -22.48
C THR E 31 -12.59 4.52 -23.17
N SER E 32 -13.00 5.76 -22.93
CA SER E 32 -14.21 6.30 -23.54
C SER E 32 -14.24 7.80 -23.26
N THR E 33 -14.96 8.53 -24.12
CA THR E 33 -14.90 9.99 -24.11
C THR E 33 -15.41 10.55 -22.79
N ASP E 34 -14.92 11.73 -22.45
CA ASP E 34 -15.40 12.47 -21.28
C ASP E 34 -16.91 12.63 -21.34
N SER E 35 -17.56 12.54 -20.18
CA SER E 35 -19.01 12.48 -20.11
C SER E 35 -19.68 13.83 -19.86
N GLY E 36 -18.92 14.86 -19.47
CA GLY E 36 -19.52 16.15 -19.24
C GLY E 36 -20.13 16.73 -20.50
N LEU E 37 -20.58 17.98 -20.44
CA LEU E 37 -20.99 18.68 -21.65
C LEU E 37 -20.60 20.15 -21.66
N GLU E 38 -19.95 20.65 -20.62
CA GLU E 38 -19.41 22.00 -20.65
C GLU E 38 -18.53 22.22 -19.44
N LYS E 39 -17.45 22.98 -19.64
CA LYS E 39 -16.56 23.39 -18.58
C LYS E 39 -16.59 24.92 -18.48
N ARG E 40 -16.36 25.42 -17.27
CA ARG E 40 -16.44 26.86 -17.01
C ARG E 40 -15.36 27.25 -16.02
N PHE E 41 -14.59 28.28 -16.38
CA PHE E 41 -13.51 28.78 -15.55
C PHE E 41 -13.69 30.29 -15.36
N GLU E 42 -13.68 30.74 -14.10
CA GLU E 42 -13.95 32.13 -13.78
C GLU E 42 -12.93 32.65 -12.77
N LEU E 43 -12.46 33.87 -13.00
CA LEU E 43 -11.56 34.55 -12.09
C LEU E 43 -12.14 35.92 -11.75
N ASN E 44 -12.14 36.26 -10.46
CA ASN E 44 -12.49 37.60 -10.01
C ASN E 44 -11.30 38.21 -9.28
N PHE E 45 -11.26 39.53 -9.25
CA PHE E 45 -10.06 40.28 -8.87
C PHE E 45 -10.30 41.09 -7.60
N ALA E 46 -9.22 41.28 -6.84
CA ALA E 46 -9.29 42.11 -5.65
C ALA E 46 -9.67 43.54 -6.00
N GLN E 47 -9.21 44.03 -7.15
CA GLN E 47 -9.55 45.36 -7.62
C GLN E 47 -9.95 45.29 -9.09
N PRO E 48 -10.90 46.12 -9.52
CA PRO E 48 -11.28 46.12 -10.94
C PRO E 48 -10.09 46.51 -11.82
N VAL E 49 -10.06 45.93 -13.02
CA VAL E 49 -8.95 46.12 -13.95
C VAL E 49 -9.46 46.86 -15.17
N ASP E 50 -8.62 47.76 -15.70
CA ASP E 50 -8.96 48.45 -16.94
C ASP E 50 -9.17 47.45 -18.06
N ILE E 51 -10.19 47.70 -18.89
CA ILE E 51 -10.53 46.77 -19.95
C ILE E 51 -9.34 46.53 -20.86
N GLY E 52 -8.60 47.58 -21.19
CA GLY E 52 -7.51 47.49 -22.15
C GLY E 52 -6.19 47.01 -21.60
N THR E 53 -6.09 46.69 -20.31
CA THR E 53 -4.81 46.28 -19.73
C THR E 53 -4.39 44.92 -20.28
N VAL E 54 -5.29 43.94 -20.25
CA VAL E 54 -5.00 42.59 -20.70
C VAL E 54 -5.41 42.50 -22.17
N THR E 55 -4.44 42.66 -23.06
CA THR E 55 -4.74 42.72 -24.48
C THR E 55 -5.27 41.38 -24.98
N VAL E 56 -5.88 41.41 -26.17
CA VAL E 56 -6.41 40.20 -26.78
C VAL E 56 -5.29 39.22 -27.08
N LYS E 57 -4.10 39.72 -27.43
CA LYS E 57 -2.98 38.84 -27.72
C LYS E 57 -2.66 37.94 -26.55
N GLN E 58 -2.71 38.48 -25.33
CA GLN E 58 -2.32 37.72 -24.15
C GLN E 58 -3.40 36.72 -23.75
N LEU E 59 -4.68 37.09 -23.93
CA LEU E 59 -5.74 36.14 -23.63
C LEU E 59 -5.74 34.98 -24.61
N ALA E 60 -5.41 35.25 -25.87
CA ALA E 60 -5.34 34.18 -26.86
C ALA E 60 -4.17 33.24 -26.59
N SER E 61 -3.04 33.78 -26.10
CA SER E 61 -1.89 32.93 -25.82
C SER E 61 -2.19 31.95 -24.70
N VAL E 62 -2.97 32.37 -23.70
CA VAL E 62 -3.37 31.47 -22.62
C VAL E 62 -4.16 30.29 -23.20
N MET E 63 -5.15 30.60 -24.03
CA MET E 63 -6.00 29.55 -24.59
C MET E 63 -5.26 28.65 -25.57
N GLU E 64 -4.08 29.04 -26.04
CA GLU E 64 -3.25 28.13 -26.83
C GLU E 64 -2.85 26.92 -26.00
N ARG E 65 -2.58 27.13 -24.71
CA ARG E 65 -2.24 26.02 -23.83
C ARG E 65 -3.39 25.03 -23.72
N ALA E 66 -4.63 25.50 -23.89
CA ALA E 66 -5.80 24.64 -23.86
C ALA E 66 -6.17 24.11 -25.24
N GLY E 67 -5.33 24.34 -26.26
CA GLY E 67 -5.59 23.81 -27.58
C GLY E 67 -6.60 24.58 -28.38
N GLU E 68 -6.77 25.88 -28.10
CA GLU E 68 -7.75 26.70 -28.77
C GLU E 68 -7.05 27.79 -29.58
N SER E 69 -7.68 28.18 -30.69
CA SER E 69 -7.18 29.24 -31.56
C SER E 69 -8.25 30.30 -31.71
N LEU E 70 -7.84 31.57 -31.59
CA LEU E 70 -8.79 32.67 -31.69
C LEU E 70 -9.33 32.77 -33.12
N ARG E 71 -10.60 33.18 -33.22
CA ARG E 71 -11.27 33.27 -34.51
C ARG E 71 -11.91 34.64 -34.71
N GLN E 72 -12.67 35.09 -33.71
CA GLN E 72 -13.34 36.39 -33.75
C GLN E 72 -13.21 37.04 -32.38
N ASN E 73 -13.14 38.36 -32.38
CA ASN E 73 -13.03 39.11 -31.13
C ASN E 73 -13.84 40.40 -31.23
N SER E 74 -14.88 40.50 -30.42
CA SER E 74 -15.67 41.71 -30.31
C SER E 74 -15.17 42.57 -29.15
N ALA E 75 -15.50 43.85 -29.20
CA ALA E 75 -15.09 44.82 -28.18
C ALA E 75 -16.25 45.78 -27.94
N GLU E 76 -17.08 45.46 -26.95
CA GLU E 76 -18.23 46.29 -26.60
C GLU E 76 -17.88 47.18 -25.41
N LEU E 77 -18.88 47.94 -24.96
CA LEU E 77 -18.69 48.88 -23.87
C LEU E 77 -18.58 48.11 -22.55
N GLY E 78 -17.36 48.02 -22.03
CA GLY E 78 -17.09 47.30 -20.80
C GLY E 78 -16.93 45.80 -20.95
N ILE E 79 -16.93 45.27 -22.17
CA ILE E 79 -16.87 43.83 -22.41
C ILE E 79 -15.87 43.56 -23.51
N HIS E 80 -15.15 42.45 -23.39
CA HIS E 80 -14.33 41.92 -24.48
C HIS E 80 -14.72 40.46 -24.69
N THR E 81 -15.17 40.15 -25.91
CA THR E 81 -15.59 38.80 -26.27
C THR E 81 -14.55 38.18 -27.20
N LEU E 82 -14.05 37.01 -26.82
CA LEU E 82 -13.14 36.24 -27.67
C LEU E 82 -13.83 34.92 -28.00
N LYS E 83 -14.07 34.69 -29.28
CA LYS E 83 -14.69 33.45 -29.75
C LYS E 83 -13.62 32.52 -30.28
N PHE E 84 -13.63 31.29 -29.80
CA PHE E 84 -12.72 30.24 -30.25
C PHE E 84 -13.52 29.13 -30.91
N ASP E 85 -12.82 28.12 -31.42
CA ASP E 85 -13.48 27.01 -32.08
C ASP E 85 -14.44 26.30 -31.13
N ARG E 86 -14.03 26.12 -29.88
CA ARG E 86 -14.80 25.34 -28.92
C ARG E 86 -15.02 26.05 -27.59
N SER E 87 -14.72 27.35 -27.50
CA SER E 87 -14.83 28.06 -26.23
C SER E 87 -15.17 29.52 -26.48
N LEU E 88 -15.73 30.15 -25.46
CA LEU E 88 -16.15 31.55 -25.50
C LEU E 88 -15.63 32.25 -24.25
N LEU E 89 -14.84 33.30 -24.45
CA LEU E 89 -14.22 34.03 -23.35
C LEU E 89 -14.81 35.43 -23.24
N VAL E 90 -15.28 35.79 -22.05
CA VAL E 90 -15.75 37.13 -21.74
C VAL E 90 -14.79 37.74 -20.72
N PHE E 91 -14.48 39.02 -20.90
CA PHE E 91 -13.54 39.73 -20.03
C PHE E 91 -14.09 41.12 -19.75
N THR E 92 -14.48 41.36 -18.50
CA THR E 92 -14.93 42.67 -18.04
C THR E 92 -13.96 43.19 -16.98
N ALA E 93 -14.31 44.33 -16.39
CA ALA E 93 -13.51 44.90 -15.33
C ALA E 93 -13.58 44.06 -14.06
N LYS E 94 -14.63 43.26 -13.88
CA LYS E 94 -14.84 42.50 -12.67
C LYS E 94 -14.38 41.04 -12.76
N GLN E 95 -14.40 40.44 -13.95
CA GLN E 95 -14.18 39.01 -14.04
C GLN E 95 -13.67 38.63 -15.42
N ILE E 96 -13.03 37.47 -15.47
CA ILE E 96 -12.73 36.76 -16.71
C ILE E 96 -13.48 35.43 -16.64
N VAL E 97 -14.33 35.17 -17.63
CA VAL E 97 -15.09 33.94 -17.70
C VAL E 97 -14.87 33.30 -19.07
N VAL E 98 -14.64 32.00 -19.07
CA VAL E 98 -14.45 31.25 -20.30
C VAL E 98 -15.23 29.94 -20.18
N ARG E 99 -16.13 29.70 -21.12
CA ARG E 99 -16.88 28.45 -21.21
C ARG E 99 -16.42 27.68 -22.44
N SER E 100 -16.33 26.35 -22.31
CA SER E 100 -15.82 25.53 -23.40
C SER E 100 -16.55 24.20 -23.42
N SER E 101 -16.38 23.48 -24.52
CA SER E 101 -16.88 22.12 -24.64
C SER E 101 -15.97 21.15 -23.90
N VAL E 102 -16.41 19.89 -23.84
CA VAL E 102 -15.67 18.88 -23.09
C VAL E 102 -14.30 18.63 -23.72
N SER E 103 -14.23 18.65 -25.05
CA SER E 103 -12.98 18.32 -25.72
C SER E 103 -11.86 19.31 -25.39
N VAL E 104 -12.20 20.48 -24.86
CA VAL E 104 -11.20 21.46 -24.48
C VAL E 104 -10.62 21.07 -23.12
N MET E 105 -9.29 21.00 -23.04
CA MET E 105 -8.60 20.76 -21.78
C MET E 105 -8.43 22.10 -21.05
N LEU E 106 -9.56 22.58 -20.51
CA LEU E 106 -9.59 23.92 -19.95
C LEU E 106 -8.69 24.06 -18.72
N HIS E 107 -8.47 22.96 -17.98
CA HIS E 107 -7.62 23.02 -16.80
C HIS E 107 -6.19 23.41 -17.16
N GLU E 108 -5.77 23.20 -18.40
CA GLU E 108 -4.43 23.57 -18.83
C GLU E 108 -4.26 25.08 -18.99
N ALA E 109 -5.35 25.84 -18.98
CA ALA E 109 -5.28 27.30 -19.07
C ALA E 109 -5.30 27.98 -17.71
N VAL E 110 -5.53 27.23 -16.63
CA VAL E 110 -5.63 27.82 -15.29
C VAL E 110 -4.32 28.51 -14.94
N HIS E 111 -3.26 27.71 -14.76
CA HIS E 111 -1.97 28.29 -14.36
C HIS E 111 -1.49 29.38 -15.31
N PRO E 112 -1.48 29.18 -16.62
CA PRO E 112 -1.08 30.30 -17.51
C PRO E 112 -1.91 31.55 -17.31
N MET E 113 -3.24 31.41 -17.23
CA MET E 113 -4.09 32.58 -16.98
C MET E 113 -3.68 33.26 -15.68
N LEU E 114 -3.45 32.49 -14.62
CA LEU E 114 -3.02 33.08 -13.36
C LEU E 114 -1.70 33.80 -13.50
N GLU E 115 -0.76 33.21 -14.24
CA GLU E 115 0.52 33.87 -14.48
C GLU E 115 0.31 35.17 -15.25
N LEU E 116 -0.64 35.18 -16.19
CA LEU E 116 -0.94 36.40 -16.92
C LEU E 116 -1.43 37.49 -15.98
N MET E 117 -2.20 37.12 -14.96
CA MET E 117 -2.67 38.10 -13.98
C MET E 117 -1.49 38.66 -13.17
N ARG E 118 -0.57 37.79 -12.76
CA ARG E 118 0.61 38.26 -12.02
C ARG E 118 1.39 39.31 -12.83
N SER E 119 1.61 39.03 -14.12
CA SER E 119 2.43 39.91 -14.93
C SER E 119 1.84 41.32 -15.01
N HIS E 120 0.53 41.45 -14.87
CA HIS E 120 -0.14 42.75 -14.84
C HIS E 120 -0.43 43.23 -13.44
N ASN E 121 0.11 42.56 -12.41
CA ASN E 121 -0.09 42.95 -11.02
C ASN E 121 -1.56 42.85 -10.62
N ILE E 122 -2.30 41.95 -11.25
CA ILE E 122 -3.69 41.70 -10.93
C ILE E 122 -3.76 40.58 -9.90
N ILE E 123 -4.44 40.83 -8.79
CA ILE E 123 -4.61 39.85 -7.72
C ILE E 123 -5.94 39.14 -7.93
N VAL E 124 -5.89 37.83 -8.09
CA VAL E 124 -7.11 37.02 -8.09
C VAL E 124 -7.46 36.72 -6.63
N ASP E 125 -8.67 37.09 -6.23
CA ASP E 125 -9.15 36.85 -4.87
C ASP E 125 -10.33 35.87 -4.84
N TRP E 126 -10.82 35.44 -6.00
CA TRP E 126 -11.90 34.47 -6.07
C TRP E 126 -11.84 33.80 -7.44
N ALA E 127 -12.07 32.49 -7.46
CA ALA E 127 -11.99 31.72 -8.69
C ALA E 127 -12.87 30.48 -8.58
N SER E 128 -13.34 30.01 -9.73
CA SER E 128 -14.16 28.81 -9.75
C SER E 128 -13.93 28.03 -11.04
N PHE E 129 -13.93 26.71 -10.92
CA PHE E 129 -13.93 25.82 -12.08
C PHE E 129 -15.16 24.92 -11.97
N MET E 130 -15.97 24.90 -13.02
CA MET E 130 -17.26 24.23 -12.99
C MET E 130 -17.42 23.34 -14.22
N ARG E 131 -18.00 22.17 -14.02
CA ARG E 131 -18.33 21.28 -15.13
C ARG E 131 -19.69 20.66 -14.86
N VAL E 132 -20.50 20.58 -15.92
CA VAL E 132 -21.82 19.97 -15.85
C VAL E 132 -21.71 18.57 -16.42
N ASN E 133 -21.95 17.56 -15.57
CA ASN E 133 -21.86 16.17 -15.97
C ASN E 133 -23.25 15.61 -16.29
N TYR E 134 -23.27 14.65 -17.22
CA TYR E 134 -24.48 13.89 -17.51
C TYR E 134 -24.27 12.40 -17.39
N GLY E 135 -23.01 11.93 -17.32
CA GLY E 135 -22.71 10.58 -16.89
C GLY E 135 -22.00 10.61 -15.55
N SER E 136 -21.85 9.43 -14.97
CA SER E 136 -21.27 9.35 -13.64
C SER E 136 -19.75 9.40 -13.72
N PRO E 137 -19.08 10.09 -12.79
CA PRO E 137 -17.61 10.01 -12.73
C PRO E 137 -17.11 8.65 -12.30
N TRP E 138 -17.97 7.78 -11.80
CA TRP E 138 -17.59 6.44 -11.38
C TRP E 138 -17.80 5.40 -12.49
N ASP E 139 -17.83 5.83 -13.75
CA ASP E 139 -17.88 4.93 -14.89
C ASP E 139 -16.43 4.66 -15.31
N MET E 140 -15.94 3.46 -14.98
CA MET E 140 -14.53 3.15 -15.19
C MET E 140 -14.17 2.98 -16.66
N THR E 141 -15.15 2.94 -17.56
CA THR E 141 -14.84 2.92 -18.99
C THR E 141 -14.64 4.32 -19.55
N SER E 142 -15.07 5.36 -18.84
CA SER E 142 -14.98 6.73 -19.32
C SER E 142 -13.72 7.39 -18.80
N GLU E 143 -13.23 8.38 -19.57
CA GLU E 143 -12.12 9.21 -19.13
C GLU E 143 -12.55 10.24 -18.09
N THR E 144 -13.85 10.39 -17.86
CA THR E 144 -14.37 11.45 -16.99
C THR E 144 -13.57 11.58 -15.70
N SER E 145 -13.40 10.48 -14.97
CA SER E 145 -12.71 10.53 -13.69
C SER E 145 -11.26 10.95 -13.86
N ASP E 146 -10.61 10.47 -14.93
CA ASP E 146 -9.21 10.83 -15.15
C ASP E 146 -9.05 12.32 -15.42
N ILE E 147 -9.98 12.91 -16.16
CA ILE E 147 -9.89 14.34 -16.45
C ILE E 147 -10.18 15.15 -15.19
N MET E 148 -11.14 14.70 -14.38
CA MET E 148 -11.44 15.40 -13.13
C MET E 148 -10.23 15.41 -12.21
N ALA E 149 -9.47 14.31 -12.17
CA ALA E 149 -8.29 14.26 -11.32
C ALA E 149 -7.24 15.27 -11.77
N HIS E 150 -7.08 15.42 -13.08
CA HIS E 150 -6.13 16.42 -13.59
C HIS E 150 -6.65 17.84 -13.36
N GLU E 151 -7.94 18.06 -13.58
CA GLU E 151 -8.53 19.36 -13.28
C GLU E 151 -8.32 19.71 -11.80
N TYR E 152 -8.55 18.75 -10.91
CA TYR E 152 -8.31 19.01 -9.49
C TYR E 152 -6.83 19.21 -9.20
N ALA E 153 -5.95 18.55 -9.95
CA ALA E 153 -4.52 18.75 -9.75
C ALA E 153 -4.12 20.20 -10.01
N GLU E 154 -4.50 20.73 -11.18
CA GLU E 154 -4.16 22.11 -11.52
C GLU E 154 -4.84 23.08 -10.57
N LEU E 155 -6.12 22.85 -10.26
CA LEU E 155 -6.88 23.80 -9.45
C LEU E 155 -6.36 23.83 -8.01
N LYS E 156 -6.25 22.66 -7.38
CA LYS E 156 -5.77 22.60 -6.01
C LYS E 156 -4.32 23.08 -5.93
N SER E 157 -3.52 22.77 -6.95
CA SER E 157 -2.15 23.25 -6.98
C SER E 157 -2.11 24.78 -7.05
N ALA E 158 -2.99 25.37 -7.85
CA ALA E 158 -3.01 26.82 -7.98
C ALA E 158 -3.64 27.47 -6.75
N PHE E 159 -4.71 26.87 -6.22
CA PHE E 159 -5.44 27.40 -5.06
C PHE E 159 -5.45 26.32 -3.99
N PRO E 160 -4.37 26.17 -3.22
CA PRO E 160 -4.37 25.15 -2.17
C PRO E 160 -5.48 25.32 -1.15
N THR E 161 -5.92 26.54 -0.89
CA THR E 161 -7.00 26.79 0.06
C THR E 161 -8.38 26.67 -0.57
N GLY E 162 -8.46 26.33 -1.86
CA GLY E 162 -9.75 26.07 -2.49
C GLY E 162 -10.23 24.67 -2.20
N HIS E 163 -11.49 24.41 -2.58
CA HIS E 163 -12.12 23.13 -2.30
C HIS E 163 -13.06 22.74 -3.42
N PRO E 164 -13.14 21.45 -3.76
CA PRO E 164 -14.15 20.99 -4.70
C PRO E 164 -15.46 20.62 -4.01
N TYR E 165 -16.52 20.65 -4.80
CA TYR E 165 -17.86 20.30 -4.33
C TYR E 165 -18.60 19.59 -5.45
N LEU E 166 -19.54 18.72 -5.08
CA LEU E 166 -20.39 18.02 -6.04
C LEU E 166 -21.83 18.32 -5.68
N ALA E 167 -22.50 19.10 -6.53
CA ALA E 167 -23.88 19.52 -6.31
C ALA E 167 -24.79 18.62 -7.15
N GLY E 168 -25.58 17.79 -6.46
CA GLY E 168 -26.55 16.95 -7.12
C GLY E 168 -26.22 15.48 -7.02
N PRO E 169 -27.12 14.63 -7.52
CA PRO E 169 -26.85 13.19 -7.49
C PRO E 169 -25.66 12.83 -8.37
N VAL E 170 -24.70 12.11 -7.79
CA VAL E 170 -23.47 11.78 -8.51
C VAL E 170 -23.79 10.92 -9.73
N ASP E 171 -24.86 10.12 -9.68
CA ASP E 171 -25.21 9.22 -10.77
C ASP E 171 -26.19 9.85 -11.75
N ARG E 172 -26.68 11.05 -11.49
CA ARG E 172 -27.58 11.75 -12.40
C ARG E 172 -26.91 13.05 -12.86
N ASP E 173 -27.71 13.92 -13.46
CA ASP E 173 -27.22 15.25 -13.82
C ASP E 173 -26.82 16.00 -12.57
N HIS E 174 -25.61 16.58 -12.59
CA HIS E 174 -25.08 17.27 -11.43
C HIS E 174 -23.99 18.22 -11.89
N CYS E 175 -23.52 19.03 -10.96
CA CYS E 175 -22.42 19.96 -11.21
C CYS E 175 -21.29 19.69 -10.24
N PHE E 176 -20.06 19.73 -10.75
CA PHE E 176 -18.86 19.62 -9.94
C PHE E 176 -18.18 20.98 -9.93
N TYR E 177 -18.15 21.61 -8.77
CA TYR E 177 -17.51 22.90 -8.59
C TYR E 177 -16.16 22.75 -7.91
N PHE E 178 -15.25 23.67 -8.23
CA PHE E 178 -14.09 23.98 -7.41
C PHE E 178 -14.11 25.47 -7.15
N VAL E 179 -14.09 25.86 -5.88
CA VAL E 179 -14.23 27.27 -5.49
C VAL E 179 -13.08 27.65 -4.58
N TYR E 180 -12.33 28.67 -5.00
CA TYR E 180 -11.33 29.32 -4.17
C TYR E 180 -11.87 30.69 -3.75
N ASP E 181 -11.88 30.94 -2.44
CA ASP E 181 -12.38 32.20 -1.89
C ASP E 181 -11.28 32.83 -1.06
N GLY E 182 -10.60 33.83 -1.62
CA GLY E 182 -9.61 34.59 -0.89
C GLY E 182 -10.00 36.06 -0.79
N ILE E 183 -11.31 36.32 -0.75
CA ILE E 183 -11.80 37.69 -0.71
C ILE E 183 -11.49 38.30 0.65
N ASP E 184 -10.96 39.53 0.64
CA ASP E 184 -10.69 40.27 1.86
C ASP E 184 -12.01 40.85 2.37
N ARG E 185 -12.48 40.37 3.52
CA ARG E 185 -13.76 40.80 4.09
C ARG E 185 -13.59 41.58 5.38
N ASP E 186 -12.41 42.14 5.62
CA ASP E 186 -12.22 43.01 6.78
C ASP E 186 -13.17 44.20 6.66
N PRO E 187 -13.86 44.59 7.72
CA PRO E 187 -14.84 45.70 7.60
C PRO E 187 -14.28 46.92 6.90
N SER E 188 -12.97 47.17 7.00
CA SER E 188 -12.38 48.30 6.29
C SER E 188 -12.35 48.08 4.78
N SER E 189 -12.49 46.83 4.33
CA SER E 189 -12.42 46.53 2.90
C SER E 189 -13.68 47.00 2.20
N CYS E 190 -13.52 47.42 0.94
CA CYS E 190 -14.62 47.90 0.12
C CYS E 190 -14.96 46.93 -1.02
N ARG E 191 -14.42 45.72 -0.99
CA ARG E 191 -14.71 44.70 -1.99
C ARG E 191 -16.16 44.27 -1.84
N ARG E 192 -17.04 44.78 -2.72
CA ARG E 192 -18.44 44.41 -2.68
C ARG E 192 -18.65 43.03 -3.29
N GLU E 193 -19.73 42.37 -2.87
CA GLU E 193 -20.10 41.03 -3.35
C GLU E 193 -21.59 41.06 -3.67
N ASN E 194 -21.94 41.67 -4.80
CA ASN E 194 -23.33 41.74 -5.25
C ASN E 194 -23.40 41.29 -6.71
N ASP E 195 -22.76 40.17 -7.01
CA ASP E 195 -22.72 39.65 -8.37
C ASP E 195 -23.98 38.86 -8.68
N VAL E 196 -24.30 38.78 -9.96
CA VAL E 196 -25.41 37.98 -10.47
C VAL E 196 -24.82 36.93 -11.41
N GLN E 197 -25.22 35.68 -11.20
CA GLN E 197 -24.80 34.58 -12.06
C GLN E 197 -25.95 33.60 -12.18
N ILE E 198 -26.48 33.43 -13.39
CA ILE E 198 -27.61 32.56 -13.65
C ILE E 198 -27.24 31.68 -14.84
N ASN E 199 -27.14 30.38 -14.62
CA ASN E 199 -26.78 29.42 -15.65
C ASN E 199 -27.96 28.51 -15.93
N VAL E 200 -28.24 28.28 -17.21
CA VAL E 200 -29.33 27.41 -17.64
C VAL E 200 -28.76 26.41 -18.63
N TYR E 201 -28.68 25.15 -18.23
CA TYR E 201 -28.17 24.08 -19.08
C TYR E 201 -29.34 23.24 -19.57
N MET E 202 -29.43 23.07 -20.88
CA MET E 202 -30.57 22.40 -21.50
C MET E 202 -30.06 21.24 -22.34
N TYR E 203 -30.44 20.03 -21.95
CA TYR E 203 -29.93 18.80 -22.55
C TYR E 203 -30.92 18.25 -23.56
N ASN E 204 -30.39 17.76 -24.68
CA ASN E 204 -31.20 17.17 -25.76
C ASN E 204 -32.25 18.16 -26.25
N VAL E 205 -31.78 19.29 -26.76
CA VAL E 205 -32.66 20.31 -27.33
C VAL E 205 -32.87 20.01 -28.81
N GLN E 206 -33.87 20.64 -29.42
CA GLN E 206 -34.11 20.57 -30.85
C GLN E 206 -33.55 21.83 -31.51
N ALA E 207 -32.60 21.66 -32.41
CA ALA E 207 -31.99 22.79 -33.11
C ALA E 207 -31.35 22.34 -34.41
N GLU E 219 -23.15 25.29 -34.35
CA GLU E 219 -22.22 25.57 -33.25
C GLU E 219 -22.22 27.06 -32.92
N GLN E 220 -23.36 27.58 -32.49
CA GLN E 220 -23.49 28.99 -32.21
C GLN E 220 -22.74 29.36 -30.92
N GLN E 221 -22.01 30.46 -30.98
CA GLN E 221 -21.39 31.08 -29.80
C GLN E 221 -21.60 32.59 -29.95
N LEU E 222 -22.60 33.12 -29.25
CA LEU E 222 -23.00 34.50 -29.42
C LEU E 222 -23.17 35.16 -28.06
N LEU E 223 -22.81 36.44 -27.98
CA LEU E 223 -22.96 37.24 -26.78
C LEU E 223 -23.82 38.44 -27.09
N VAL E 224 -24.71 38.79 -26.16
CA VAL E 224 -25.55 39.98 -26.27
C VAL E 224 -25.49 40.73 -24.96
N SER E 225 -25.58 42.06 -25.04
CA SER E 225 -25.47 42.91 -23.87
C SER E 225 -26.27 44.18 -24.10
N HIS E 226 -26.87 44.69 -23.02
CA HIS E 226 -27.57 45.96 -23.05
C HIS E 226 -26.99 47.01 -22.10
N CYS E 227 -26.20 46.59 -21.11
CA CYS E 227 -25.55 47.52 -20.18
C CYS E 227 -24.04 47.29 -20.22
N ALA E 228 -23.32 48.21 -19.58
CA ALA E 228 -21.87 48.15 -19.53
C ALA E 228 -21.43 47.09 -18.53
N GLY E 229 -20.63 46.12 -18.98
CA GLY E 229 -20.20 45.03 -18.15
C GLY E 229 -21.23 43.95 -17.92
N GLU E 230 -22.46 44.14 -18.39
CA GLU E 230 -23.51 43.14 -18.29
C GLU E 230 -23.64 42.41 -19.61
N TYR E 231 -23.87 41.10 -19.55
CA TYR E 231 -23.89 40.30 -20.77
C TYR E 231 -24.82 39.11 -20.59
N GLU E 232 -25.26 38.56 -21.73
CA GLU E 232 -25.92 37.27 -21.81
C GLU E 232 -25.22 36.47 -22.90
N THR E 233 -24.84 35.24 -22.60
CA THR E 233 -24.17 34.38 -23.55
C THR E 233 -25.00 33.12 -23.78
N LEU E 234 -24.89 32.58 -24.98
CA LEU E 234 -25.60 31.36 -25.36
C LEU E 234 -24.67 30.53 -26.24
N ARG E 235 -24.43 29.28 -25.83
CA ARG E 235 -23.61 28.36 -26.60
C ARG E 235 -24.46 27.15 -26.99
N VAL E 236 -24.29 26.71 -28.23
CA VAL E 236 -24.99 25.54 -28.76
C VAL E 236 -23.95 24.61 -29.38
N SER E 237 -24.00 23.34 -28.98
CA SER E 237 -23.08 22.33 -29.50
C SER E 237 -23.87 21.17 -30.07
N THR E 238 -23.36 20.60 -31.16
CA THR E 238 -24.02 19.48 -31.83
C THR E 238 -23.08 18.28 -31.92
N THR E 242 -23.22 13.97 -27.71
CA THR E 242 -24.09 13.19 -28.60
C THR E 242 -25.28 14.03 -29.04
N HIS E 243 -26.17 14.32 -28.09
CA HIS E 243 -27.35 15.11 -28.38
C HIS E 243 -27.02 16.60 -28.46
N PRO E 244 -27.90 17.41 -29.03
CA PRO E 244 -27.68 18.86 -29.03
C PRO E 244 -27.74 19.43 -27.62
N PHE E 245 -26.89 20.41 -27.36
CA PHE E 245 -26.77 21.00 -26.02
C PHE E 245 -26.82 22.52 -26.14
N ALA E 246 -27.55 23.15 -25.22
CA ALA E 246 -27.68 24.60 -25.18
C ALA E 246 -27.31 25.08 -23.79
N SER E 247 -26.50 26.14 -23.72
CA SER E 247 -25.98 26.65 -22.46
C SER E 247 -26.18 28.16 -22.42
N PHE E 248 -26.99 28.63 -21.48
CA PHE E 248 -27.28 30.06 -21.33
C PHE E 248 -26.74 30.57 -20.00
N GLU E 249 -26.12 31.73 -20.04
CA GLU E 249 -25.60 32.39 -18.85
C GLU E 249 -25.86 33.89 -18.94
N THR E 250 -26.03 34.52 -17.79
CA THR E 250 -26.22 35.97 -17.74
C THR E 250 -25.78 36.50 -16.39
N ASN E 251 -25.10 37.64 -16.41
CA ASN E 251 -24.73 38.37 -15.20
C ASN E 251 -25.52 39.65 -15.04
N ALA E 252 -26.53 39.87 -15.88
CA ALA E 252 -27.29 41.11 -15.85
C ALA E 252 -28.05 41.24 -14.54
N VAL E 253 -27.86 42.36 -13.85
CA VAL E 253 -28.50 42.57 -12.56
C VAL E 253 -30.02 42.52 -12.69
N SER E 254 -30.55 42.94 -13.84
CA SER E 254 -32.00 42.87 -14.04
C SER E 254 -32.48 41.44 -14.13
N ALA E 255 -31.69 40.55 -14.73
CA ALA E 255 -32.10 39.16 -14.90
C ALA E 255 -32.35 38.48 -13.55
N ALA E 256 -31.79 38.99 -12.46
CA ALA E 256 -31.99 38.36 -11.16
C ALA E 256 -33.45 38.37 -10.73
N SER E 257 -34.21 39.37 -11.18
CA SER E 257 -35.62 39.46 -10.81
C SER E 257 -36.49 38.60 -11.72
N ASP E 258 -36.41 38.83 -13.03
CA ASP E 258 -37.24 38.13 -14.00
C ASP E 258 -36.62 36.80 -14.43
N ILE E 259 -36.30 35.96 -13.46
CA ILE E 259 -35.71 34.66 -13.77
C ILE E 259 -36.74 33.74 -14.40
N THR E 260 -37.92 33.65 -13.79
CA THR E 260 -38.94 32.72 -14.29
C THR E 260 -39.26 32.99 -15.75
N LYS E 261 -39.11 34.24 -16.20
CA LYS E 261 -39.39 34.57 -17.59
C LYS E 261 -38.29 34.06 -18.51
N ILE E 262 -37.04 34.40 -18.21
CA ILE E 262 -35.93 34.06 -19.11
C ILE E 262 -35.85 32.56 -19.32
N VAL E 263 -36.09 31.77 -18.26
CA VAL E 263 -36.02 30.32 -18.40
C VAL E 263 -37.17 29.80 -19.25
N ASN E 264 -38.38 30.32 -19.01
CA ASN E 264 -39.53 29.88 -19.80
C ASN E 264 -39.35 30.23 -21.27
N GLY E 265 -38.74 31.38 -21.55
CA GLY E 265 -38.41 31.73 -22.93
C GLY E 265 -37.36 30.82 -23.54
N LEU E 266 -36.55 30.17 -22.72
CA LEU E 266 -35.54 29.23 -23.20
C LEU E 266 -36.10 27.83 -23.43
N LEU E 267 -37.06 27.41 -22.61
CA LEU E 267 -37.63 26.08 -22.78
C LEU E 267 -38.52 26.01 -24.02
N LYS E 268 -39.32 27.04 -24.24
CA LYS E 268 -40.18 27.06 -25.43
C LYS E 268 -39.35 27.13 -26.70
N LYS E 269 -38.23 27.86 -26.68
CA LYS E 269 -37.38 27.95 -27.86
C LYS E 269 -36.68 26.63 -28.12
N PHE E 270 -36.12 26.01 -27.08
CA PHE E 270 -35.32 24.80 -27.24
C PHE E 270 -36.07 23.52 -26.94
N TYR E 271 -37.00 23.54 -25.98
CA TYR E 271 -37.77 22.35 -25.63
C TYR E 271 -36.83 21.21 -25.27
N PRO E 272 -36.12 21.30 -24.16
CA PRO E 272 -35.16 20.26 -23.79
C PRO E 272 -35.82 19.08 -23.11
N GLU E 273 -35.04 18.00 -22.95
CA GLU E 273 -35.48 16.84 -22.20
C GLU E 273 -35.20 17.00 -20.71
N ARG E 274 -34.04 17.56 -20.36
CA ARG E 274 -33.67 17.80 -18.97
C ARG E 274 -33.05 19.17 -18.84
N VAL E 275 -33.31 19.82 -17.71
CA VAL E 275 -32.81 21.17 -17.44
C VAL E 275 -32.07 21.15 -16.12
N LEU E 276 -31.02 21.97 -16.05
CA LEU E 276 -30.24 22.15 -14.82
C LEU E 276 -30.02 23.64 -14.62
N LEU E 277 -30.52 24.18 -13.52
CA LEU E 277 -30.38 25.58 -13.19
C LEU E 277 -29.36 25.76 -12.07
N VAL E 278 -28.56 26.81 -12.18
CA VAL E 278 -27.62 27.21 -11.14
C VAL E 278 -27.84 28.69 -10.88
N LEU E 279 -28.23 29.04 -9.66
CA LEU E 279 -28.58 30.41 -9.31
C LEU E 279 -27.66 30.90 -8.20
N LEU E 280 -27.02 32.04 -8.43
CA LEU E 280 -26.08 32.61 -7.48
C LEU E 280 -26.79 33.66 -6.63
N GLN E 281 -26.71 33.49 -5.32
CA GLN E 281 -27.17 34.48 -4.35
C GLN E 281 -25.92 35.01 -3.64
N ASP E 282 -25.55 36.24 -3.95
CA ASP E 282 -24.31 36.77 -3.41
C ASP E 282 -24.51 37.24 -1.97
N ARG E 283 -23.38 37.44 -1.28
CA ARG E 283 -23.41 37.88 0.11
C ARG E 283 -24.29 39.11 0.27
N ASP E 284 -24.11 40.11 -0.60
CA ASP E 284 -24.98 41.28 -0.64
C ASP E 284 -26.17 40.99 -1.55
N ALA E 285 -27.09 40.19 -1.03
CA ALA E 285 -28.27 39.77 -1.79
C ALA E 285 -28.92 40.96 -2.48
N CYS E 291 -33.82 33.63 -2.76
CA CYS E 291 -33.35 33.40 -4.11
C CYS E 291 -33.32 31.91 -4.45
N GLY E 292 -34.27 31.16 -3.88
CA GLY E 292 -34.31 29.74 -4.15
C GLY E 292 -34.64 29.45 -5.60
N VAL E 293 -34.20 28.29 -6.08
CA VAL E 293 -34.49 27.91 -7.45
C VAL E 293 -35.99 27.72 -7.62
N MET E 294 -36.47 27.93 -8.84
CA MET E 294 -37.89 27.82 -9.13
C MET E 294 -38.42 26.47 -8.64
N ASP E 295 -39.47 26.51 -7.83
CA ASP E 295 -40.01 25.29 -7.23
C ASP E 295 -40.65 24.38 -8.26
N ARG E 296 -41.12 24.93 -9.38
CA ARG E 296 -41.77 24.12 -10.40
C ARG E 296 -41.58 24.77 -11.77
N LEU E 297 -41.08 24.00 -12.72
CA LEU E 297 -41.01 24.41 -14.12
C LEU E 297 -42.13 23.72 -14.89
N GLU E 298 -42.78 24.48 -15.77
CA GLU E 298 -43.95 23.97 -16.49
C GLU E 298 -43.54 22.85 -17.42
N GLY E 299 -44.28 21.74 -17.37
CA GLY E 299 -43.96 20.56 -18.15
C GLY E 299 -42.78 19.76 -17.64
N PHE E 300 -42.19 20.15 -16.50
CA PHE E 300 -41.04 19.47 -15.94
C PHE E 300 -41.30 19.10 -14.50
N THR E 301 -40.64 18.04 -14.05
CA THR E 301 -40.70 17.58 -12.67
C THR E 301 -39.33 17.74 -12.03
N VAL E 302 -39.32 18.13 -10.76
CA VAL E 302 -38.06 18.37 -10.05
C VAL E 302 -37.39 17.02 -9.78
N VAL E 303 -36.21 16.82 -10.37
CA VAL E 303 -35.44 15.62 -10.07
C VAL E 303 -34.68 15.80 -8.77
N HIS E 304 -34.01 16.94 -8.59
CA HIS E 304 -33.26 17.20 -7.37
C HIS E 304 -33.18 18.70 -7.16
N ARG E 305 -33.02 19.08 -5.89
CA ARG E 305 -33.02 20.48 -5.45
C ARG E 305 -31.99 20.61 -4.34
N GLY E 306 -31.15 21.64 -4.41
CA GLY E 306 -30.13 21.80 -3.38
C GLY E 306 -29.46 23.15 -3.48
N ALA E 307 -28.61 23.42 -2.48
CA ALA E 307 -27.91 24.69 -2.39
C ALA E 307 -26.64 24.50 -1.57
N ASN E 308 -25.61 25.27 -1.91
CA ASN E 308 -24.32 25.24 -1.23
C ASN E 308 -24.06 26.62 -0.63
N HIS E 309 -24.24 26.76 0.68
CA HIS E 309 -23.99 28.03 1.36
C HIS E 309 -22.54 28.08 1.78
N PHE E 310 -21.78 29.00 1.20
CA PHE E 310 -20.36 29.11 1.48
C PHE E 310 -20.11 30.00 2.71
N GLY E 311 -18.95 29.79 3.33
CA GLY E 311 -18.61 30.57 4.52
C GLY E 311 -18.60 32.06 4.27
N GLY E 312 -18.22 32.48 3.06
CA GLY E 312 -18.18 33.89 2.71
C GLY E 312 -19.53 34.58 2.75
N GLY E 313 -20.62 33.83 2.92
CA GLY E 313 -21.95 34.41 3.00
C GLY E 313 -22.78 34.28 1.74
N TYR E 314 -22.24 33.71 0.68
CA TYR E 314 -22.97 33.51 -0.56
C TYR E 314 -23.35 32.04 -0.71
N VAL E 315 -24.35 31.79 -1.55
CA VAL E 315 -24.89 30.45 -1.73
C VAL E 315 -25.17 30.23 -3.21
N PHE E 316 -24.79 29.06 -3.72
CA PHE E 316 -25.12 28.65 -5.08
C PHE E 316 -26.31 27.71 -5.03
N HIS E 317 -27.40 28.10 -5.68
CA HIS E 317 -28.63 27.32 -5.72
C HIS E 317 -28.66 26.50 -7.00
N GLN E 318 -29.00 25.22 -6.87
CA GLN E 318 -29.07 24.31 -8.02
C GLN E 318 -30.34 23.49 -7.97
N ALA E 319 -30.93 23.24 -9.14
CA ALA E 319 -32.05 22.32 -9.26
C ALA E 319 -31.95 21.58 -10.58
N THR E 320 -32.39 20.32 -10.56
CA THR E 320 -32.41 19.47 -11.73
C THR E 320 -33.85 19.15 -12.09
N TYR E 321 -34.15 19.14 -13.39
CA TYR E 321 -35.49 18.90 -13.88
C TYR E 321 -35.45 17.89 -15.02
N ALA E 322 -36.61 17.26 -15.24
CA ALA E 322 -36.80 16.35 -16.37
C ALA E 322 -38.20 16.52 -16.90
N ARG E 323 -38.37 16.27 -18.20
CA ARG E 323 -39.67 16.43 -18.83
C ARG E 323 -40.70 15.52 -18.18
N SER E 324 -41.94 16.02 -18.09
CA SER E 324 -43.04 15.20 -17.58
C SER E 324 -43.46 14.20 -18.65
N ALA E 325 -43.40 12.91 -18.31
CA ALA E 325 -43.72 11.84 -19.24
C ALA E 325 -42.74 11.82 -20.41
N VAL F 3 10.76 10.55 6.12
CA VAL F 3 9.87 10.08 5.07
C VAL F 3 8.60 9.51 5.69
N THR F 4 7.45 10.00 5.23
CA THR F 4 6.17 9.48 5.67
C THR F 4 5.84 8.20 4.91
N ARG F 5 5.03 7.35 5.51
CA ARG F 5 4.62 6.10 4.88
C ARG F 5 3.28 5.65 5.43
N ILE F 6 2.37 5.33 4.51
CA ILE F 6 1.03 4.84 4.85
C ILE F 6 0.79 3.54 4.10
N ASN F 7 -0.26 2.83 4.50
CA ASN F 7 -0.61 1.55 3.90
C ASN F 7 -1.53 1.78 2.71
N GLN F 8 -1.10 1.31 1.53
CA GLN F 8 -1.89 1.38 0.31
C GLN F 8 -2.41 -0.02 0.01
N GLN F 9 -3.70 -0.24 0.25
CA GLN F 9 -4.32 -1.52 -0.05
C GLN F 9 -4.44 -1.69 -1.57
N THR F 10 -3.45 -2.34 -2.16
CA THR F 10 -3.39 -2.51 -3.61
C THR F 10 -3.40 -4.00 -3.96
N GLU F 11 -3.77 -4.29 -5.20
CA GLU F 11 -3.83 -5.66 -5.67
C GLU F 11 -2.43 -6.25 -5.81
N CYS F 12 -2.38 -7.59 -5.86
CA CYS F 12 -1.14 -8.29 -6.16
C CYS F 12 -0.96 -8.40 -7.67
N PRO F 13 0.23 -8.14 -8.20
CA PRO F 13 0.46 -8.34 -9.63
C PRO F 13 0.17 -9.79 -10.02
N SER F 14 -0.64 -9.95 -11.07
CA SER F 14 -0.94 -11.30 -11.54
C SER F 14 0.23 -11.92 -12.29
N SER F 15 1.21 -11.13 -12.69
CA SER F 15 2.37 -11.62 -13.41
C SER F 15 3.60 -10.86 -12.97
N VAL F 16 4.77 -11.40 -13.30
CA VAL F 16 6.02 -10.72 -13.00
C VAL F 16 6.07 -9.37 -13.72
N HIS F 17 5.51 -9.31 -14.93
CA HIS F 17 5.56 -8.07 -15.69
C HIS F 17 4.78 -6.96 -14.98
N ASP F 18 3.62 -7.28 -14.44
CA ASP F 18 2.86 -6.29 -13.69
C ASP F 18 3.63 -5.83 -12.46
N LEU F 19 4.36 -6.74 -11.81
CA LEU F 19 5.14 -6.39 -10.64
C LEU F 19 6.23 -5.38 -10.98
N VAL F 20 6.86 -5.55 -12.14
CA VAL F 20 8.00 -4.69 -12.50
C VAL F 20 7.53 -3.28 -12.81
N SER F 21 6.47 -3.16 -13.62
CA SER F 21 6.02 -1.85 -14.06
C SER F 21 5.30 -1.09 -12.94
N CYS F 22 4.52 -1.80 -12.12
CA CYS F 22 3.70 -1.15 -11.11
C CYS F 22 4.44 -0.90 -9.80
N TRP F 23 5.31 -1.83 -9.39
CA TRP F 23 6.01 -1.74 -8.11
C TRP F 23 7.46 -1.33 -8.24
N GLY F 24 8.03 -1.34 -9.45
CA GLY F 24 9.42 -0.96 -9.65
C GLY F 24 9.57 0.29 -10.50
N THR F 33 24.60 3.38 -18.32
CA THR F 33 24.78 3.52 -16.88
C THR F 33 24.77 2.17 -16.18
N ASP F 34 24.50 1.11 -16.95
CA ASP F 34 24.53 -0.24 -16.39
C ASP F 34 25.93 -0.56 -15.86
N SER F 35 25.99 -0.96 -14.59
CA SER F 35 27.27 -1.16 -13.92
C SER F 35 27.76 -2.60 -14.01
N GLY F 36 27.30 -3.37 -14.99
CA GLY F 36 27.83 -4.68 -15.24
C GLY F 36 29.08 -4.61 -16.09
N LEU F 37 29.49 -5.78 -16.59
CA LEU F 37 30.54 -5.84 -17.60
C LEU F 37 30.31 -6.88 -18.68
N GLU F 38 29.42 -7.85 -18.48
CA GLU F 38 29.09 -8.80 -19.54
C GLU F 38 27.82 -9.56 -19.15
N LYS F 39 27.04 -9.91 -20.16
CA LYS F 39 25.87 -10.76 -20.00
C LYS F 39 26.07 -12.05 -20.78
N ARG F 40 25.46 -13.13 -20.30
CA ARG F 40 25.63 -14.45 -20.89
C ARG F 40 24.30 -15.19 -20.85
N PHE F 41 23.90 -15.76 -21.98
CA PHE F 41 22.62 -16.43 -22.12
C PHE F 41 22.86 -17.79 -22.78
N GLU F 42 22.43 -18.86 -22.11
CA GLU F 42 22.71 -20.22 -22.56
C GLU F 42 21.43 -21.06 -22.56
N LEU F 43 21.25 -21.84 -23.61
CA LEU F 43 20.17 -22.81 -23.73
C LEU F 43 20.77 -24.18 -23.99
N ASN F 44 20.26 -25.20 -23.30
CA ASN F 44 20.57 -26.59 -23.58
C ASN F 44 19.30 -27.33 -23.96
N PHE F 45 19.46 -28.43 -24.68
CA PHE F 45 18.35 -29.12 -25.31
C PHE F 45 18.19 -30.53 -24.75
N ALA F 46 16.94 -30.99 -24.73
CA ALA F 46 16.67 -32.36 -24.29
C ALA F 46 17.34 -33.38 -25.20
N GLN F 47 17.54 -33.03 -26.48
CA GLN F 47 18.18 -33.91 -27.44
C GLN F 47 19.15 -33.11 -28.29
N PRO F 48 20.32 -33.67 -28.62
CA PRO F 48 21.24 -32.95 -29.50
C PRO F 48 20.56 -32.54 -30.79
N VAL F 49 20.88 -31.34 -31.27
CA VAL F 49 20.23 -30.75 -32.43
C VAL F 49 21.20 -30.79 -33.61
N ASP F 50 20.67 -31.08 -34.78
CA ASP F 50 21.48 -31.08 -35.99
C ASP F 50 22.12 -29.71 -36.18
N ILE F 51 23.40 -29.69 -36.56
CA ILE F 51 24.15 -28.45 -36.59
C ILE F 51 23.55 -27.46 -37.58
N GLY F 52 22.89 -27.95 -38.63
CA GLY F 52 22.46 -27.08 -39.71
C GLY F 52 20.97 -26.81 -39.78
N THR F 53 20.20 -27.35 -38.84
CA THR F 53 18.75 -27.17 -38.89
C THR F 53 18.35 -25.74 -38.53
N VAL F 54 19.06 -25.12 -37.59
CA VAL F 54 18.85 -23.73 -37.20
C VAL F 54 19.82 -22.88 -38.00
N THR F 55 19.29 -22.06 -38.91
CA THR F 55 20.13 -21.33 -39.85
C THR F 55 20.73 -20.09 -39.20
N VAL F 56 21.74 -19.53 -39.87
CA VAL F 56 22.34 -18.28 -39.44
C VAL F 56 21.33 -17.15 -39.57
N LYS F 57 20.49 -17.19 -40.61
CA LYS F 57 19.46 -16.17 -40.78
C LYS F 57 18.55 -16.12 -39.56
N GLN F 58 18.08 -17.28 -39.11
CA GLN F 58 17.14 -17.32 -37.99
C GLN F 58 17.80 -16.85 -36.70
N LEU F 59 19.07 -17.20 -36.50
CA LEU F 59 19.78 -16.74 -35.30
C LEU F 59 20.01 -15.23 -35.34
N ALA F 60 20.30 -14.69 -36.52
CA ALA F 60 20.54 -13.26 -36.64
C ALA F 60 19.25 -12.46 -36.39
N SER F 61 18.11 -13.00 -36.81
CA SER F 61 16.85 -12.30 -36.59
C SER F 61 16.49 -12.25 -35.11
N VAL F 62 16.80 -13.32 -34.37
CA VAL F 62 16.59 -13.31 -32.93
C VAL F 62 17.40 -12.19 -32.28
N MET F 63 18.65 -12.04 -32.68
CA MET F 63 19.51 -11.03 -32.08
C MET F 63 19.16 -9.63 -32.54
N GLU F 64 18.41 -9.48 -33.64
CA GLU F 64 17.88 -8.18 -34.01
C GLU F 64 16.89 -7.67 -32.98
N ARG F 65 16.22 -8.59 -32.27
CA ARG F 65 15.34 -8.20 -31.18
C ARG F 65 16.11 -7.63 -30.00
N ALA F 66 17.43 -7.84 -29.95
CA ALA F 66 18.28 -7.28 -28.93
C ALA F 66 19.17 -6.16 -29.47
N GLY F 67 18.84 -5.63 -30.64
CA GLY F 67 19.57 -4.49 -31.19
C GLY F 67 20.94 -4.84 -31.75
N GLU F 68 21.14 -6.07 -32.20
CA GLU F 68 22.42 -6.52 -32.73
C GLU F 68 22.26 -6.91 -34.19
N SER F 69 23.27 -6.58 -34.99
CA SER F 69 23.31 -6.91 -36.40
C SER F 69 24.50 -7.83 -36.67
N LEU F 70 24.26 -8.86 -37.48
CA LEU F 70 25.31 -9.82 -37.80
C LEU F 70 26.38 -9.16 -38.65
N ARG F 71 27.64 -9.41 -38.29
CA ARG F 71 28.79 -8.84 -38.99
C ARG F 71 29.72 -9.89 -39.59
N GLN F 72 29.79 -11.08 -38.99
CA GLN F 72 30.70 -12.12 -39.45
C GLN F 72 30.25 -13.44 -38.85
N ASN F 73 30.45 -14.52 -39.60
CA ASN F 73 30.09 -15.85 -39.13
C ASN F 73 30.95 -16.89 -39.81
N SER F 74 31.44 -17.84 -39.03
CA SER F 74 32.22 -18.96 -39.54
C SER F 74 31.50 -20.27 -39.22
N ALA F 75 31.85 -21.32 -39.96
CA ALA F 75 31.25 -22.64 -39.82
C ALA F 75 32.36 -23.67 -39.72
N GLU F 76 32.49 -24.29 -38.56
CA GLU F 76 33.50 -25.31 -38.31
C GLU F 76 32.81 -26.61 -37.91
N LEU F 77 33.62 -27.63 -37.62
CA LEU F 77 33.11 -28.93 -37.22
C LEU F 77 32.35 -28.83 -35.90
N GLY F 78 31.02 -28.93 -35.97
CA GLY F 78 30.19 -28.92 -34.78
C GLY F 78 30.04 -27.57 -34.12
N ILE F 79 30.47 -26.49 -34.77
CA ILE F 79 30.42 -25.17 -34.17
C ILE F 79 29.99 -24.16 -35.24
N HIS F 80 29.03 -23.31 -34.89
CA HIS F 80 28.69 -22.13 -35.68
C HIS F 80 28.94 -20.90 -34.83
N THR F 81 29.76 -19.98 -35.35
CA THR F 81 30.11 -18.75 -34.64
C THR F 81 29.47 -17.57 -35.37
N LEU F 82 28.73 -16.75 -34.63
CA LEU F 82 28.17 -15.51 -35.15
C LEU F 82 28.75 -14.36 -34.35
N LYS F 83 29.42 -13.44 -35.04
CA LYS F 83 30.02 -12.26 -34.42
C LYS F 83 29.18 -11.04 -34.74
N PHE F 84 28.67 -10.38 -33.70
CA PHE F 84 27.89 -9.16 -33.83
C PHE F 84 28.73 -7.98 -33.39
N ASP F 85 28.09 -6.80 -33.29
CA ASP F 85 28.81 -5.60 -32.87
C ASP F 85 29.30 -5.73 -31.45
N ARG F 86 28.44 -6.22 -30.54
CA ARG F 86 28.74 -6.26 -29.12
C ARG F 86 28.51 -7.63 -28.50
N SER F 87 28.29 -8.67 -29.32
CA SER F 87 27.96 -9.98 -28.79
C SER F 87 28.57 -11.06 -29.67
N LEU F 88 28.85 -12.20 -29.05
CA LEU F 88 29.42 -13.36 -29.72
C LEU F 88 28.51 -14.56 -29.45
N LEU F 89 28.05 -15.22 -30.50
CA LEU F 89 27.12 -16.34 -30.38
C LEU F 89 27.81 -17.61 -30.86
N VAL F 90 27.73 -18.66 -30.04
CA VAL F 90 28.24 -19.98 -30.36
C VAL F 90 27.07 -20.95 -30.32
N PHE F 91 27.04 -21.87 -31.28
CA PHE F 91 25.95 -22.84 -31.40
C PHE F 91 26.53 -24.20 -31.77
N THR F 92 26.40 -25.16 -30.88
CA THR F 92 26.79 -26.55 -31.12
C THR F 92 25.54 -27.43 -31.04
N ALA F 93 25.74 -28.72 -31.30
CA ALA F 93 24.65 -29.68 -31.17
C ALA F 93 24.07 -29.71 -29.77
N LYS F 94 24.84 -29.27 -28.77
CA LYS F 94 24.44 -29.37 -27.37
C LYS F 94 23.89 -28.08 -26.79
N GLN F 95 24.29 -26.93 -27.29
CA GLN F 95 23.93 -25.68 -26.62
C GLN F 95 24.01 -24.51 -27.58
N ILE F 96 23.30 -23.45 -27.22
CA ILE F 96 23.49 -22.12 -27.78
C ILE F 96 23.98 -21.22 -26.66
N VAL F 97 25.08 -20.50 -26.89
CA VAL F 97 25.62 -19.57 -25.91
C VAL F 97 25.93 -18.27 -26.61
N VAL F 98 25.47 -17.16 -26.03
CA VAL F 98 25.75 -15.82 -26.53
C VAL F 98 26.26 -14.98 -25.37
N ARG F 99 27.42 -14.35 -25.56
CA ARG F 99 27.99 -13.42 -24.60
C ARG F 99 28.02 -12.03 -25.23
N SER F 100 27.57 -11.04 -24.47
CA SER F 100 27.42 -9.69 -25.01
C SER F 100 27.85 -8.67 -23.97
N SER F 101 28.19 -7.48 -24.45
CA SER F 101 28.44 -6.35 -23.57
C SER F 101 27.14 -5.91 -22.89
N VAL F 102 27.28 -5.00 -21.93
CA VAL F 102 26.14 -4.63 -21.09
C VAL F 102 25.16 -3.71 -21.79
N SER F 103 25.59 -2.97 -22.81
CA SER F 103 24.67 -2.12 -23.55
C SER F 103 23.70 -2.90 -24.41
N VAL F 104 23.88 -4.22 -24.53
CA VAL F 104 22.97 -5.08 -25.28
C VAL F 104 21.87 -5.53 -24.34
N MET F 105 20.62 -5.23 -24.70
CA MET F 105 19.46 -5.72 -23.94
C MET F 105 19.25 -7.19 -24.30
N LEU F 106 20.15 -8.03 -23.77
CA LEU F 106 20.16 -9.44 -24.13
C LEU F 106 18.92 -10.18 -23.66
N HIS F 107 18.20 -9.66 -22.66
CA HIS F 107 16.98 -10.30 -22.20
C HIS F 107 15.88 -10.26 -23.25
N GLU F 108 15.92 -9.28 -24.16
CA GLU F 108 14.91 -9.17 -25.20
C GLU F 108 15.05 -10.25 -26.28
N ALA F 109 16.12 -11.04 -26.25
CA ALA F 109 16.30 -12.15 -27.17
C ALA F 109 15.90 -13.49 -26.58
N VAL F 110 15.55 -13.54 -25.29
CA VAL F 110 15.18 -14.78 -24.63
C VAL F 110 13.95 -15.37 -25.30
N HIS F 111 12.81 -14.69 -25.20
CA HIS F 111 11.58 -15.22 -25.78
C HIS F 111 11.72 -15.51 -27.27
N PRO F 112 12.20 -14.59 -28.11
CA PRO F 112 12.36 -14.93 -29.54
C PRO F 112 13.25 -16.14 -29.75
N MET F 113 14.31 -16.30 -28.98
CA MET F 113 15.16 -17.48 -29.11
C MET F 113 14.38 -18.74 -28.77
N LEU F 114 13.61 -18.70 -27.69
CA LEU F 114 12.81 -19.87 -27.31
C LEU F 114 11.77 -20.18 -28.38
N GLU F 115 11.17 -19.16 -28.97
CA GLU F 115 10.21 -19.39 -30.05
C GLU F 115 10.89 -20.03 -31.25
N LEU F 116 12.10 -19.59 -31.58
CA LEU F 116 12.85 -20.20 -32.67
C LEU F 116 13.06 -21.68 -32.42
N MET F 117 13.49 -22.04 -31.21
CA MET F 117 13.60 -23.46 -30.86
C MET F 117 12.27 -24.16 -31.01
N ARG F 118 11.19 -23.53 -30.56
CA ARG F 118 9.87 -24.15 -30.62
C ARG F 118 9.47 -24.46 -32.06
N SER F 119 9.71 -23.51 -32.98
CA SER F 119 9.35 -23.73 -34.37
C SER F 119 10.13 -24.88 -34.99
N HIS F 120 11.26 -25.27 -34.40
CA HIS F 120 12.07 -26.36 -34.88
C HIS F 120 11.89 -27.65 -34.09
N ASN F 121 10.89 -27.70 -33.20
CA ASN F 121 10.61 -28.87 -32.38
C ASN F 121 11.76 -29.19 -31.43
N ILE F 122 12.59 -28.19 -31.11
CA ILE F 122 13.68 -28.36 -30.17
C ILE F 122 13.17 -28.06 -28.77
N ILE F 123 13.39 -28.99 -27.85
CA ILE F 123 12.97 -28.83 -26.46
C ILE F 123 14.15 -28.28 -25.66
N VAL F 124 13.94 -27.13 -25.04
CA VAL F 124 14.92 -26.57 -24.12
C VAL F 124 14.63 -27.11 -22.72
N ASP F 125 15.59 -27.82 -22.14
CA ASP F 125 15.43 -28.41 -20.82
C ASP F 125 16.35 -27.78 -19.78
N TRP F 126 17.22 -26.86 -20.18
CA TRP F 126 18.08 -26.16 -19.24
C TRP F 126 18.47 -24.83 -19.86
N ALA F 127 18.47 -23.78 -19.05
CA ALA F 127 18.79 -22.44 -19.55
C ALA F 127 19.38 -21.62 -18.42
N SER F 128 20.19 -20.63 -18.78
CA SER F 128 20.77 -19.74 -17.79
C SER F 128 20.97 -18.37 -18.39
N PHE F 129 20.81 -17.35 -17.54
CA PHE F 129 21.17 -15.99 -17.86
C PHE F 129 22.09 -15.49 -16.76
N MET F 130 23.23 -14.94 -17.14
CA MET F 130 24.26 -14.56 -16.19
C MET F 130 24.77 -13.17 -16.52
N ARG F 131 25.11 -12.42 -15.48
CA ARG F 131 25.76 -11.13 -15.62
C ARG F 131 26.81 -10.96 -14.54
N VAL F 132 27.96 -10.44 -14.91
CA VAL F 132 29.04 -10.14 -13.98
C VAL F 132 28.98 -8.65 -13.68
N ASN F 133 28.84 -8.32 -12.39
CA ASN F 133 28.71 -6.93 -11.97
C ASN F 133 29.99 -6.48 -11.26
N TYR F 134 30.40 -5.24 -11.52
CA TYR F 134 31.45 -4.61 -10.73
C TYR F 134 30.86 -3.78 -9.61
N GLY F 135 29.72 -3.12 -9.87
CA GLY F 135 29.02 -2.37 -8.86
C GLY F 135 27.85 -3.15 -8.27
N SER F 136 27.11 -2.46 -7.40
CA SER F 136 25.99 -3.10 -6.72
C SER F 136 24.68 -2.73 -7.40
N PRO F 137 23.69 -3.63 -7.38
CA PRO F 137 22.37 -3.27 -7.91
C PRO F 137 21.62 -2.28 -7.03
N TRP F 138 22.11 -2.01 -5.83
CA TRP F 138 21.47 -1.08 -4.91
C TRP F 138 21.98 0.36 -5.08
N ASP F 139 22.71 0.63 -6.17
CA ASP F 139 23.12 1.99 -6.51
C ASP F 139 21.93 2.68 -7.20
N MET F 140 21.30 3.62 -6.49
CA MET F 140 20.09 4.26 -7.02
C MET F 140 20.39 5.26 -8.12
N THR F 141 21.65 5.66 -8.30
CA THR F 141 22.01 6.55 -9.39
C THR F 141 22.26 5.82 -10.70
N SER F 142 22.27 4.49 -10.68
CA SER F 142 22.52 3.69 -11.87
C SER F 142 21.25 2.95 -12.27
N GLU F 143 21.14 2.65 -13.57
CA GLU F 143 20.01 1.89 -14.09
C GLU F 143 20.19 0.39 -13.92
N THR F 144 21.24 -0.05 -13.23
CA THR F 144 21.53 -1.47 -13.11
C THR F 144 20.34 -2.24 -12.55
N SER F 145 19.59 -1.63 -11.63
CA SER F 145 18.49 -2.34 -10.99
C SER F 145 17.28 -2.44 -11.90
N ASP F 146 16.99 -1.39 -12.68
CA ASP F 146 15.87 -1.44 -13.60
C ASP F 146 16.08 -2.45 -14.71
N ILE F 147 17.33 -2.63 -15.15
CA ILE F 147 17.62 -3.62 -16.19
C ILE F 147 17.47 -5.03 -15.62
N MET F 148 18.08 -5.28 -14.46
CA MET F 148 17.95 -6.59 -13.82
C MET F 148 16.48 -6.96 -13.60
N ALA F 149 15.66 -5.97 -13.27
CA ALA F 149 14.23 -6.23 -13.11
C ALA F 149 13.60 -6.68 -14.42
N HIS F 150 13.96 -6.03 -15.53
CA HIS F 150 13.45 -6.44 -16.83
C HIS F 150 13.98 -7.81 -17.22
N GLU F 151 15.27 -8.05 -17.01
CA GLU F 151 15.83 -9.37 -17.28
C GLU F 151 15.07 -10.45 -16.51
N TYR F 152 14.75 -10.18 -15.24
CA TYR F 152 13.98 -11.13 -14.46
C TYR F 152 12.56 -11.30 -15.01
N ALA F 153 11.98 -10.22 -15.55
CA ALA F 153 10.64 -10.30 -16.12
C ALA F 153 10.59 -11.33 -17.25
N GLU F 154 11.49 -11.20 -18.23
CA GLU F 154 11.49 -12.13 -19.36
C GLU F 154 11.87 -13.53 -18.93
N LEU F 155 12.89 -13.65 -18.08
CA LEU F 155 13.37 -14.97 -17.67
C LEU F 155 12.32 -15.73 -16.86
N LYS F 156 11.77 -15.09 -15.83
CA LYS F 156 10.75 -15.74 -15.03
C LYS F 156 9.48 -15.95 -15.84
N SER F 157 9.16 -15.03 -16.74
CA SER F 157 8.01 -15.23 -17.63
C SER F 157 8.21 -16.44 -18.51
N ALA F 158 9.42 -16.61 -19.05
CA ALA F 158 9.70 -17.75 -19.93
C ALA F 158 9.90 -19.03 -19.15
N PHE F 159 10.49 -18.95 -17.96
CA PHE F 159 10.78 -20.12 -17.13
C PHE F 159 10.21 -19.87 -15.73
N PRO F 160 8.90 -20.05 -15.55
CA PRO F 160 8.33 -19.89 -14.21
C PRO F 160 8.99 -20.77 -13.17
N THR F 161 9.56 -21.91 -13.58
CA THR F 161 10.23 -22.84 -12.67
C THR F 161 11.69 -22.46 -12.45
N GLY F 162 12.23 -21.49 -13.19
CA GLY F 162 13.58 -21.05 -12.96
C GLY F 162 13.70 -20.15 -11.74
N HIS F 163 14.94 -19.88 -11.33
CA HIS F 163 15.19 -19.11 -10.12
C HIS F 163 16.45 -18.28 -10.30
N PRO F 164 16.49 -17.08 -9.72
CA PRO F 164 17.72 -16.29 -9.71
C PRO F 164 18.57 -16.54 -8.47
N TYR F 165 19.88 -16.33 -8.63
CA TYR F 165 20.83 -16.49 -7.55
C TYR F 165 21.88 -15.38 -7.65
N LEU F 166 22.54 -15.10 -6.53
CA LEU F 166 23.60 -14.10 -6.47
C LEU F 166 24.79 -14.70 -5.73
N ALA F 167 25.87 -14.97 -6.46
CA ALA F 167 27.07 -15.57 -5.90
C ALA F 167 28.12 -14.48 -5.65
N GLY F 168 28.52 -14.33 -4.39
CA GLY F 168 29.55 -13.38 -4.04
C GLY F 168 28.99 -12.17 -3.33
N PRO F 169 29.88 -11.29 -2.87
CA PRO F 169 29.42 -10.10 -2.14
C PRO F 169 28.59 -9.20 -3.04
N VAL F 170 27.41 -8.81 -2.55
CA VAL F 170 26.50 -7.99 -3.35
C VAL F 170 27.09 -6.61 -3.61
N ASP F 171 28.05 -6.17 -2.80
CA ASP F 171 28.66 -4.85 -2.93
C ASP F 171 30.06 -4.93 -3.52
N ARG F 172 30.44 -6.06 -4.10
CA ARG F 172 31.75 -6.24 -4.70
C ARG F 172 31.56 -7.04 -5.99
N ASP F 173 32.65 -7.56 -6.54
CA ASP F 173 32.55 -8.44 -7.69
C ASP F 173 31.68 -9.63 -7.34
N HIS F 174 30.76 -9.98 -8.24
CA HIS F 174 29.82 -11.07 -8.00
C HIS F 174 29.12 -11.38 -9.31
N CYS F 175 28.44 -12.52 -9.33
CA CYS F 175 27.66 -12.96 -10.48
C CYS F 175 26.20 -13.11 -10.06
N PHE F 176 25.31 -12.48 -10.81
CA PHE F 176 23.88 -12.70 -10.69
C PHE F 176 23.43 -13.54 -11.88
N TYR F 177 22.91 -14.73 -11.61
CA TYR F 177 22.47 -15.60 -12.69
C TYR F 177 21.11 -16.21 -12.39
N PHE F 178 20.38 -16.50 -13.46
CA PHE F 178 19.08 -17.15 -13.41
C PHE F 178 19.22 -18.54 -14.04
N VAL F 179 18.70 -19.56 -13.37
CA VAL F 179 18.86 -20.95 -13.81
C VAL F 179 17.50 -21.62 -13.87
N TYR F 180 17.18 -22.21 -15.02
CA TYR F 180 16.02 -23.06 -15.20
C TYR F 180 16.49 -24.49 -15.44
N ASP F 181 15.99 -25.42 -14.63
CA ASP F 181 16.36 -26.83 -14.74
C ASP F 181 15.09 -27.64 -15.00
N GLY F 182 14.89 -28.02 -16.25
CA GLY F 182 13.80 -28.90 -16.62
C GLY F 182 14.33 -30.20 -17.21
N ILE F 183 15.53 -30.58 -16.78
CA ILE F 183 16.17 -31.78 -17.31
C ILE F 183 15.43 -33.02 -16.81
N ASP F 184 15.08 -33.90 -17.73
CA ASP F 184 14.46 -35.17 -17.36
C ASP F 184 15.54 -36.10 -16.79
N ARG F 185 15.39 -36.46 -15.52
CA ARG F 185 16.35 -37.33 -14.84
C ARG F 185 15.75 -38.66 -14.46
N ASP F 186 14.66 -39.06 -15.10
CA ASP F 186 14.12 -40.39 -14.89
C ASP F 186 15.18 -41.43 -15.27
N PRO F 187 15.40 -42.46 -14.44
CA PRO F 187 16.47 -43.42 -14.76
C PRO F 187 16.45 -43.93 -16.19
N SER F 188 15.29 -43.93 -16.85
CA SER F 188 15.20 -44.36 -18.23
C SER F 188 15.65 -43.31 -19.23
N SER F 189 16.07 -42.14 -18.77
CA SER F 189 16.44 -41.05 -19.67
C SER F 189 17.90 -41.19 -20.09
N CYS F 190 18.16 -40.86 -21.37
CA CYS F 190 19.50 -40.87 -21.92
C CYS F 190 20.18 -39.51 -21.80
N ARG F 191 19.55 -38.56 -21.12
CA ARG F 191 20.10 -37.21 -20.97
C ARG F 191 21.19 -37.25 -19.90
N ARG F 192 22.45 -37.18 -20.33
CA ARG F 192 23.59 -37.16 -19.42
C ARG F 192 24.04 -35.73 -19.17
N GLU F 193 24.83 -35.56 -18.10
CA GLU F 193 25.25 -34.25 -17.62
C GLU F 193 26.73 -34.32 -17.26
N ASN F 194 27.59 -34.20 -18.26
CA ASN F 194 29.04 -34.20 -18.08
C ASN F 194 29.65 -32.98 -18.76
N ASP F 195 29.01 -31.83 -18.59
CA ASP F 195 29.47 -30.62 -19.24
C ASP F 195 30.64 -29.99 -18.50
N VAL F 196 31.50 -29.31 -19.26
CA VAL F 196 32.59 -28.52 -18.72
C VAL F 196 32.30 -27.06 -19.05
N GLN F 197 32.32 -26.20 -18.03
CA GLN F 197 32.14 -24.77 -18.23
C GLN F 197 33.09 -24.04 -17.30
N ILE F 198 34.05 -23.32 -17.87
CA ILE F 198 35.03 -22.56 -17.11
C ILE F 198 35.01 -21.13 -17.63
N ASN F 199 34.83 -20.17 -16.73
CA ASN F 199 34.74 -18.75 -17.07
C ASN F 199 35.77 -17.98 -16.27
N VAL F 200 36.53 -17.13 -16.97
CA VAL F 200 37.54 -16.28 -16.34
C VAL F 200 37.25 -14.84 -16.76
N TYR F 201 36.92 -14.00 -15.78
CA TYR F 201 36.71 -12.58 -16.01
C TYR F 201 37.85 -11.81 -15.37
N MET F 202 38.50 -10.95 -16.15
CA MET F 202 39.69 -10.24 -15.71
C MET F 202 39.42 -8.74 -15.81
N TYR F 203 39.33 -8.09 -14.64
CA TYR F 203 38.97 -6.68 -14.54
C TYR F 203 40.21 -5.81 -14.70
N ASN F 204 40.06 -4.73 -15.46
CA ASN F 204 41.13 -3.74 -15.61
C ASN F 204 42.43 -4.42 -16.05
N VAL F 205 42.51 -4.78 -17.32
CA VAL F 205 43.71 -5.43 -17.87
C VAL F 205 44.64 -4.36 -18.42
N GLN F 206 45.92 -4.71 -18.54
CA GLN F 206 46.92 -3.78 -19.03
C GLN F 206 47.09 -3.91 -20.54
N ALA F 207 47.77 -2.93 -21.12
CA ALA F 207 48.01 -2.90 -22.56
C ALA F 207 49.34 -3.55 -22.90
N GLU F 219 40.25 -4.25 -28.46
CA GLU F 219 38.90 -4.82 -28.46
C GLU F 219 38.74 -5.85 -29.56
N GLN F 220 38.12 -6.99 -29.24
CA GLN F 220 38.02 -8.09 -30.18
C GLN F 220 37.15 -9.19 -29.59
N GLN F 221 36.63 -10.04 -30.48
CA GLN F 221 35.85 -11.21 -30.11
C GLN F 221 36.38 -12.39 -30.91
N LEU F 222 36.97 -13.36 -30.22
CA LEU F 222 37.66 -14.47 -30.86
C LEU F 222 37.09 -15.80 -30.42
N LEU F 223 37.19 -16.80 -31.30
CA LEU F 223 36.90 -18.18 -30.97
C LEU F 223 38.01 -19.06 -31.53
N VAL F 224 38.46 -20.02 -30.72
CA VAL F 224 39.42 -21.02 -31.13
C VAL F 224 38.88 -22.40 -30.75
N SER F 225 39.15 -23.38 -31.59
CA SER F 225 38.65 -24.73 -31.36
C SER F 225 39.65 -25.74 -31.93
N HIS F 226 39.96 -26.76 -31.12
CA HIS F 226 40.79 -27.87 -31.57
C HIS F 226 40.02 -29.16 -31.77
N CYS F 227 38.91 -29.35 -31.05
CA CYS F 227 38.04 -30.50 -31.21
C CYS F 227 36.68 -30.06 -31.73
N ALA F 228 35.84 -31.04 -32.03
CA ALA F 228 34.51 -30.79 -32.56
C ALA F 228 33.54 -30.53 -31.42
N GLY F 229 32.80 -29.44 -31.50
CA GLY F 229 31.89 -29.05 -30.45
C GLY F 229 32.54 -28.45 -29.23
N GLU F 230 33.87 -28.44 -29.16
CA GLU F 230 34.61 -27.84 -28.05
C GLU F 230 35.31 -26.57 -28.53
N TYR F 231 35.30 -25.55 -27.68
CA TYR F 231 35.73 -24.22 -28.12
C TYR F 231 36.33 -23.45 -26.96
N GLU F 232 37.12 -22.45 -27.31
CA GLU F 232 37.53 -21.39 -26.41
C GLU F 232 37.12 -20.06 -27.03
N THR F 233 36.54 -19.18 -26.21
CA THR F 233 36.16 -17.85 -26.66
C THR F 233 36.79 -16.80 -25.77
N LEU F 234 37.22 -15.69 -26.38
CA LEU F 234 37.81 -14.57 -25.67
C LEU F 234 37.15 -13.29 -26.15
N ARG F 235 36.67 -12.49 -25.20
CA ARG F 235 36.12 -11.18 -25.48
C ARG F 235 36.95 -10.13 -24.74
N VAL F 236 37.24 -9.03 -25.43
CA VAL F 236 37.97 -7.90 -24.86
C VAL F 236 37.27 -6.63 -25.30
N SER F 237 36.94 -5.76 -24.35
CA SER F 237 36.26 -4.51 -24.66
C SER F 237 36.31 -3.63 -23.41
N THR F 238 35.66 -2.48 -23.49
CA THR F 238 35.64 -1.53 -22.38
C THR F 238 34.73 -2.03 -21.27
N HIS F 243 37.27 1.48 -18.96
CA HIS F 243 38.06 0.48 -18.27
C HIS F 243 38.10 -0.82 -19.07
N PRO F 244 39.30 -1.35 -19.34
CA PRO F 244 39.39 -2.58 -20.12
C PRO F 244 39.15 -3.82 -19.28
N PHE F 245 38.63 -4.86 -19.93
CA PHE F 245 38.39 -6.13 -19.28
C PHE F 245 38.40 -7.23 -20.34
N ALA F 246 38.87 -8.41 -19.95
CA ALA F 246 38.91 -9.56 -20.83
C ALA F 246 38.05 -10.68 -20.25
N SER F 247 37.34 -11.38 -21.13
CA SER F 247 36.40 -12.42 -20.73
C SER F 247 36.75 -13.70 -21.49
N PHE F 248 37.13 -14.74 -20.75
CA PHE F 248 37.52 -16.02 -21.34
C PHE F 248 36.55 -17.10 -20.91
N GLU F 249 36.25 -18.01 -21.84
CA GLU F 249 35.35 -19.13 -21.57
C GLU F 249 35.84 -20.34 -22.35
N THR F 250 35.56 -21.53 -21.81
CA THR F 250 35.85 -22.76 -22.53
C THR F 250 34.94 -23.87 -22.04
N ASN F 251 34.65 -24.81 -22.92
CA ASN F 251 33.92 -26.03 -22.58
C ASN F 251 34.72 -27.28 -22.91
N ALA F 252 35.98 -27.14 -23.30
CA ALA F 252 36.80 -28.29 -23.69
C ALA F 252 37.06 -29.17 -22.48
N VAL F 253 36.87 -30.48 -22.66
CA VAL F 253 37.09 -31.43 -21.57
C VAL F 253 38.54 -31.41 -21.12
N SER F 254 39.46 -31.09 -22.04
CA SER F 254 40.88 -31.04 -21.68
C SER F 254 41.17 -29.88 -20.73
N ALA F 255 40.36 -28.82 -20.78
CA ALA F 255 40.58 -27.68 -19.90
C ALA F 255 40.29 -28.04 -18.45
N ALA F 256 39.33 -28.94 -18.21
CA ALA F 256 38.95 -29.31 -16.84
C ALA F 256 39.98 -30.21 -16.16
N SER F 257 41.11 -30.49 -16.80
CA SER F 257 42.17 -31.28 -16.18
C SER F 257 43.36 -30.44 -15.74
N ASP F 258 43.35 -29.14 -16.03
CA ASP F 258 44.46 -28.27 -15.67
C ASP F 258 44.03 -26.81 -15.66
N ILE F 259 42.97 -26.50 -14.93
CA ILE F 259 42.49 -25.12 -14.86
C ILE F 259 43.56 -24.21 -14.27
N THR F 260 44.24 -24.68 -13.22
CA THR F 260 45.25 -23.86 -12.56
C THR F 260 46.35 -23.41 -13.52
N LYS F 261 46.52 -24.12 -14.65
CA LYS F 261 47.53 -23.72 -15.62
C LYS F 261 47.01 -22.63 -16.55
N ILE F 262 45.79 -22.76 -17.04
CA ILE F 262 45.29 -21.82 -18.04
C ILE F 262 45.01 -20.46 -17.42
N VAL F 263 44.55 -20.42 -16.17
CA VAL F 263 44.32 -19.14 -15.51
C VAL F 263 45.63 -18.38 -15.34
N ASN F 264 46.70 -19.09 -14.96
CA ASN F 264 48.00 -18.45 -14.81
C ASN F 264 48.50 -17.91 -16.14
N GLY F 265 48.23 -18.62 -17.22
CA GLY F 265 48.56 -18.11 -18.54
C GLY F 265 47.76 -16.87 -18.90
N LEU F 266 46.52 -16.79 -18.41
CA LEU F 266 45.68 -15.63 -18.69
C LEU F 266 46.12 -14.42 -17.87
N LEU F 267 46.48 -14.64 -16.61
CA LEU F 267 46.89 -13.52 -15.76
C LEU F 267 48.16 -12.87 -16.28
N LYS F 268 49.14 -13.68 -16.68
CA LYS F 268 50.36 -13.12 -17.26
C LYS F 268 50.05 -12.34 -18.53
N LYS F 269 49.20 -12.90 -19.39
CA LYS F 269 48.89 -12.24 -20.66
C LYS F 269 48.19 -10.91 -20.45
N PHE F 270 47.29 -10.84 -19.47
CA PHE F 270 46.46 -9.65 -19.26
C PHE F 270 46.81 -8.85 -18.02
N TYR F 271 47.27 -9.50 -16.95
CA TYR F 271 47.69 -8.81 -15.74
C TYR F 271 46.57 -7.91 -15.23
N PRO F 272 45.47 -8.47 -14.74
CA PRO F 272 44.39 -7.65 -14.20
C PRO F 272 44.58 -7.33 -12.73
N GLU F 273 43.77 -6.38 -12.25
CA GLU F 273 43.74 -6.08 -10.83
C GLU F 273 42.84 -7.07 -10.08
N ARG F 274 41.70 -7.43 -10.66
CA ARG F 274 40.77 -8.35 -10.04
C ARG F 274 40.43 -9.45 -11.02
N VAL F 275 40.09 -10.62 -10.47
CA VAL F 275 39.74 -11.79 -11.27
C VAL F 275 38.50 -12.44 -10.67
N LEU F 276 37.64 -12.97 -11.54
CA LEU F 276 36.47 -13.74 -11.12
C LEU F 276 36.45 -15.04 -11.90
N LEU F 277 36.51 -16.15 -11.20
CA LEU F 277 36.47 -17.48 -11.80
C LEU F 277 35.15 -18.14 -11.47
N VAL F 278 34.57 -18.80 -12.47
CA VAL F 278 33.42 -19.68 -12.29
C VAL F 278 33.76 -21.02 -12.92
N LEU F 279 33.55 -22.10 -12.18
CA LEU F 279 33.82 -23.46 -12.65
C LEU F 279 32.60 -24.32 -12.45
N LEU F 280 32.17 -25.00 -13.51
CA LEU F 280 31.02 -25.91 -13.44
C LEU F 280 31.49 -27.30 -13.04
N GLN F 281 30.86 -27.85 -12.01
CA GLN F 281 31.03 -29.25 -11.63
C GLN F 281 29.69 -29.94 -11.93
N ASP F 282 29.59 -30.56 -13.09
CA ASP F 282 28.32 -31.12 -13.53
C ASP F 282 27.98 -32.37 -12.71
N ARG F 283 26.76 -32.87 -12.91
CA ARG F 283 26.30 -34.06 -12.20
C ARG F 283 27.29 -35.21 -12.36
N ASP F 284 27.80 -35.41 -13.58
CA ASP F 284 28.91 -36.34 -13.82
C ASP F 284 30.19 -35.52 -13.75
N ALA F 285 30.70 -35.36 -12.53
CA ALA F 285 31.82 -34.45 -12.29
C ALA F 285 32.99 -34.78 -13.21
N GLN F 286 33.55 -33.74 -13.82
CA GLN F 286 34.70 -33.88 -14.71
C GLN F 286 35.99 -33.55 -13.98
N CYS F 291 35.36 -30.63 -7.94
CA CYS F 291 36.11 -29.60 -8.67
C CYS F 291 36.02 -28.25 -7.97
N GLY F 292 36.73 -28.10 -6.86
CA GLY F 292 36.76 -26.83 -6.16
C GLY F 292 37.73 -25.86 -6.80
N VAL F 293 37.37 -24.57 -6.75
CA VAL F 293 38.21 -23.52 -7.31
C VAL F 293 39.62 -23.64 -6.74
N MET F 294 40.62 -23.27 -7.54
CA MET F 294 41.99 -23.26 -7.05
C MET F 294 42.09 -22.38 -5.81
N ASP F 295 42.68 -22.93 -4.75
CA ASP F 295 42.75 -22.21 -3.49
C ASP F 295 43.65 -20.99 -3.57
N ARG F 296 44.70 -21.03 -4.40
CA ARG F 296 45.65 -19.93 -4.49
C ARG F 296 45.96 -19.58 -5.94
N LEU F 297 46.01 -18.29 -6.22
CA LEU F 297 46.39 -17.74 -7.51
C LEU F 297 47.62 -16.86 -7.34
N GLU F 298 48.39 -16.71 -8.41
CA GLU F 298 49.69 -16.07 -8.32
C GLU F 298 49.54 -14.57 -8.08
N GLY F 299 50.18 -14.06 -7.04
CA GLY F 299 50.13 -12.63 -6.77
C GLY F 299 48.75 -12.09 -6.53
N PHE F 300 47.82 -12.96 -6.16
CA PHE F 300 46.42 -12.59 -5.94
C PHE F 300 45.98 -13.12 -4.58
N THR F 301 45.16 -12.33 -3.91
CA THR F 301 44.55 -12.72 -2.65
C THR F 301 43.07 -13.02 -2.87
N VAL F 302 42.56 -13.98 -2.11
CA VAL F 302 41.17 -14.40 -2.25
C VAL F 302 40.28 -13.38 -1.54
N VAL F 303 39.33 -12.81 -2.29
CA VAL F 303 38.35 -11.90 -1.72
C VAL F 303 37.11 -12.65 -1.25
N HIS F 304 36.59 -13.54 -2.09
CA HIS F 304 35.43 -14.35 -1.74
C HIS F 304 35.54 -15.70 -2.43
N ARG F 305 34.98 -16.72 -1.78
CA ARG F 305 34.91 -18.07 -2.29
C ARG F 305 33.53 -18.62 -2.00
N GLY F 306 32.99 -19.40 -2.93
CA GLY F 306 31.66 -19.95 -2.70
C GLY F 306 31.27 -20.93 -3.78
N ALA F 307 30.15 -21.59 -3.54
CA ALA F 307 29.64 -22.61 -4.46
C ALA F 307 28.13 -22.69 -4.33
N ASN F 308 27.47 -22.91 -5.46
CA ASN F 308 26.02 -23.12 -5.50
C ASN F 308 25.77 -24.56 -5.92
N HIS F 309 25.29 -25.36 -4.99
CA HIS F 309 24.95 -26.76 -5.25
C HIS F 309 23.48 -26.84 -5.64
N PHE F 310 23.21 -27.04 -6.93
CA PHE F 310 21.84 -27.14 -7.40
C PHE F 310 21.27 -28.53 -7.11
N GLY F 311 19.94 -28.58 -6.94
CA GLY F 311 19.30 -29.83 -6.62
C GLY F 311 19.56 -30.91 -7.64
N GLY F 312 19.76 -30.54 -8.91
CA GLY F 312 20.05 -31.49 -9.96
C GLY F 312 21.36 -32.23 -9.82
N GLY F 313 22.16 -31.92 -8.79
CA GLY F 313 23.40 -32.62 -8.55
C GLY F 313 24.64 -31.88 -9.03
N TYR F 314 24.49 -30.85 -9.85
CA TYR F 314 25.63 -30.10 -10.36
C TYR F 314 25.90 -28.89 -9.47
N VAL F 315 27.12 -28.37 -9.57
CA VAL F 315 27.59 -27.30 -8.70
C VAL F 315 28.28 -26.24 -9.55
N PHE F 316 28.05 -24.97 -9.18
CA PHE F 316 28.76 -23.84 -9.78
C PHE F 316 29.67 -23.24 -8.71
N HIS F 317 30.97 -23.41 -8.88
CA HIS F 317 31.96 -22.85 -7.97
C HIS F 317 32.37 -21.46 -8.44
N GLN F 318 32.57 -20.56 -7.49
CA GLN F 318 32.97 -19.19 -7.81
C GLN F 318 33.99 -18.69 -6.80
N ALA F 319 34.93 -17.88 -7.29
CA ALA F 319 35.89 -17.19 -6.42
C ALA F 319 36.27 -15.88 -7.07
N THR F 320 36.45 -14.86 -6.24
CA THR F 320 36.93 -13.55 -6.68
C THR F 320 38.28 -13.26 -6.04
N TYR F 321 39.12 -12.56 -6.78
CA TYR F 321 40.48 -12.26 -6.33
C TYR F 321 40.79 -10.80 -6.60
N ALA F 322 41.80 -10.30 -5.90
CA ALA F 322 42.32 -8.96 -6.12
C ALA F 322 43.83 -9.00 -6.02
N ARG F 323 44.49 -8.16 -6.80
CA ARG F 323 45.95 -8.11 -6.78
C ARG F 323 46.45 -7.71 -5.40
N SER F 324 47.50 -8.39 -4.94
CA SER F 324 48.06 -8.12 -3.62
C SER F 324 49.06 -6.98 -3.68
#